data_8URO
#
_entry.id   8URO
#
_cell.length_a   124.439
_cell.length_b   81.991
_cell.length_c   148.099
_cell.angle_alpha   90.00
_cell.angle_beta   113.20
_cell.angle_gamma   90.00
#
_symmetry.space_group_name_H-M   'P 1 21 1'
#
loop_
_entity.id
_entity.type
_entity.pdbx_description
1 polymer 'Corynebacterial protease CP40'
2 polymer 'Immunoglobulin gamma-1 heavy chain'
#
loop_
_entity_poly.entity_id
_entity_poly.type
_entity_poly.pdbx_seq_one_letter_code
_entity_poly.pdbx_strand_id
1 'polypeptide(L)'
;MGSSHHHHHHSSGLVPRGSHMASMTGGQQMGRGSAPAALSNAPLAASPGQADKVGAQATCAAKPIFFGYYRTWRDKAIEL
NDGDKWKDKLHTKLTDIPEQVDMVSLFHVPDNQKSDQRFWETFDKEYHPTLKERGTKVVRTIGAKLLLNKIKEKGLYGQS
REDDSKYREIAHEVYEEYVAKHNLDGLDVAMALREVEKYTNLRWQLRKIMGAFSELMGPKAPGNAGKKPGDDGYKYLIYD
TFDNAQLAQVALVADVVDYVLAQTYDKGTEESITRVWNGFRDKINSCQFLAGYAHPEENDTNRFLTAIGDVDTSGAMNVA
AWKPEGGEKGGTFAYALDRDGRTYDGDDLTTLKPTDFAFTKRAIELTKGISLTDLGTNGSRTPGANSSRTETSSFFNDPY
YQKLMKEAGIADNTN
;
A,D
2 'polypeptide(L)'
;EPKSCDKTHTCPPCPAPELLGGPSVFLFPPKPKDTLMISRTPEVTCVVVDVSHEDPEVKFNWYVDGVEVHNAKTKPREEQ
YNSTYRVVSVLTVLHQDWLNGKEYKCKVSNKALPAPIEKTISKAKGQPREPQVYTLPPSRDELTKNQVSLTCLVKGFYPS
DIAVEWSSNGQPENNYKTTPPVLDSDGSFFLYSKLTVDKSRWQQGNVFSCSVMHEALHNHYTQKSLSLSPGK
;
B,C,E,F
#
# COMPACT_ATOMS: atom_id res chain seq x y z
N LEU A 39 -70.62 -14.88 -2.84
CA LEU A 39 -71.45 -15.69 -3.71
C LEU A 39 -71.01 -15.55 -5.17
N SER A 40 -70.73 -14.33 -5.58
CA SER A 40 -70.35 -14.06 -6.96
C SER A 40 -69.04 -14.73 -7.31
N ASN A 41 -68.93 -15.22 -8.55
CA ASN A 41 -67.71 -15.85 -9.04
C ASN A 41 -67.07 -15.07 -10.19
N ALA A 42 -67.48 -13.83 -10.42
CA ALA A 42 -66.86 -13.02 -11.44
C ALA A 42 -65.40 -12.76 -11.09
N PRO A 43 -64.50 -12.71 -12.08
CA PRO A 43 -63.08 -12.50 -11.77
C PRO A 43 -62.81 -11.04 -11.40
N LEU A 44 -61.98 -10.85 -10.38
CA LEU A 44 -61.54 -9.52 -9.98
C LEU A 44 -60.44 -9.06 -10.93
N ALA A 45 -60.75 -8.10 -11.79
CA ALA A 45 -59.80 -7.66 -12.80
C ALA A 45 -58.63 -6.91 -12.18
N ALA A 46 -57.55 -6.82 -12.95
CA ALA A 46 -56.35 -6.07 -12.58
C ALA A 46 -56.16 -4.81 -13.42
N SER A 47 -57.25 -4.26 -13.94
CA SER A 47 -57.21 -3.27 -15.00
C SER A 47 -56.71 -1.90 -14.55
N PRO A 48 -57.26 -0.82 -15.14
CA PRO A 48 -56.98 0.55 -14.70
C PRO A 48 -55.52 0.99 -14.81
N GLY A 49 -54.88 1.19 -13.66
CA GLY A 49 -53.60 1.87 -13.61
C GLY A 49 -53.74 3.37 -13.45
N GLN A 50 -54.91 3.90 -13.77
CA GLN A 50 -55.25 5.31 -13.65
C GLN A 50 -56.77 5.39 -13.60
N ALA A 51 -57.29 6.45 -13.00
CA ALA A 51 -58.73 6.62 -12.90
C ALA A 51 -59.32 6.95 -14.27
N ASP A 52 -60.66 7.03 -14.32
CA ASP A 52 -61.32 7.41 -15.56
C ASP A 52 -60.95 8.83 -15.96
N LYS A 53 -60.67 9.69 -14.98
CA LYS A 53 -60.15 11.02 -15.20
C LYS A 53 -58.94 11.22 -14.30
N VAL A 54 -57.87 11.77 -14.86
CA VAL A 54 -56.64 12.03 -14.11
C VAL A 54 -56.25 13.49 -14.30
N GLY A 55 -55.23 13.90 -13.55
CA GLY A 55 -54.73 15.26 -13.65
C GLY A 55 -55.60 16.24 -12.88
N ALA A 56 -55.16 17.49 -12.90
CA ALA A 56 -55.88 18.54 -12.19
C ALA A 56 -57.24 18.77 -12.84
N GLN A 57 -58.30 18.69 -12.03
CA GLN A 57 -59.66 18.97 -12.47
C GLN A 57 -60.11 20.26 -11.83
N ALA A 58 -60.42 21.27 -12.66
CA ALA A 58 -60.84 22.55 -12.12
C ALA A 58 -62.23 22.51 -11.49
N THR A 59 -62.98 21.42 -11.66
CA THR A 59 -64.29 21.30 -11.04
C THR A 59 -64.60 19.84 -10.77
N CYS A 60 -65.30 19.60 -9.65
CA CYS A 60 -65.87 18.30 -9.32
C CYS A 60 -67.22 18.51 -8.66
N ALA A 61 -67.97 17.42 -8.51
CA ALA A 61 -69.31 17.49 -7.95
C ALA A 61 -69.29 17.82 -6.46
N ALA A 62 -68.32 17.30 -5.72
CA ALA A 62 -68.27 17.49 -4.28
C ALA A 62 -67.28 18.58 -3.90
N LYS A 63 -67.73 19.50 -3.04
CA LYS A 63 -66.89 20.56 -2.53
C LYS A 63 -65.79 20.00 -1.64
N PRO A 64 -64.65 20.69 -1.52
CA PRO A 64 -63.57 20.22 -0.66
C PRO A 64 -64.05 19.93 0.76
N ILE A 65 -63.44 18.91 1.37
CA ILE A 65 -63.80 18.45 2.70
C ILE A 65 -62.59 18.53 3.61
N PHE A 66 -62.84 18.56 4.92
CA PHE A 66 -61.79 18.41 5.92
C PHE A 66 -61.91 17.02 6.53
N PHE A 67 -60.85 16.24 6.43
CA PHE A 67 -60.84 14.88 6.93
C PHE A 67 -60.07 14.83 8.25
N GLY A 68 -60.53 13.99 9.18
CA GLY A 68 -59.90 13.92 10.48
C GLY A 68 -59.65 12.53 11.04
N TYR A 69 -58.39 12.20 11.30
CA TYR A 69 -58.05 10.97 11.99
C TYR A 69 -58.20 11.16 13.50
N TYR A 70 -58.98 10.29 14.12
CA TYR A 70 -59.28 10.37 15.55
C TYR A 70 -58.72 9.13 16.25
N ARG A 71 -57.89 9.35 17.27
CA ARG A 71 -57.30 8.27 18.04
C ARG A 71 -58.31 7.80 19.07
N THR A 72 -58.82 6.57 18.90
CA THR A 72 -59.86 6.08 19.79
C THR A 72 -59.33 5.73 21.17
N TRP A 73 -58.05 5.38 21.27
CA TRP A 73 -57.47 5.03 22.57
C TRP A 73 -57.09 6.26 23.40
N ARG A 74 -57.53 7.45 22.98
CA ARG A 74 -57.40 8.66 23.76
C ARG A 74 -58.76 9.26 24.10
N ASP A 75 -59.84 8.56 23.75
CA ASP A 75 -61.19 9.03 24.03
C ASP A 75 -61.57 8.75 25.48
N LYS A 76 -62.43 9.59 26.03
CA LYS A 76 -62.84 9.44 27.42
C LYS A 76 -63.76 8.24 27.63
N ALA A 77 -64.39 7.73 26.57
CA ALA A 77 -65.28 6.59 26.69
C ALA A 77 -64.57 5.25 26.55
N ILE A 78 -63.33 5.24 26.06
CA ILE A 78 -62.56 4.00 25.95
C ILE A 78 -62.00 3.64 27.31
N GLU A 79 -61.88 2.33 27.55
CA GLU A 79 -61.36 1.81 28.81
C GLU A 79 -59.95 1.29 28.56
N LEU A 80 -58.95 2.11 28.89
CA LEU A 80 -57.55 1.75 28.68
C LEU A 80 -57.04 0.82 29.79
N GLY A 83 -52.92 -0.97 33.85
CA GLY A 83 -51.58 -0.56 34.22
C GLY A 83 -51.11 0.69 33.50
N ASP A 84 -51.98 1.24 32.65
CA ASP A 84 -51.65 2.45 31.91
C ASP A 84 -51.44 3.62 32.85
N LYS A 85 -50.35 4.36 32.63
CA LYS A 85 -50.05 5.53 33.45
C LYS A 85 -51.05 6.66 33.24
N TRP A 86 -51.89 6.57 32.21
CA TRP A 86 -52.92 7.58 31.97
C TRP A 86 -54.30 6.95 32.07
N LYS A 87 -54.53 6.14 33.10
CA LYS A 87 -55.85 5.53 33.29
C LYS A 87 -56.94 6.58 33.49
N ASP A 88 -56.57 7.77 33.95
CA ASP A 88 -57.49 8.89 34.01
C ASP A 88 -56.97 10.00 33.11
N LYS A 89 -57.36 11.25 33.39
CA LYS A 89 -56.88 12.42 32.67
C LYS A 89 -57.22 12.39 31.18
N LEU A 90 -58.26 11.64 30.81
CA LEU A 90 -58.71 11.60 29.42
C LEU A 90 -59.81 12.65 29.26
N HIS A 91 -59.45 13.78 28.66
CA HIS A 91 -60.32 14.96 28.63
C HIS A 91 -61.17 15.07 27.38
N THR A 92 -60.65 14.67 26.22
CA THR A 92 -61.31 14.94 24.95
C THR A 92 -62.28 13.82 24.60
N LYS A 93 -63.43 14.20 24.06
CA LYS A 93 -64.42 13.28 23.53
C LYS A 93 -64.50 13.42 22.02
N LEU A 94 -65.16 12.45 21.38
CA LEU A 94 -65.26 12.47 19.92
C LEU A 94 -66.11 13.63 19.44
N THR A 95 -67.09 14.06 20.23
CA THR A 95 -67.93 15.19 19.88
C THR A 95 -67.22 16.53 20.11
N ASP A 96 -66.03 16.51 20.72
CA ASP A 96 -65.31 17.75 20.97
C ASP A 96 -64.77 18.39 19.71
N ILE A 97 -64.53 17.61 18.66
CA ILE A 97 -64.01 18.11 17.39
C ILE A 97 -64.99 19.14 16.84
N PRO A 98 -64.51 20.13 16.07
CA PRO A 98 -65.41 21.18 15.57
C PRO A 98 -66.54 20.59 14.72
N GLU A 99 -67.65 21.32 14.68
CA GLU A 99 -68.81 20.87 13.93
C GLU A 99 -68.61 20.96 12.43
N GLN A 100 -67.64 21.75 11.97
CA GLN A 100 -67.41 21.94 10.55
C GLN A 100 -66.60 20.81 9.93
N VAL A 101 -66.07 19.89 10.74
CA VAL A 101 -65.36 18.73 10.20
C VAL A 101 -66.29 17.96 9.27
N ASP A 102 -65.80 17.67 8.07
CA ASP A 102 -66.61 17.01 7.05
C ASP A 102 -66.62 15.49 7.20
N MET A 103 -65.50 14.91 7.64
CA MET A 103 -65.41 13.46 7.77
C MET A 103 -64.33 13.13 8.79
N VAL A 104 -64.63 12.19 9.68
CA VAL A 104 -63.71 11.76 10.73
C VAL A 104 -63.57 10.26 10.67
N SER A 105 -62.34 9.77 10.80
CA SER A 105 -62.04 8.34 10.72
C SER A 105 -61.66 7.83 12.11
N LEU A 106 -62.31 6.76 12.53
CA LEU A 106 -61.99 6.11 13.80
C LEU A 106 -60.76 5.23 13.60
N PHE A 107 -59.65 5.62 14.23
CA PHE A 107 -58.39 4.87 14.14
C PHE A 107 -58.30 4.01 15.40
N HIS A 108 -58.83 2.81 15.32
CA HIS A 108 -59.01 1.94 16.48
C HIS A 108 -57.89 0.91 16.55
N VAL A 109 -57.22 0.84 17.70
CA VAL A 109 -56.16 -0.13 17.94
C VAL A 109 -56.53 -0.96 19.17
N PRO A 110 -56.84 -2.25 19.00
CA PRO A 110 -57.28 -3.05 20.16
C PRO A 110 -56.20 -3.24 21.22
N ASP A 111 -54.93 -3.22 20.85
CA ASP A 111 -53.84 -3.48 21.79
C ASP A 111 -53.49 -2.26 22.64
N ASN A 112 -54.17 -1.13 22.45
CA ASN A 112 -53.88 0.09 23.19
C ASN A 112 -54.78 0.30 24.40
N GLN A 113 -55.86 -0.47 24.53
CA GLN A 113 -56.78 -0.34 25.65
C GLN A 113 -57.17 -1.73 26.12
N LYS A 114 -57.78 -1.78 27.31
CA LYS A 114 -58.26 -3.05 27.84
C LYS A 114 -59.59 -3.45 27.22
N SER A 115 -60.57 -2.54 27.22
CA SER A 115 -61.89 -2.81 26.69
C SER A 115 -62.40 -1.61 25.92
N ASP A 116 -63.25 -1.87 24.93
CA ASP A 116 -63.84 -0.82 24.10
C ASP A 116 -65.36 -0.80 24.14
N GLN A 117 -65.98 -1.66 24.95
CA GLN A 117 -67.45 -1.74 25.00
C GLN A 117 -68.06 -0.40 25.38
N ARG A 118 -67.52 0.25 26.41
CA ARG A 118 -68.03 1.54 26.83
C ARG A 118 -67.91 2.58 25.72
N PHE A 119 -66.79 2.54 24.98
CA PHE A 119 -66.61 3.48 23.89
C PHE A 119 -67.65 3.26 22.79
N TRP A 120 -67.94 2.01 22.46
CA TRP A 120 -68.93 1.73 21.43
C TRP A 120 -70.33 2.13 21.89
N GLU A 121 -70.63 1.90 23.17
CA GLU A 121 -71.92 2.33 23.71
C GLU A 121 -72.06 3.85 23.65
N THR A 122 -71.00 4.58 23.99
CA THR A 122 -71.05 6.03 23.92
C THR A 122 -71.14 6.52 22.48
N PHE A 123 -70.48 5.83 21.56
CA PHE A 123 -70.54 6.20 20.15
C PHE A 123 -71.95 6.03 19.61
N ASP A 124 -72.56 4.87 19.85
CA ASP A 124 -73.91 4.62 19.37
C ASP A 124 -74.91 5.56 20.04
N LYS A 125 -74.75 5.78 21.35
CA LYS A 125 -75.75 6.53 22.11
C LYS A 125 -75.56 8.04 21.98
N GLU A 126 -74.33 8.52 22.02
CA GLU A 126 -74.06 9.96 22.12
C GLU A 126 -73.25 10.51 20.96
N TYR A 127 -72.10 9.90 20.65
CA TYR A 127 -71.21 10.46 19.63
C TYR A 127 -71.88 10.49 18.26
N HIS A 128 -72.30 9.31 17.78
CA HIS A 128 -72.83 9.21 16.42
C HIS A 128 -74.08 10.05 16.18
N PRO A 129 -75.07 10.14 17.09
CA PRO A 129 -76.19 11.04 16.82
C PRO A 129 -75.78 12.50 16.71
N THR A 130 -74.86 12.97 17.58
CA THR A 130 -74.39 14.34 17.48
C THR A 130 -73.66 14.58 16.15
N LEU A 131 -72.79 13.65 15.76
CA LEU A 131 -72.06 13.82 14.50
C LEU A 131 -73.00 13.74 13.30
N LYS A 132 -74.05 12.93 13.38
CA LYS A 132 -75.06 12.88 12.34
C LYS A 132 -75.82 14.19 12.24
N GLU A 133 -76.19 14.78 13.39
CA GLU A 133 -76.83 16.08 13.40
C GLU A 133 -75.94 17.14 12.77
N ARG A 134 -74.65 17.13 13.13
CA ARG A 134 -73.71 18.08 12.53
C ARG A 134 -73.50 17.84 11.04
N GLY A 135 -73.79 16.63 10.56
CA GLY A 135 -73.48 16.28 9.18
C GLY A 135 -72.05 15.86 8.96
N THR A 136 -71.34 15.47 10.01
CA THR A 136 -69.97 15.02 9.90
C THR A 136 -69.94 13.52 9.65
N LYS A 137 -69.33 13.12 8.52
CA LYS A 137 -69.27 11.71 8.18
C LYS A 137 -68.29 10.98 9.09
N VAL A 138 -68.57 9.69 9.31
CA VAL A 138 -67.73 8.84 10.14
C VAL A 138 -67.36 7.60 9.33
N VAL A 139 -66.07 7.33 9.23
CA VAL A 139 -65.55 6.15 8.53
C VAL A 139 -64.58 5.43 9.45
N ARG A 140 -64.29 4.18 9.13
CA ARG A 140 -63.40 3.36 9.94
C ARG A 140 -62.13 3.03 9.18
N THR A 141 -60.99 3.20 9.84
CA THR A 141 -59.69 2.91 9.25
C THR A 141 -59.28 1.47 9.56
N ILE A 142 -58.77 0.78 8.55
CA ILE A 142 -58.25 -0.57 8.69
C ILE A 142 -56.85 -0.63 8.08
N GLY A 143 -55.93 -1.26 8.79
CA GLY A 143 -54.59 -1.43 8.26
C GLY A 143 -54.55 -2.39 7.10
N ALA A 144 -53.65 -2.12 6.15
CA ALA A 144 -53.49 -3.02 5.01
C ALA A 144 -52.82 -4.33 5.42
N LYS A 145 -51.96 -4.29 6.43
CA LYS A 145 -51.34 -5.51 6.92
C LYS A 145 -52.38 -6.53 7.38
N LEU A 146 -53.46 -6.05 8.01
CA LEU A 146 -54.54 -6.95 8.41
C LEU A 146 -55.21 -7.58 7.21
N LEU A 147 -55.43 -6.80 6.15
CA LEU A 147 -56.03 -7.35 4.93
C LEU A 147 -55.11 -8.39 4.30
N LEU A 148 -53.80 -8.12 4.28
CA LEU A 148 -52.85 -9.09 3.73
C LEU A 148 -52.83 -10.37 4.56
N ASN A 149 -52.91 -10.24 5.88
CA ASN A 149 -52.93 -11.42 6.74
C ASN A 149 -54.22 -12.22 6.54
N LYS A 150 -55.34 -11.53 6.34
CA LYS A 150 -56.59 -12.24 6.06
C LYS A 150 -56.55 -12.94 4.72
N ILE A 151 -55.91 -12.32 3.73
CA ILE A 151 -55.73 -12.97 2.43
C ILE A 151 -54.87 -14.21 2.59
N LYS A 152 -53.75 -14.10 3.32
CA LYS A 152 -52.86 -15.23 3.50
C LYS A 152 -53.52 -16.36 4.26
N GLU A 153 -54.33 -16.04 5.27
CA GLU A 153 -55.02 -17.07 6.04
C GLU A 153 -56.02 -17.83 5.17
N LYS A 154 -56.59 -17.17 4.16
CA LYS A 154 -57.49 -17.84 3.23
C LYS A 154 -56.75 -18.67 2.18
N GLY A 155 -55.43 -18.74 2.26
CA GLY A 155 -54.66 -19.50 1.30
C GLY A 155 -54.40 -18.81 -0.02
N LEU A 156 -54.76 -17.54 -0.13
CA LEU A 156 -54.63 -16.82 -1.39
C LEU A 156 -53.20 -16.32 -1.57
N TYR A 157 -52.65 -16.52 -2.77
CA TYR A 157 -51.39 -15.90 -3.17
C TYR A 157 -51.69 -14.67 -4.01
N GLY A 158 -50.77 -14.33 -4.92
CA GLY A 158 -51.00 -13.23 -5.84
C GLY A 158 -50.89 -13.66 -7.28
N GLN A 159 -52.02 -14.04 -7.89
CA GLN A 159 -52.04 -14.55 -9.25
C GLN A 159 -53.21 -13.95 -10.00
N SER A 160 -53.21 -14.14 -11.33
CA SER A 160 -54.29 -13.63 -12.15
C SER A 160 -55.59 -14.38 -11.88
N ARG A 161 -55.55 -15.71 -11.90
CA ARG A 161 -56.70 -16.55 -11.64
C ARG A 161 -56.54 -17.15 -10.25
N GLU A 162 -57.55 -16.99 -9.40
CA GLU A 162 -57.44 -17.46 -8.03
C GLU A 162 -58.77 -17.47 -7.28
N ASP A 163 -59.56 -18.54 -7.45
CA ASP A 163 -60.82 -18.80 -6.76
C ASP A 163 -61.63 -17.53 -6.47
N ASP A 164 -62.55 -17.19 -7.37
CA ASP A 164 -63.30 -15.93 -7.28
C ASP A 164 -64.40 -16.08 -6.22
N SER A 165 -64.01 -15.94 -4.95
CA SER A 165 -64.96 -15.88 -3.84
C SER A 165 -64.29 -15.52 -2.52
N LYS A 166 -63.02 -15.89 -2.36
CA LYS A 166 -62.33 -15.62 -1.09
C LYS A 166 -62.10 -14.13 -0.87
N TYR A 167 -61.73 -13.39 -1.92
CA TYR A 167 -61.53 -11.95 -1.79
C TYR A 167 -62.84 -11.26 -1.42
N ARG A 168 -63.94 -11.63 -2.09
CA ARG A 168 -65.23 -11.08 -1.72
C ARG A 168 -65.62 -11.47 -0.30
N GLU A 169 -65.25 -12.68 0.13
CA GLU A 169 -65.54 -13.10 1.49
C GLU A 169 -64.83 -12.20 2.50
N ILE A 170 -63.54 -11.97 2.31
CA ILE A 170 -62.78 -11.11 3.23
C ILE A 170 -63.34 -9.70 3.20
N ALA A 171 -63.66 -9.19 2.01
CA ALA A 171 -64.19 -7.84 1.89
C ALA A 171 -65.52 -7.71 2.63
N HIS A 172 -66.42 -8.68 2.45
CA HIS A 172 -67.72 -8.61 3.10
C HIS A 172 -67.59 -8.75 4.61
N GLU A 173 -66.66 -9.60 5.07
CA GLU A 173 -66.44 -9.73 6.51
C GLU A 173 -65.95 -8.42 7.11
N VAL A 174 -64.97 -7.79 6.46
CA VAL A 174 -64.47 -6.50 6.94
C VAL A 174 -65.56 -5.44 6.90
N TYR A 175 -66.37 -5.46 5.83
CA TYR A 175 -67.47 -4.50 5.69
C TYR A 175 -68.48 -4.64 6.82
N GLU A 176 -68.87 -5.88 7.11
CA GLU A 176 -69.82 -6.13 8.20
C GLU A 176 -69.24 -5.71 9.55
N GLU A 177 -67.99 -6.09 9.83
CA GLU A 177 -67.42 -5.84 11.14
C GLU A 177 -67.14 -4.37 11.38
N TYR A 178 -66.60 -3.67 10.38
CA TYR A 178 -66.05 -2.34 10.58
C TYR A 178 -66.98 -1.21 10.18
N VAL A 179 -67.81 -1.40 9.15
CA VAL A 179 -68.67 -0.34 8.62
C VAL A 179 -70.13 -0.56 9.02
N ALA A 180 -70.71 -1.68 8.61
CA ALA A 180 -72.15 -1.92 8.80
C ALA A 180 -72.49 -2.08 10.28
N LYS A 181 -71.59 -2.68 11.06
CA LYS A 181 -71.87 -2.95 12.47
C LYS A 181 -72.32 -1.69 13.21
N HIS A 182 -71.68 -0.55 12.92
CA HIS A 182 -72.02 0.72 13.55
C HIS A 182 -72.57 1.72 12.54
N ASN A 183 -73.01 1.24 11.37
CA ASN A 183 -73.64 2.07 10.35
C ASN A 183 -72.75 3.24 9.94
N LEU A 184 -71.46 2.94 9.73
CA LEU A 184 -70.51 3.98 9.37
C LEU A 184 -70.68 4.36 7.89
N ASP A 185 -69.86 5.30 7.43
CA ASP A 185 -69.96 5.82 6.08
C ASP A 185 -68.94 5.22 5.12
N GLY A 186 -67.98 4.45 5.60
CA GLY A 186 -67.06 3.79 4.71
C GLY A 186 -65.80 3.31 5.43
N LEU A 187 -64.89 2.80 4.62
CA LEU A 187 -63.67 2.16 5.09
C LEU A 187 -62.45 2.84 4.46
N ASP A 188 -61.44 3.06 5.29
CA ASP A 188 -60.19 3.72 4.89
C ASP A 188 -59.06 2.72 5.03
N VAL A 189 -58.58 2.20 3.91
CA VAL A 189 -57.46 1.25 3.92
C VAL A 189 -56.16 2.03 4.05
N ALA A 190 -55.40 1.76 5.11
CA ALA A 190 -54.12 2.42 5.36
C ALA A 190 -53.01 1.49 4.89
N MET A 191 -52.37 1.82 3.77
CA MET A 191 -51.29 1.03 3.19
C MET A 191 -50.01 1.85 3.23
N ALA A 192 -49.22 1.67 4.29
CA ALA A 192 -47.90 2.26 4.40
C ALA A 192 -46.84 1.19 4.51
N LEU A 193 -47.00 0.10 3.75
CA LEU A 193 -46.04 -0.99 3.70
C LEU A 193 -45.30 -0.93 2.38
N ARG A 194 -43.97 -0.84 2.44
CA ARG A 194 -43.16 -0.79 1.23
C ARG A 194 -43.00 -2.15 0.56
N GLU A 195 -43.33 -3.24 1.25
CA GLU A 195 -43.21 -4.57 0.65
C GLU A 195 -44.23 -4.79 -0.46
N VAL A 196 -45.40 -4.14 -0.38
CA VAL A 196 -46.41 -4.26 -1.43
C VAL A 196 -45.85 -3.76 -2.76
N GLU A 197 -45.17 -2.60 -2.74
CA GLU A 197 -44.57 -2.07 -3.95
C GLU A 197 -43.48 -3.00 -4.49
N LYS A 198 -42.80 -3.74 -3.60
CA LYS A 198 -41.67 -4.55 -4.04
C LYS A 198 -42.07 -5.89 -4.64
N TYR A 199 -43.16 -6.50 -4.15
CA TYR A 199 -43.52 -7.86 -4.52
C TYR A 199 -44.76 -7.87 -5.40
N THR A 200 -44.73 -8.69 -6.44
CA THR A 200 -45.85 -8.78 -7.38
C THR A 200 -47.08 -9.39 -6.74
N ASN A 201 -46.91 -10.47 -5.96
CA ASN A 201 -48.05 -11.17 -5.40
C ASN A 201 -48.79 -10.29 -4.38
N LEU A 202 -48.05 -9.50 -3.61
CA LEU A 202 -48.69 -8.57 -2.68
C LEU A 202 -49.50 -7.52 -3.42
N ARG A 203 -48.97 -7.03 -4.55
CA ARG A 203 -49.72 -6.08 -5.37
C ARG A 203 -50.99 -6.71 -5.92
N TRP A 204 -50.89 -7.97 -6.37
CA TRP A 204 -52.07 -8.68 -6.85
C TRP A 204 -53.13 -8.80 -5.75
N GLN A 205 -52.69 -9.19 -4.55
CA GLN A 205 -53.60 -9.30 -3.42
C GLN A 205 -54.27 -7.96 -3.12
N LEU A 206 -53.49 -6.88 -3.10
CA LEU A 206 -54.04 -5.56 -2.81
C LEU A 206 -55.06 -5.15 -3.87
N ARG A 207 -54.73 -5.34 -5.15
CA ARG A 207 -55.66 -4.99 -6.21
C ARG A 207 -56.97 -5.78 -6.09
N LYS A 208 -56.86 -7.09 -5.83
CA LYS A 208 -58.07 -7.91 -5.78
C LYS A 208 -58.92 -7.56 -4.56
N ILE A 209 -58.29 -7.34 -3.40
CA ILE A 209 -59.07 -7.00 -2.22
C ILE A 209 -59.68 -5.61 -2.36
N MET A 210 -59.00 -4.68 -3.02
CA MET A 210 -59.58 -3.36 -3.21
C MET A 210 -60.71 -3.38 -4.23
N GLY A 211 -60.63 -4.25 -5.24
CA GLY A 211 -61.76 -4.42 -6.13
C GLY A 211 -62.96 -5.03 -5.41
N ALA A 212 -62.71 -6.05 -4.59
CA ALA A 212 -63.79 -6.63 -3.79
C ALA A 212 -64.43 -5.58 -2.87
N PHE A 213 -63.61 -4.71 -2.28
CA PHE A 213 -64.15 -3.60 -1.50
C PHE A 213 -64.94 -2.64 -2.38
N SER A 214 -64.46 -2.40 -3.61
CA SER A 214 -65.14 -1.51 -4.53
C SER A 214 -66.50 -2.05 -4.96
N GLU A 215 -66.70 -3.36 -4.87
CA GLU A 215 -68.05 -3.88 -5.09
C GLU A 215 -69.00 -3.52 -3.96
N LEU A 216 -68.46 -3.12 -2.81
CA LEU A 216 -69.24 -2.70 -1.65
C LEU A 216 -69.22 -1.20 -1.42
N MET A 217 -68.11 -0.53 -1.69
CA MET A 217 -67.93 0.89 -1.42
C MET A 217 -67.33 1.57 -2.64
N GLY A 218 -67.21 2.89 -2.55
CA GLY A 218 -66.59 3.66 -3.61
C GLY A 218 -67.51 3.91 -4.78
N PRO A 219 -66.96 4.48 -5.85
CA PRO A 219 -67.79 4.76 -7.04
C PRO A 219 -68.16 3.53 -7.84
N LYS A 220 -67.40 2.43 -7.72
CA LYS A 220 -67.68 1.21 -8.45
C LYS A 220 -68.80 0.39 -7.80
N ALA A 221 -69.16 0.70 -6.56
CA ALA A 221 -70.19 -0.06 -5.88
C ALA A 221 -71.56 0.19 -6.53
N PRO A 222 -72.36 -0.86 -6.73
CA PRO A 222 -73.74 -0.65 -7.20
C PRO A 222 -74.64 0.03 -6.18
N GLY A 223 -74.32 -0.08 -4.89
CA GLY A 223 -75.09 0.60 -3.87
C GLY A 223 -75.05 2.12 -3.97
N ASN A 224 -74.03 2.66 -4.62
CA ASN A 224 -73.87 4.10 -4.79
C ASN A 224 -74.41 4.59 -6.13
N ALA A 225 -75.26 3.79 -6.77
CA ALA A 225 -75.82 4.18 -8.06
C ALA A 225 -76.62 5.47 -7.93
N GLY A 226 -76.35 6.42 -8.82
CA GLY A 226 -77.00 7.72 -8.76
C GLY A 226 -76.62 8.56 -7.56
N LYS A 227 -75.59 8.17 -6.82
CA LYS A 227 -75.13 8.91 -5.67
C LYS A 227 -73.71 9.42 -5.90
N LYS A 228 -73.36 10.48 -5.18
CA LYS A 228 -72.05 11.11 -5.27
C LYS A 228 -71.54 11.40 -3.86
N PRO A 229 -70.20 11.44 -3.68
CA PRO A 229 -69.63 11.79 -2.38
C PRO A 229 -70.24 13.05 -1.78
N GLY A 230 -70.79 12.93 -0.57
CA GLY A 230 -71.50 14.01 0.09
C GLY A 230 -72.98 13.73 0.27
N ASP A 231 -73.59 13.00 -0.66
CA ASP A 231 -75.01 12.66 -0.56
C ASP A 231 -75.26 11.72 0.61
N ASP A 232 -76.48 11.79 1.15
CA ASP A 232 -76.85 10.93 2.26
C ASP A 232 -76.86 9.46 1.83
N GLY A 233 -76.27 8.61 2.66
CA GLY A 233 -76.24 7.18 2.39
C GLY A 233 -75.15 6.74 1.44
N TYR A 234 -74.20 7.59 1.10
CA TYR A 234 -73.09 7.21 0.24
C TYR A 234 -72.02 6.49 1.04
N LYS A 235 -71.54 5.36 0.52
CA LYS A 235 -70.50 4.57 1.15
C LYS A 235 -69.15 4.94 0.52
N TYR A 236 -68.24 5.42 1.34
CA TYR A 236 -66.92 5.87 0.87
C TYR A 236 -65.91 4.74 0.93
N LEU A 237 -64.99 4.74 -0.03
CA LEU A 237 -63.83 3.87 -0.01
C LEU A 237 -62.59 4.76 -0.11
N ILE A 238 -61.79 4.78 0.95
CA ILE A 238 -60.68 5.72 1.09
C ILE A 238 -59.38 4.94 1.19
N TYR A 239 -58.32 5.50 0.62
CA TYR A 239 -56.99 4.88 0.57
C TYR A 239 -55.96 5.89 1.06
N ASP A 240 -55.36 5.61 2.21
CA ASP A 240 -54.28 6.44 2.77
C ASP A 240 -52.97 5.68 2.67
N THR A 241 -51.91 6.41 2.34
CA THR A 241 -50.64 5.78 1.95
C THR A 241 -49.55 6.84 1.97
N PHE A 242 -48.37 6.48 1.43
CA PHE A 242 -47.26 7.42 1.34
C PHE A 242 -47.59 8.56 0.39
N ASP A 243 -46.82 9.64 0.51
CA ASP A 243 -46.91 10.76 -0.41
C ASP A 243 -46.08 10.53 -1.67
N ASN A 244 -45.43 9.37 -1.80
CA ASN A 244 -44.70 9.01 -3.01
C ASN A 244 -45.52 7.99 -3.79
N ALA A 245 -45.95 8.37 -4.99
CA ALA A 245 -46.94 7.58 -5.73
C ALA A 245 -46.43 6.16 -6.03
N GLN A 246 -45.13 6.00 -6.27
CA GLN A 246 -44.60 4.68 -6.56
C GLN A 246 -44.66 3.78 -5.34
N LEU A 247 -44.12 4.25 -4.20
CA LEU A 247 -44.24 3.50 -2.97
C LEU A 247 -45.68 3.39 -2.52
N ALA A 248 -46.51 4.38 -2.88
CA ALA A 248 -47.93 4.34 -2.52
C ALA A 248 -48.68 3.25 -3.27
N GLN A 249 -48.23 2.92 -4.49
CA GLN A 249 -48.89 1.94 -5.34
C GLN A 249 -50.33 2.34 -5.64
N VAL A 250 -50.58 3.64 -5.77
CA VAL A 250 -51.93 4.16 -6.01
C VAL A 250 -52.48 3.69 -7.35
N ALA A 251 -51.61 3.32 -8.29
CA ALA A 251 -52.07 2.82 -9.58
C ALA A 251 -52.90 1.55 -9.44
N LEU A 252 -52.79 0.86 -8.31
CA LEU A 252 -53.57 -0.35 -8.09
C LEU A 252 -55.03 -0.04 -7.74
N VAL A 253 -55.27 1.06 -7.04
CA VAL A 253 -56.58 1.38 -6.48
C VAL A 253 -57.17 2.66 -7.04
N ALA A 254 -56.48 3.34 -7.96
CA ALA A 254 -56.87 4.67 -8.39
C ALA A 254 -58.29 4.72 -8.94
N ASP A 255 -58.77 3.62 -9.52
CA ASP A 255 -60.06 3.62 -10.19
C ASP A 255 -61.22 3.27 -9.27
N VAL A 256 -60.95 2.87 -8.03
CA VAL A 256 -61.99 2.36 -7.13
C VAL A 256 -62.15 3.18 -5.87
N VAL A 257 -61.30 4.17 -5.62
CA VAL A 257 -61.35 4.93 -4.39
C VAL A 257 -61.97 6.29 -4.67
N ASP A 258 -62.52 6.90 -3.61
CA ASP A 258 -63.07 8.24 -3.69
C ASP A 258 -62.03 9.31 -3.37
N TYR A 259 -61.15 9.03 -2.41
CA TYR A 259 -60.10 9.96 -2.03
C TYR A 259 -58.79 9.20 -1.81
N VAL A 260 -57.68 9.87 -2.07
CA VAL A 260 -56.35 9.37 -1.76
C VAL A 260 -55.70 10.33 -0.79
N LEU A 261 -55.34 9.83 0.39
CA LEU A 261 -54.80 10.65 1.47
C LEU A 261 -53.28 10.50 1.49
N ALA A 262 -52.58 11.54 1.06
CA ALA A 262 -51.13 11.54 1.02
C ALA A 262 -50.58 12.06 2.34
N GLN A 263 -49.83 11.20 3.05
CA GLN A 263 -49.24 11.54 4.35
C GLN A 263 -48.04 12.44 4.11
N THR A 264 -48.33 13.73 3.95
CA THR A 264 -47.28 14.74 3.77
C THR A 264 -46.87 15.36 5.09
N TYR A 265 -46.49 14.48 6.03
CA TYR A 265 -46.28 14.89 7.42
C TYR A 265 -44.97 15.64 7.61
N ASP A 266 -44.08 15.64 6.61
CA ASP A 266 -42.80 16.33 6.71
C ASP A 266 -42.67 17.44 5.68
N LYS A 267 -43.76 17.78 4.99
CA LYS A 267 -43.71 18.80 3.94
C LYS A 267 -43.93 20.18 4.53
N GLY A 268 -45.16 20.68 4.48
CA GLY A 268 -45.47 21.99 5.00
C GLY A 268 -45.04 23.14 4.12
N THR A 269 -44.70 22.87 2.87
CA THR A 269 -44.36 23.90 1.89
C THR A 269 -45.11 23.62 0.60
N GLU A 270 -45.68 24.67 0.00
CA GLU A 270 -46.50 24.51 -1.18
C GLU A 270 -45.73 23.88 -2.34
N GLU A 271 -44.43 24.15 -2.44
CA GLU A 271 -43.63 23.54 -3.50
C GLU A 271 -43.59 22.02 -3.36
N SER A 272 -43.43 21.53 -2.13
CA SER A 272 -43.35 20.08 -1.92
C SER A 272 -44.69 19.42 -2.16
N ILE A 273 -45.79 20.08 -1.78
CA ILE A 273 -47.11 19.51 -2.03
C ILE A 273 -47.42 19.51 -3.52
N THR A 274 -46.97 20.55 -4.22
CA THR A 274 -47.12 20.56 -5.69
C THR A 274 -46.32 19.43 -6.33
N ARG A 275 -45.11 19.19 -5.84
CA ARG A 275 -44.31 18.08 -6.35
C ARG A 275 -44.99 16.74 -6.09
N VAL A 276 -45.55 16.56 -4.89
CA VAL A 276 -46.25 15.32 -4.56
C VAL A 276 -47.44 15.12 -5.49
N TRP A 277 -48.27 16.15 -5.64
CA TRP A 277 -49.43 16.04 -6.51
C TRP A 277 -49.02 15.74 -7.96
N ASN A 278 -47.95 16.40 -8.43
CA ASN A 278 -47.44 16.09 -9.77
C ASN A 278 -46.98 14.64 -9.86
N GLY A 279 -46.44 14.09 -8.77
CA GLY A 279 -46.16 12.66 -8.74
C GLY A 279 -47.42 11.81 -8.80
N PHE A 280 -48.54 12.35 -8.30
CA PHE A 280 -49.81 11.62 -8.30
C PHE A 280 -50.71 11.96 -9.48
N ARG A 281 -50.46 13.08 -10.18
CA ARG A 281 -51.45 13.61 -11.12
C ARG A 281 -51.71 12.70 -12.30
N ASP A 282 -50.79 11.79 -12.64
CA ASP A 282 -50.97 10.95 -13.81
C ASP A 282 -51.69 9.65 -13.50
N LYS A 283 -51.90 9.32 -12.23
CA LYS A 283 -52.68 8.15 -11.83
C LYS A 283 -54.05 8.49 -11.28
N ILE A 284 -54.19 9.63 -10.59
CA ILE A 284 -55.45 10.07 -10.02
C ILE A 284 -55.74 11.49 -10.47
N ASN A 285 -57.00 11.90 -10.33
CA ASN A 285 -57.37 13.28 -10.56
C ASN A 285 -57.24 14.08 -9.26
N SER A 286 -57.32 15.41 -9.40
CA SER A 286 -57.03 16.29 -8.27
C SER A 286 -58.10 16.21 -7.19
N CYS A 287 -59.36 16.03 -7.58
CA CYS A 287 -60.44 15.97 -6.60
C CYS A 287 -60.35 14.75 -5.69
N GLN A 288 -59.51 13.77 -6.02
CA GLN A 288 -59.29 12.62 -5.15
C GLN A 288 -58.12 12.82 -4.19
N PHE A 289 -57.27 13.82 -4.45
CA PHE A 289 -56.04 14.04 -3.71
C PHE A 289 -56.30 14.86 -2.45
N LEU A 290 -55.78 14.41 -1.32
CA LEU A 290 -55.78 15.19 -0.09
C LEU A 290 -54.41 15.04 0.57
N ALA A 291 -53.64 16.11 0.63
CA ALA A 291 -52.40 16.09 1.37
C ALA A 291 -52.68 16.40 2.83
N GLY A 292 -51.91 15.80 3.74
CA GLY A 292 -52.18 15.91 5.15
C GLY A 292 -50.96 16.24 5.98
N TYR A 293 -51.20 16.37 7.29
CA TYR A 293 -50.17 16.63 8.28
C TYR A 293 -50.57 15.91 9.57
N ALA A 294 -49.58 15.63 10.41
CA ALA A 294 -49.81 14.93 11.67
C ALA A 294 -49.43 15.82 12.84
N HIS A 295 -50.28 15.83 13.86
CA HIS A 295 -49.99 16.60 15.06
C HIS A 295 -49.10 15.78 16.00
N PRO A 296 -48.15 16.44 16.66
CA PRO A 296 -47.21 15.70 17.52
C PRO A 296 -47.90 14.88 18.59
N GLU A 297 -47.52 13.61 18.68
CA GLU A 297 -48.09 12.66 19.62
C GLU A 297 -47.14 12.45 20.80
N GLU A 298 -47.69 11.88 21.87
CA GLU A 298 -46.88 11.55 23.03
C GLU A 298 -46.11 10.25 22.76
N ASN A 299 -44.80 10.28 23.03
CA ASN A 299 -43.91 9.14 22.79
C ASN A 299 -44.04 8.64 21.36
N ASP A 300 -43.66 9.51 20.42
CA ASP A 300 -43.83 9.24 18.99
C ASP A 300 -42.52 8.94 18.27
N THR A 301 -41.43 9.63 18.62
CA THR A 301 -40.10 9.44 18.06
C THR A 301 -40.04 9.74 16.56
N ASN A 302 -41.20 9.97 15.93
CA ASN A 302 -41.23 10.24 14.50
C ASN A 302 -40.77 11.65 14.18
N ARG A 303 -41.29 12.64 14.91
CA ARG A 303 -40.90 14.05 14.78
C ARG A 303 -41.37 14.66 13.47
N PHE A 304 -42.64 15.08 13.44
CA PHE A 304 -43.21 15.83 12.32
C PHE A 304 -43.40 17.26 12.77
N LEU A 305 -42.75 18.20 12.07
CA LEU A 305 -42.67 19.59 12.51
C LEU A 305 -43.41 20.54 11.56
N THR A 306 -44.42 20.04 10.86
CA THR A 306 -45.21 20.89 9.98
C THR A 306 -46.35 21.60 10.70
N ALA A 307 -46.88 21.00 11.76
CA ALA A 307 -48.03 21.52 12.48
C ALA A 307 -47.67 21.99 13.89
N ILE A 308 -46.57 22.73 14.03
CA ILE A 308 -46.12 23.22 15.32
C ILE A 308 -45.92 24.73 15.24
N GLY A 309 -46.20 25.40 16.35
CA GLY A 309 -45.99 26.84 16.44
C GLY A 309 -47.24 27.64 16.21
N ASP A 310 -47.08 28.85 15.67
CA ASP A 310 -48.22 29.70 15.35
C ASP A 310 -49.03 29.08 14.21
N VAL A 311 -50.35 29.14 14.34
CA VAL A 311 -51.22 28.51 13.35
C VAL A 311 -51.16 29.27 12.03
N ASP A 312 -51.19 30.61 12.09
CA ASP A 312 -51.29 31.40 10.87
C ASP A 312 -50.06 31.28 9.98
N THR A 313 -48.94 30.79 10.50
CA THR A 313 -47.70 30.68 9.74
C THR A 313 -47.16 29.26 9.66
N SER A 314 -47.87 28.28 10.19
CA SER A 314 -47.38 26.91 10.19
C SER A 314 -47.46 26.29 8.80
N GLY A 315 -46.58 25.31 8.56
CA GLY A 315 -46.61 24.58 7.31
C GLY A 315 -47.88 23.77 7.12
N ALA A 316 -48.49 23.31 8.22
CA ALA A 316 -49.75 22.60 8.13
C ALA A 316 -50.81 23.45 7.46
N MET A 317 -50.83 24.75 7.76
CA MET A 317 -51.80 25.63 7.12
C MET A 317 -51.41 25.96 5.68
N ASN A 318 -50.12 25.90 5.36
CA ASN A 318 -49.72 25.93 3.96
C ASN A 318 -50.33 24.75 3.20
N VAL A 319 -50.23 23.56 3.78
CA VAL A 319 -50.84 22.37 3.17
C VAL A 319 -52.36 22.56 3.04
N ALA A 320 -52.99 23.04 4.11
CA ALA A 320 -54.44 23.24 4.10
C ALA A 320 -54.85 24.25 3.03
N ALA A 321 -54.03 25.27 2.80
CA ALA A 321 -54.33 26.30 1.82
C ALA A 321 -53.83 25.95 0.42
N TRP A 322 -52.89 25.02 0.30
CA TRP A 322 -52.38 24.63 -1.00
C TRP A 322 -53.49 24.08 -1.88
N LYS A 323 -53.33 24.25 -3.19
CA LYS A 323 -54.27 23.75 -4.17
C LYS A 323 -53.49 23.32 -5.40
N PRO A 324 -53.95 22.27 -6.11
CA PRO A 324 -53.27 21.87 -7.35
C PRO A 324 -53.39 22.97 -8.39
N GLU A 325 -52.25 23.31 -8.99
CA GLU A 325 -52.18 24.39 -9.97
C GLU A 325 -53.25 24.22 -11.05
N GLY A 326 -54.17 25.19 -11.11
CA GLY A 326 -55.28 25.10 -12.04
C GLY A 326 -56.22 23.95 -11.77
N GLY A 327 -56.48 23.67 -10.49
CA GLY A 327 -57.34 22.55 -10.14
C GLY A 327 -57.81 22.63 -8.71
N GLU A 328 -58.80 21.81 -8.40
CA GLU A 328 -59.37 21.69 -7.07
C GLU A 328 -58.95 20.38 -6.43
N LYS A 329 -58.54 20.45 -5.17
CA LYS A 329 -58.13 19.25 -4.45
C LYS A 329 -59.32 18.63 -3.73
N GLY A 330 -59.10 17.43 -3.20
CA GLY A 330 -60.15 16.77 -2.45
C GLY A 330 -60.37 17.37 -1.08
N GLY A 331 -59.34 17.93 -0.49
CA GLY A 331 -59.44 18.57 0.80
C GLY A 331 -58.15 18.41 1.58
N THR A 332 -58.27 18.45 2.90
CA THR A 332 -57.14 18.35 3.82
C THR A 332 -57.48 17.38 4.94
N PHE A 333 -56.49 16.60 5.36
CA PHE A 333 -56.66 15.68 6.48
C PHE A 333 -55.56 15.92 7.51
N ALA A 334 -55.85 15.54 8.75
CA ALA A 334 -54.93 15.72 9.86
C ALA A 334 -55.00 14.51 10.77
N TYR A 335 -53.83 14.06 11.24
CA TYR A 335 -53.73 12.92 12.14
C TYR A 335 -53.69 13.39 13.58
N ALA A 336 -54.33 12.61 14.46
CA ALA A 336 -54.41 12.91 15.89
C ALA A 336 -55.08 14.27 16.12
N LEU A 337 -56.41 14.31 16.05
CA LEU A 337 -57.13 15.55 16.31
C LEU A 337 -57.04 15.95 17.78
N ASP A 338 -56.94 14.97 18.68
CA ASP A 338 -56.81 15.28 20.10
C ASP A 338 -55.46 15.90 20.44
N ARG A 339 -54.49 15.84 19.52
CA ARG A 339 -53.18 16.42 19.72
C ARG A 339 -53.02 17.76 18.99
N ASP A 340 -54.14 18.34 18.57
CA ASP A 340 -54.11 19.61 17.83
C ASP A 340 -53.45 20.70 18.68
N GLY A 341 -52.33 21.22 18.18
CA GLY A 341 -51.60 22.25 18.87
C GLY A 341 -50.47 21.76 19.76
N ARG A 342 -50.36 20.45 19.96
CA ARG A 342 -49.29 19.91 20.77
C ARG A 342 -47.96 20.01 20.04
N THR A 343 -46.88 19.90 20.80
CA THR A 343 -45.53 19.91 20.23
C THR A 343 -44.71 18.73 20.74
N TYR A 344 -43.40 18.76 20.51
CA TYR A 344 -42.50 17.76 21.06
C TYR A 344 -41.53 18.35 22.08
N ASP A 345 -41.86 19.52 22.63
CA ASP A 345 -41.00 20.21 23.57
C ASP A 345 -41.65 20.24 24.95
N GLY A 346 -40.82 20.24 25.99
CA GLY A 346 -41.32 20.30 27.35
C GLY A 346 -42.14 19.07 27.71
N ASP A 347 -43.24 19.30 28.43
CA ASP A 347 -44.10 18.22 28.87
C ASP A 347 -44.96 17.64 27.76
N ASP A 348 -45.04 18.30 26.60
CA ASP A 348 -45.89 17.83 25.52
C ASP A 348 -45.53 16.40 25.10
N LEU A 349 -44.27 16.01 25.24
CA LEU A 349 -43.84 14.67 24.85
C LEU A 349 -44.27 13.59 25.84
N THR A 350 -44.65 13.97 27.06
CA THR A 350 -44.99 13.00 28.10
C THR A 350 -46.27 13.34 28.85
N THR A 351 -47.07 14.30 28.36
CA THR A 351 -48.31 14.67 29.02
C THR A 351 -49.43 14.80 27.99
N LEU A 352 -50.63 14.39 28.39
CA LEU A 352 -51.83 14.57 27.58
C LEU A 352 -52.58 15.80 28.05
N LYS A 353 -53.03 16.61 27.10
CA LYS A 353 -53.70 17.87 27.39
C LYS A 353 -54.88 18.04 26.45
N PRO A 354 -55.92 18.75 26.89
CA PRO A 354 -57.03 19.07 25.98
C PRO A 354 -56.57 19.99 24.87
N THR A 355 -57.41 20.11 23.85
CA THR A 355 -57.10 20.92 22.68
C THR A 355 -58.24 21.86 22.35
N ASP A 356 -57.89 23.00 21.76
CA ASP A 356 -58.86 23.96 21.27
C ASP A 356 -59.20 23.75 19.80
N PHE A 357 -58.56 22.80 19.13
CA PHE A 357 -58.79 22.51 17.72
C PHE A 357 -58.53 23.74 16.85
N ALA A 358 -57.49 24.50 17.20
CA ALA A 358 -57.15 25.70 16.45
C ALA A 358 -56.65 25.36 15.05
N PHE A 359 -55.70 24.43 14.96
CA PHE A 359 -55.22 23.98 13.66
C PHE A 359 -56.37 23.42 12.83
N THR A 360 -57.28 22.68 13.46
CA THR A 360 -58.40 22.09 12.74
C THR A 360 -59.30 23.17 12.15
N LYS A 361 -59.68 24.18 12.95
CA LYS A 361 -60.55 25.23 12.47
C LYS A 361 -59.88 26.05 11.37
N ARG A 362 -58.59 26.37 11.56
CA ARG A 362 -57.88 27.13 10.54
C ARG A 362 -57.77 26.35 9.24
N ALA A 363 -57.51 25.03 9.33
CA ALA A 363 -57.44 24.21 8.13
C ALA A 363 -58.80 24.12 7.45
N ILE A 364 -59.88 24.03 8.22
CA ILE A 364 -61.22 24.05 7.62
C ILE A 364 -61.44 25.36 6.86
N GLU A 365 -61.06 26.48 7.49
CA GLU A 365 -61.26 27.78 6.84
C GLU A 365 -60.41 27.92 5.58
N LEU A 366 -59.21 27.33 5.57
CA LEU A 366 -58.36 27.41 4.39
C LEU A 366 -58.78 26.44 3.30
N THR A 367 -59.40 25.32 3.68
CA THR A 367 -59.84 24.33 2.69
C THR A 367 -61.14 24.76 2.01
N LYS A 368 -62.14 25.13 2.79
CA LYS A 368 -63.44 25.48 2.24
C LYS A 368 -63.58 26.97 1.93
N GLY A 369 -62.62 27.79 2.35
CA GLY A 369 -62.69 29.21 2.06
C GLY A 369 -63.79 29.95 2.78
N ILE A 370 -64.33 29.37 3.85
CA ILE A 370 -65.41 29.99 4.61
C ILE A 370 -64.86 30.46 5.95
N SER A 371 -65.71 31.14 6.71
CA SER A 371 -65.33 31.69 8.01
C SER A 371 -66.07 30.96 9.11
N LEU A 372 -65.34 30.52 10.14
CA LEU A 372 -65.94 29.93 11.32
C LEU A 372 -66.12 30.97 12.42
N GLY B 22 -42.69 -11.03 -12.40
CA GLY B 22 -43.38 -11.29 -13.65
C GLY B 22 -42.58 -10.91 -14.87
N PRO B 23 -43.27 -10.45 -15.92
CA PRO B 23 -42.55 -9.98 -17.11
C PRO B 23 -41.82 -8.67 -16.84
N SER B 24 -40.85 -8.38 -17.70
CA SER B 24 -40.05 -7.17 -17.60
C SER B 24 -40.19 -6.34 -18.87
N VAL B 25 -39.99 -5.04 -18.73
CA VAL B 25 -40.15 -4.08 -19.82
C VAL B 25 -38.86 -3.27 -19.94
N PHE B 26 -38.35 -3.16 -21.16
CA PHE B 26 -37.14 -2.41 -21.44
C PHE B 26 -37.42 -1.43 -22.57
N LEU B 27 -37.01 -0.18 -22.39
CA LEU B 27 -37.26 0.88 -23.36
C LEU B 27 -35.92 1.38 -23.90
N PHE B 28 -35.74 1.29 -25.22
CA PHE B 28 -34.50 1.65 -25.87
C PHE B 28 -34.70 2.83 -26.80
N PRO B 29 -33.76 3.77 -26.83
CA PRO B 29 -33.91 4.99 -27.62
C PRO B 29 -33.50 4.74 -29.06
N PRO B 30 -33.76 5.69 -29.96
CA PRO B 30 -33.27 5.54 -31.34
C PRO B 30 -31.76 5.69 -31.41
N LYS B 31 -31.21 5.21 -32.52
CA LYS B 31 -29.80 5.42 -32.79
C LYS B 31 -29.54 6.88 -33.12
N PRO B 32 -28.44 7.47 -32.63
CA PRO B 32 -28.17 8.89 -32.90
C PRO B 32 -28.20 9.25 -34.38
N LYS B 33 -27.61 8.41 -35.24
CA LYS B 33 -27.61 8.69 -36.67
C LYS B 33 -29.01 8.83 -37.22
N ASP B 34 -29.96 8.04 -36.70
CA ASP B 34 -31.34 8.12 -37.18
C ASP B 34 -31.99 9.44 -36.79
N THR B 35 -31.65 9.97 -35.61
CA THR B 35 -32.22 11.22 -35.15
C THR B 35 -31.48 12.45 -35.68
N LEU B 36 -30.29 12.28 -36.24
CA LEU B 36 -29.53 13.41 -36.75
C LEU B 36 -29.74 13.66 -38.24
N MET B 37 -30.22 12.67 -38.98
CA MET B 37 -30.44 12.81 -40.42
C MET B 37 -31.93 12.68 -40.72
N ILE B 38 -32.50 13.70 -41.36
CA ILE B 38 -33.90 13.66 -41.74
C ILE B 38 -34.17 12.59 -42.79
N SER B 39 -33.12 12.13 -43.49
CA SER B 39 -33.28 11.08 -44.49
C SER B 39 -33.51 9.71 -43.86
N ARG B 40 -33.23 9.55 -42.58
CA ARG B 40 -33.36 8.27 -41.89
C ARG B 40 -34.64 8.26 -41.05
N THR B 41 -34.96 7.08 -40.52
CA THR B 41 -36.18 6.87 -39.75
C THR B 41 -35.85 6.50 -38.30
N PRO B 42 -36.01 7.42 -37.35
CA PRO B 42 -35.72 7.10 -35.95
C PRO B 42 -36.92 6.48 -35.25
N GLU B 43 -36.62 5.47 -34.41
CA GLU B 43 -37.67 4.70 -33.76
C GLU B 43 -37.25 4.34 -32.35
N VAL B 44 -38.19 4.47 -31.41
CA VAL B 44 -38.01 4.04 -30.03
C VAL B 44 -38.61 2.64 -29.89
N THR B 45 -37.96 1.79 -29.09
CA THR B 45 -38.31 0.37 -29.02
C THR B 45 -38.70 -0.01 -27.61
N CYS B 46 -39.86 -0.66 -27.48
CA CYS B 46 -40.31 -1.21 -26.19
C CYS B 46 -40.31 -2.73 -26.30
N VAL B 47 -39.64 -3.38 -25.35
CA VAL B 47 -39.44 -4.84 -25.38
C VAL B 47 -40.01 -5.41 -24.10
N VAL B 48 -40.92 -6.37 -24.24
CA VAL B 48 -41.51 -7.10 -23.12
C VAL B 48 -40.93 -8.50 -23.15
N VAL B 49 -40.28 -8.88 -22.04
CA VAL B 49 -39.64 -10.19 -21.92
C VAL B 49 -40.26 -10.91 -20.74
N ASP B 50 -40.05 -12.23 -20.73
CA ASP B 50 -40.51 -13.12 -19.66
C ASP B 50 -42.04 -13.17 -19.59
N VAL B 51 -42.66 -13.37 -20.75
CA VAL B 51 -44.10 -13.62 -20.81
C VAL B 51 -44.23 -15.12 -20.89
N SER B 52 -44.03 -15.79 -19.75
CA SER B 52 -43.85 -17.24 -19.70
C SER B 52 -45.15 -18.03 -19.78
N HIS B 53 -45.84 -18.14 -18.63
CA HIS B 53 -47.07 -18.90 -18.43
C HIS B 53 -47.89 -19.06 -19.71
N GLU B 54 -48.40 -20.28 -19.94
CA GLU B 54 -49.12 -20.59 -21.17
C GLU B 54 -50.38 -19.76 -21.35
N ASP B 55 -50.26 -18.45 -21.20
CA ASP B 55 -51.30 -17.46 -21.40
C ASP B 55 -50.65 -16.14 -21.82
N PRO B 56 -50.48 -15.90 -23.13
CA PRO B 56 -49.71 -14.71 -23.53
C PRO B 56 -50.53 -13.45 -23.76
N GLU B 57 -50.40 -12.88 -24.96
CA GLU B 57 -51.01 -11.62 -25.39
C GLU B 57 -50.42 -10.44 -24.63
N VAL B 58 -50.07 -9.38 -25.36
CA VAL B 58 -49.50 -8.17 -24.78
C VAL B 58 -50.16 -6.97 -25.45
N LYS B 59 -50.54 -5.98 -24.64
CA LYS B 59 -51.13 -4.75 -25.15
C LYS B 59 -50.17 -3.60 -24.90
N PHE B 60 -49.95 -2.78 -25.94
CA PHE B 60 -49.02 -1.67 -25.88
C PHE B 60 -49.76 -0.34 -25.97
N ASN B 61 -49.31 0.63 -25.19
CA ASN B 61 -49.78 2.00 -25.28
C ASN B 61 -48.57 2.93 -25.33
N TRP B 62 -48.63 3.90 -26.24
CA TRP B 62 -47.52 4.83 -26.44
C TRP B 62 -47.98 6.26 -26.14
N TYR B 63 -47.13 7.01 -25.47
CA TYR B 63 -47.45 8.37 -25.05
C TYR B 63 -46.29 9.30 -25.35
N VAL B 64 -46.60 10.48 -25.85
CA VAL B 64 -45.62 11.53 -26.08
C VAL B 64 -46.00 12.70 -25.17
N ASP B 65 -45.12 12.99 -24.20
CA ASP B 65 -45.38 14.03 -23.19
C ASP B 65 -46.71 13.81 -22.49
N GLY B 66 -47.12 12.56 -22.33
CA GLY B 66 -48.35 12.23 -21.67
C GLY B 66 -49.57 12.16 -22.57
N VAL B 67 -49.42 12.45 -23.87
CA VAL B 67 -50.54 12.43 -24.81
C VAL B 67 -50.47 11.14 -25.60
N GLU B 68 -51.56 10.39 -25.61
CA GLU B 68 -51.59 9.08 -26.25
C GLU B 68 -51.44 9.21 -27.76
N VAL B 69 -50.51 8.43 -28.33
CA VAL B 69 -50.33 8.35 -29.77
C VAL B 69 -50.62 6.92 -30.21
N HIS B 70 -51.08 6.77 -31.44
CA HIS B 70 -51.53 5.48 -31.96
C HIS B 70 -50.85 5.13 -33.29
N ASN B 71 -49.62 5.63 -33.50
CA ASN B 71 -48.92 5.43 -34.75
C ASN B 71 -47.75 4.44 -34.62
N ALA B 72 -47.77 3.60 -33.59
CA ALA B 72 -46.69 2.66 -33.40
C ALA B 72 -46.90 1.41 -34.25
N LYS B 73 -45.83 0.65 -34.43
CA LYS B 73 -45.85 -0.59 -35.22
C LYS B 73 -45.34 -1.74 -34.36
N THR B 74 -46.23 -2.69 -34.06
CA THR B 74 -45.85 -3.87 -33.29
C THR B 74 -45.54 -5.02 -34.24
N LYS B 75 -46.01 -6.22 -33.91
CA LYS B 75 -46.00 -7.40 -34.76
C LYS B 75 -44.63 -8.00 -35.08
N PRO B 76 -43.67 -8.06 -34.14
CA PRO B 76 -42.51 -8.93 -34.37
C PRO B 76 -42.34 -9.94 -33.25
N ARG B 77 -43.40 -10.68 -32.92
CA ARG B 77 -43.32 -11.62 -31.82
C ARG B 77 -42.26 -12.67 -32.07
N GLU B 78 -41.35 -12.83 -31.10
CA GLU B 78 -40.30 -13.83 -31.16
C GLU B 78 -40.51 -14.81 -30.02
N GLU B 79 -40.73 -16.09 -30.37
CA GLU B 79 -40.95 -17.09 -29.34
C GLU B 79 -39.76 -17.20 -28.41
N GLN B 80 -38.58 -17.45 -28.97
CA GLN B 80 -37.35 -17.58 -28.18
C GLN B 80 -37.56 -18.60 -27.06
N TYR B 81 -37.55 -19.88 -27.41
CA TYR B 81 -38.01 -20.91 -26.50
C TYR B 81 -37.10 -20.99 -25.27
N ASN B 82 -37.70 -21.48 -24.17
CA ASN B 82 -37.18 -21.57 -22.80
C ASN B 82 -38.30 -21.17 -21.86
N SER B 83 -39.55 -21.35 -22.32
CA SER B 83 -40.75 -21.04 -21.56
C SER B 83 -40.89 -19.53 -21.32
N THR B 84 -40.72 -18.77 -22.41
CA THR B 84 -41.07 -17.35 -22.42
C THR B 84 -41.38 -16.88 -23.83
N TYR B 85 -42.10 -15.76 -23.91
CA TYR B 85 -42.26 -15.00 -25.15
C TYR B 85 -41.66 -13.62 -24.95
N ARG B 86 -41.29 -12.98 -26.06
CA ARG B 86 -40.61 -11.68 -26.03
C ARG B 86 -41.21 -10.81 -27.13
N VAL B 87 -42.17 -9.97 -26.76
CA VAL B 87 -42.89 -9.15 -27.73
C VAL B 87 -42.22 -7.78 -27.80
N VAL B 88 -42.33 -7.12 -28.96
CA VAL B 88 -41.70 -5.83 -29.17
C VAL B 88 -42.69 -4.90 -29.86
N SER B 89 -42.59 -3.61 -29.53
CA SER B 89 -43.36 -2.56 -30.20
C SER B 89 -42.40 -1.45 -30.59
N VAL B 90 -42.50 -0.97 -31.82
CA VAL B 90 -41.58 0.02 -32.38
C VAL B 90 -42.39 1.24 -32.77
N LEU B 91 -42.03 2.40 -32.21
CA LEU B 91 -42.72 3.65 -32.48
C LEU B 91 -41.80 4.58 -33.25
N THR B 92 -42.25 5.02 -34.43
CA THR B 92 -41.50 6.00 -35.20
C THR B 92 -41.62 7.38 -34.55
N VAL B 93 -40.49 8.03 -34.34
CA VAL B 93 -40.45 9.33 -33.68
C VAL B 93 -40.01 10.39 -34.69
N LEU B 94 -40.51 11.60 -34.49
CA LEU B 94 -40.09 12.74 -35.28
C LEU B 94 -38.76 13.26 -34.77
N HIS B 95 -37.85 13.57 -35.71
CA HIS B 95 -36.50 14.00 -35.34
C HIS B 95 -36.54 15.21 -34.41
N GLN B 96 -37.36 16.21 -34.76
CA GLN B 96 -37.44 17.42 -33.95
C GLN B 96 -38.06 17.14 -32.58
N ASP B 97 -39.03 16.22 -32.52
CA ASP B 97 -39.66 15.87 -31.25
C ASP B 97 -38.64 15.23 -30.31
N TRP B 98 -37.81 14.32 -30.82
CA TRP B 98 -36.80 13.69 -29.97
C TRP B 98 -35.70 14.68 -29.60
N LEU B 99 -35.28 15.53 -30.55
CA LEU B 99 -34.22 16.49 -30.25
C LEU B 99 -34.68 17.58 -29.28
N ASN B 100 -35.98 17.88 -29.26
CA ASN B 100 -36.50 18.89 -28.35
C ASN B 100 -36.64 18.39 -26.92
N GLY B 101 -36.36 17.11 -26.66
CA GLY B 101 -36.42 16.58 -25.32
C GLY B 101 -37.78 16.09 -24.88
N LYS B 102 -38.65 15.72 -25.82
CA LYS B 102 -39.93 15.13 -25.45
C LYS B 102 -39.73 13.77 -24.81
N GLU B 103 -40.64 13.42 -23.91
CA GLU B 103 -40.60 12.14 -23.22
C GLU B 103 -41.53 11.14 -23.90
N TYR B 104 -41.04 9.93 -24.12
CA TYR B 104 -41.81 8.85 -24.72
C TYR B 104 -42.05 7.78 -23.67
N LYS B 105 -43.32 7.42 -23.49
CA LYS B 105 -43.74 6.47 -22.46
C LYS B 105 -44.36 5.25 -23.11
N CYS B 106 -43.92 4.08 -22.67
CA CYS B 106 -44.48 2.80 -23.10
C CYS B 106 -45.19 2.15 -21.92
N LYS B 107 -46.44 1.76 -22.13
CA LYS B 107 -47.27 1.12 -21.12
C LYS B 107 -47.65 -0.27 -21.61
N VAL B 108 -47.29 -1.28 -20.84
CA VAL B 108 -47.48 -2.68 -21.20
C VAL B 108 -48.57 -3.26 -20.31
N SER B 109 -49.63 -3.79 -20.93
CA SER B 109 -50.77 -4.35 -20.22
C SER B 109 -50.91 -5.82 -20.59
N ASN B 110 -51.00 -6.68 -19.59
CA ASN B 110 -51.24 -8.11 -19.79
C ASN B 110 -51.84 -8.67 -18.52
N LYS B 111 -52.63 -9.74 -18.67
CA LYS B 111 -53.39 -10.28 -17.55
C LYS B 111 -52.52 -10.81 -16.43
N ALA B 112 -51.25 -11.14 -16.70
CA ALA B 112 -50.38 -11.66 -15.66
C ALA B 112 -49.81 -10.58 -14.75
N LEU B 113 -50.01 -9.30 -15.08
CA LEU B 113 -49.55 -8.23 -14.19
C LEU B 113 -50.70 -7.63 -13.40
N PRO B 114 -50.49 -7.34 -12.12
CA PRO B 114 -51.54 -6.66 -11.34
C PRO B 114 -51.83 -5.26 -11.85
N ALA B 115 -50.82 -4.54 -12.31
CA ALA B 115 -50.99 -3.24 -12.94
C ALA B 115 -50.06 -3.15 -14.13
N PRO B 116 -50.48 -2.46 -15.19
CA PRO B 116 -49.62 -2.30 -16.36
C PRO B 116 -48.28 -1.68 -16.01
N ILE B 117 -47.22 -2.20 -16.62
CA ILE B 117 -45.88 -1.69 -16.37
C ILE B 117 -45.62 -0.48 -17.26
N GLU B 118 -45.05 0.57 -16.68
CA GLU B 118 -44.78 1.79 -17.42
C GLU B 118 -43.28 2.08 -17.44
N LYS B 119 -42.79 2.56 -18.59
CA LYS B 119 -41.41 2.99 -18.72
C LYS B 119 -41.37 4.27 -19.54
N THR B 120 -40.38 5.11 -19.27
CA THR B 120 -40.28 6.40 -19.95
C THR B 120 -38.83 6.66 -20.33
N ILE B 121 -38.62 7.13 -21.55
CA ILE B 121 -37.29 7.46 -22.05
C ILE B 121 -37.33 8.81 -22.75
N SER B 122 -36.21 9.53 -22.69
CA SER B 122 -36.10 10.82 -23.36
C SER B 122 -34.62 11.14 -23.55
N LYS B 123 -34.37 12.12 -24.40
CA LYS B 123 -32.99 12.61 -24.58
C LYS B 123 -32.48 13.21 -23.27
N ALA B 124 -31.19 13.00 -23.02
CA ALA B 124 -30.57 13.52 -21.81
C ALA B 124 -30.74 15.03 -21.71
N LYS B 125 -31.22 15.48 -20.56
CA LYS B 125 -31.47 16.90 -20.34
C LYS B 125 -30.15 17.64 -20.19
N GLY B 126 -30.13 18.87 -20.68
CA GLY B 126 -28.95 19.71 -20.62
C GLY B 126 -28.79 20.54 -21.88
N GLN B 127 -28.01 21.61 -21.76
CA GLN B 127 -27.76 22.50 -22.89
C GLN B 127 -26.79 21.83 -23.86
N PRO B 128 -27.13 21.71 -25.14
CA PRO B 128 -26.21 21.06 -26.09
C PRO B 128 -24.91 21.83 -26.22
N ARG B 129 -23.82 21.08 -26.37
CA ARG B 129 -22.49 21.66 -26.49
C ARG B 129 -21.81 21.12 -27.75
N GLU B 130 -21.15 22.01 -28.48
CA GLU B 130 -20.55 21.64 -29.76
C GLU B 130 -19.31 20.77 -29.53
N PRO B 131 -19.19 19.64 -30.22
CA PRO B 131 -17.96 18.84 -30.10
C PRO B 131 -16.80 19.50 -30.83
N GLN B 132 -15.61 19.34 -30.27
CA GLN B 132 -14.36 19.76 -30.87
C GLN B 132 -13.62 18.51 -31.34
N VAL B 133 -13.30 18.46 -32.63
CA VAL B 133 -12.68 17.30 -33.26
C VAL B 133 -11.25 17.64 -33.63
N TYR B 134 -10.33 16.75 -33.26
CA TYR B 134 -8.90 16.96 -33.53
C TYR B 134 -8.29 15.64 -33.98
N THR B 135 -7.62 15.67 -35.14
CA THR B 135 -6.96 14.49 -35.67
C THR B 135 -5.50 14.48 -35.22
N LEU B 136 -5.01 13.29 -34.87
CA LEU B 136 -3.66 13.12 -34.34
C LEU B 136 -2.90 12.09 -35.18
N PRO B 137 -1.67 12.40 -35.58
CA PRO B 137 -0.88 11.47 -36.37
C PRO B 137 -0.20 10.43 -35.48
N PRO B 138 0.35 9.38 -36.06
CA PRO B 138 1.03 8.35 -35.24
C PRO B 138 2.29 8.90 -34.60
N SER B 139 2.52 8.48 -33.35
CA SER B 139 3.79 8.74 -32.70
C SER B 139 4.92 8.05 -33.48
N ARG B 140 6.09 8.70 -33.49
CA ARG B 140 7.22 8.16 -34.25
C ARG B 140 7.58 6.75 -33.81
N ASP B 141 7.62 6.50 -32.49
CA ASP B 141 8.00 5.19 -31.99
C ASP B 141 7.08 4.09 -32.51
N GLU B 142 5.81 4.41 -32.78
CA GLU B 142 4.87 3.43 -33.28
C GLU B 142 5.10 3.06 -34.75
N LEU B 143 6.05 3.69 -35.42
CA LEU B 143 6.29 3.42 -36.83
C LEU B 143 7.21 2.23 -37.07
N THR B 144 7.91 1.75 -36.05
CA THR B 144 8.84 0.63 -36.25
C THR B 144 8.12 -0.70 -36.20
N LYS B 145 7.10 -0.83 -35.34
CA LYS B 145 6.25 -2.01 -35.36
C LYS B 145 5.50 -2.07 -36.68
N ASN B 146 5.18 -3.29 -37.11
CA ASN B 146 4.55 -3.61 -38.40
C ASN B 146 3.70 -2.48 -39.01
N VAL B 148 0.33 1.59 -38.02
CA VAL B 148 0.16 2.92 -37.42
C VAL B 148 -1.31 3.15 -37.09
N SER B 149 -1.56 4.12 -36.22
CA SER B 149 -2.92 4.42 -35.76
C SER B 149 -3.17 5.93 -35.88
N LEU B 150 -4.18 6.29 -36.66
CA LEU B 150 -4.62 7.67 -36.76
C LEU B 150 -5.71 7.92 -35.74
N THR B 151 -5.53 8.95 -34.91
CA THR B 151 -6.41 9.19 -33.78
C THR B 151 -7.38 10.34 -34.10
N CYS B 152 -8.60 10.24 -33.58
CA CYS B 152 -9.61 11.27 -33.72
C CYS B 152 -10.21 11.53 -32.35
N LEU B 153 -9.85 12.66 -31.74
CA LEU B 153 -10.38 13.04 -30.43
C LEU B 153 -11.60 13.94 -30.63
N VAL B 154 -12.71 13.59 -29.99
CA VAL B 154 -13.94 14.37 -30.03
C VAL B 154 -14.29 14.70 -28.60
N LYS B 155 -14.16 15.97 -28.22
CA LYS B 155 -14.32 16.34 -26.81
C LYS B 155 -15.26 17.53 -26.67
N GLY B 156 -15.83 17.66 -25.47
CA GLY B 156 -16.58 18.86 -25.13
C GLY B 156 -17.99 18.92 -25.65
N PHE B 157 -18.60 17.79 -25.97
CA PHE B 157 -19.97 17.75 -26.46
C PHE B 157 -20.92 17.27 -25.37
N TYR B 158 -22.17 17.72 -25.47
CA TYR B 158 -23.23 17.38 -24.53
C TYR B 158 -24.05 16.24 -25.10
N PRO B 159 -24.78 15.50 -24.23
CA PRO B 159 -25.56 14.33 -24.67
C PRO B 159 -24.70 13.28 -25.39
N SER B 160 -24.50 12.14 -24.73
CA SER B 160 -23.56 11.12 -25.20
C SER B 160 -23.89 10.58 -26.58
N ASP B 161 -25.03 10.93 -27.16
CA ASP B 161 -25.37 10.48 -28.51
C ASP B 161 -24.48 11.19 -29.53
N ILE B 162 -23.72 10.40 -30.29
CA ILE B 162 -22.79 10.95 -31.29
C ILE B 162 -22.45 9.83 -32.26
N ALA B 163 -21.99 10.21 -33.45
CA ALA B 163 -21.55 9.24 -34.45
C ALA B 163 -20.17 9.63 -34.96
N VAL B 164 -19.31 8.63 -35.15
CA VAL B 164 -17.94 8.86 -35.59
C VAL B 164 -17.59 7.82 -36.65
N GLU B 165 -17.06 8.29 -37.79
CA GLU B 165 -16.70 7.40 -38.90
C GLU B 165 -15.36 7.84 -39.47
N TRP B 166 -14.72 6.93 -40.21
CA TRP B 166 -13.47 7.21 -40.91
C TRP B 166 -13.64 7.02 -42.41
N SER B 167 -12.97 7.87 -43.19
CA SER B 167 -12.99 7.75 -44.64
C SER B 167 -11.66 8.19 -45.20
N SER B 168 -11.47 7.93 -46.50
CA SER B 168 -10.27 8.35 -47.22
C SER B 168 -10.59 8.37 -48.70
N ASN B 169 -10.31 9.49 -49.36
CA ASN B 169 -10.58 9.65 -50.79
C ASN B 169 -12.05 9.37 -51.12
N GLY B 170 -12.94 9.80 -50.23
CA GLY B 170 -14.36 9.57 -50.40
C GLY B 170 -14.83 8.15 -50.19
N GLN B 171 -13.94 7.24 -49.80
CA GLN B 171 -14.33 5.85 -49.57
C GLN B 171 -14.21 5.52 -48.09
N PRO B 172 -15.21 4.88 -47.49
CA PRO B 172 -15.16 4.62 -46.04
C PRO B 172 -14.05 3.65 -45.67
N GLU B 173 -13.41 3.91 -44.54
CA GLU B 173 -12.45 2.98 -43.96
C GLU B 173 -13.15 2.16 -42.88
N ASN B 174 -12.86 0.86 -42.86
CA ASN B 174 -13.56 -0.06 -41.97
C ASN B 174 -12.77 -0.41 -40.72
N ASN B 175 -11.44 -0.53 -40.82
CA ASN B 175 -10.60 -1.02 -39.73
C ASN B 175 -10.37 0.11 -38.72
N TYR B 176 -11.45 0.48 -38.03
CA TYR B 176 -11.36 1.48 -36.96
C TYR B 176 -12.27 1.07 -35.81
N LYS B 177 -11.92 1.54 -34.62
CA LYS B 177 -12.71 1.28 -33.42
C LYS B 177 -12.81 2.55 -32.59
N THR B 178 -13.98 2.78 -32.01
CA THR B 178 -14.24 4.00 -31.24
C THR B 178 -14.61 3.62 -29.80
N THR B 179 -14.05 4.39 -28.85
CA THR B 179 -14.36 4.21 -27.44
C THR B 179 -15.73 4.80 -27.10
N PRO B 180 -16.40 4.27 -26.09
CA PRO B 180 -17.67 4.87 -25.65
C PRO B 180 -17.44 6.27 -25.09
N PRO B 181 -18.46 7.12 -25.10
CA PRO B 181 -18.31 8.46 -24.52
C PRO B 181 -17.93 8.39 -23.05
N VAL B 182 -17.04 9.30 -22.65
CA VAL B 182 -16.54 9.35 -21.28
C VAL B 182 -16.81 10.75 -20.72
N LEU B 183 -17.37 10.81 -19.52
CA LEU B 183 -17.70 12.09 -18.89
C LEU B 183 -16.42 12.82 -18.48
N ASP B 184 -16.30 14.06 -18.94
CA ASP B 184 -15.17 14.90 -18.58
C ASP B 184 -15.43 15.61 -17.26
N SER B 185 -14.40 16.32 -16.76
CA SER B 185 -14.50 16.97 -15.47
C SER B 185 -15.40 18.21 -15.49
N ASP B 186 -15.79 18.70 -16.67
CA ASP B 186 -16.64 19.88 -16.78
C ASP B 186 -18.09 19.54 -17.08
N GLY B 187 -18.45 18.26 -17.07
CA GLY B 187 -19.80 17.83 -17.35
C GLY B 187 -20.03 17.41 -18.79
N SER B 188 -19.14 17.75 -19.70
CA SER B 188 -19.26 17.33 -21.08
C SER B 188 -18.69 15.91 -21.25
N PHE B 189 -18.76 15.41 -22.48
CA PHE B 189 -18.26 14.08 -22.81
C PHE B 189 -17.12 14.19 -23.82
N PHE B 190 -16.28 13.17 -23.83
CA PHE B 190 -15.19 13.06 -24.80
C PHE B 190 -15.03 11.60 -25.20
N LEU B 191 -14.38 11.41 -26.34
CA LEU B 191 -14.10 10.07 -26.85
C LEU B 191 -12.93 10.13 -27.81
N TYR B 192 -12.36 8.96 -28.07
CA TYR B 192 -11.29 8.78 -29.04
C TYR B 192 -11.68 7.69 -30.02
N SER B 193 -11.29 7.88 -31.28
CA SER B 193 -11.48 6.87 -32.32
C SER B 193 -10.13 6.56 -32.94
N LYS B 194 -9.84 5.28 -33.12
CA LYS B 194 -8.55 4.83 -33.62
C LYS B 194 -8.76 4.11 -34.95
N LEU B 195 -8.12 4.61 -36.00
CA LEU B 195 -8.12 3.96 -37.31
C LEU B 195 -6.74 3.36 -37.52
N THR B 196 -6.66 2.03 -37.52
CA THR B 196 -5.41 1.34 -37.73
C THR B 196 -5.14 1.18 -39.22
N VAL B 197 -3.90 1.44 -39.63
CA VAL B 197 -3.52 1.36 -41.03
C VAL B 197 -2.15 0.73 -41.17
N LYS B 199 2.77 0.57 -44.23
CA LYS B 199 1.78 1.51 -44.73
C LYS B 199 1.70 1.46 -46.25
N SER B 200 0.85 2.32 -46.82
CA SER B 200 0.69 2.40 -48.26
C SER B 200 0.10 3.76 -48.64
N ARG B 201 -1.21 3.91 -48.49
CA ARG B 201 -1.86 5.19 -48.76
C ARG B 201 -1.31 6.28 -47.85
N TRP B 202 -1.23 5.99 -46.54
CA TRP B 202 -0.67 6.96 -45.60
C TRP B 202 0.77 7.30 -45.94
N GLN B 203 1.54 6.32 -46.44
CA GLN B 203 2.91 6.59 -46.85
C GLN B 203 2.99 7.60 -47.98
N GLN B 204 1.96 7.66 -48.83
CA GLN B 204 1.93 8.57 -49.97
C GLN B 204 1.25 9.90 -49.63
N GLY B 205 1.16 10.24 -48.34
CA GLY B 205 0.60 11.51 -47.94
C GLY B 205 -0.90 11.64 -48.14
N ASN B 206 -1.62 10.52 -48.15
CA ASN B 206 -3.07 10.55 -48.29
C ASN B 206 -3.74 10.95 -46.98
N PHE B 208 -6.75 11.25 -44.84
CA PHE B 208 -7.89 10.59 -44.19
C PHE B 208 -8.80 11.63 -43.56
N SER B 209 -10.06 11.26 -43.34
CA SER B 209 -11.05 12.18 -42.78
C SER B 209 -11.85 11.48 -41.70
N CYS B 210 -11.89 12.09 -40.51
CA CYS B 210 -12.73 11.64 -39.42
C CYS B 210 -14.00 12.49 -39.43
N SER B 211 -15.14 11.82 -39.60
CA SER B 211 -16.43 12.48 -39.66
C SER B 211 -17.15 12.31 -38.33
N VAL B 212 -17.70 13.41 -37.81
CA VAL B 212 -18.39 13.43 -36.53
C VAL B 212 -19.78 14.01 -36.74
N MET B 213 -20.78 13.38 -36.14
CA MET B 213 -22.18 13.79 -36.25
C MET B 213 -22.76 13.94 -34.86
N HIS B 214 -23.27 15.14 -34.56
CA HIS B 214 -23.79 15.50 -33.26
C HIS B 214 -24.86 16.56 -33.46
N GLU B 215 -25.74 16.69 -32.47
CA GLU B 215 -26.91 17.58 -32.62
C GLU B 215 -26.53 19.05 -32.59
N ALA B 216 -25.35 19.41 -32.10
CA ALA B 216 -24.94 20.80 -31.98
C ALA B 216 -24.10 21.28 -33.14
N LEU B 217 -23.77 20.40 -34.09
CA LEU B 217 -22.95 20.78 -35.23
C LEU B 217 -23.78 21.44 -36.31
N HIS B 218 -23.13 22.33 -37.06
CA HIS B 218 -23.77 22.94 -38.23
C HIS B 218 -24.08 21.86 -39.26
N ASN B 219 -25.36 21.59 -39.47
CA ASN B 219 -25.87 20.53 -40.34
C ASN B 219 -25.65 19.14 -39.74
N HIS B 220 -25.44 19.07 -38.43
CA HIS B 220 -25.27 17.81 -37.71
C HIS B 220 -24.11 16.98 -38.27
N TYR B 221 -23.09 17.65 -38.81
CA TYR B 221 -22.01 16.94 -39.48
C TYR B 221 -20.78 17.83 -39.51
N THR B 222 -19.61 17.22 -39.33
CA THR B 222 -18.34 17.89 -39.49
C THR B 222 -17.28 16.87 -39.86
N GLN B 223 -16.23 17.33 -40.53
CA GLN B 223 -15.14 16.47 -40.97
C GLN B 223 -13.80 17.11 -40.60
N LYS B 224 -12.85 16.28 -40.19
CA LYS B 224 -11.49 16.73 -39.87
C LYS B 224 -10.49 15.87 -40.62
N SER B 225 -9.55 16.50 -41.31
CA SER B 225 -8.60 15.78 -42.14
C SER B 225 -7.32 15.49 -41.38
N LEU B 226 -6.58 14.49 -41.88
CA LEU B 226 -5.30 14.09 -41.29
C LEU B 226 -4.45 13.47 -42.38
N SER B 227 -3.25 14.00 -42.58
CA SER B 227 -2.37 13.53 -43.63
C SER B 227 -0.92 13.72 -43.20
N LEU B 228 -0.01 13.15 -43.98
CA LEU B 228 1.41 13.24 -43.71
C LEU B 228 1.95 14.63 -44.05
N PRO C 2 -33.02 -12.91 -2.05
CA PRO C 2 -31.78 -12.14 -2.02
C PRO C 2 -30.73 -12.67 -2.98
N VAL C 25 -25.61 -14.02 -5.71
CA VAL C 25 -24.21 -13.63 -5.65
C VAL C 25 -23.87 -12.71 -6.82
N LEU C 27 -18.62 -12.50 -6.59
CA LEU C 27 -18.86 -12.64 -8.02
C LEU C 27 -18.04 -11.63 -8.82
N PHE C 28 -17.42 -10.68 -8.11
CA PHE C 28 -16.64 -9.63 -8.75
C PHE C 28 -15.16 -9.79 -8.44
N PRO C 29 -14.29 -9.49 -9.40
CA PRO C 29 -12.85 -9.60 -9.16
C PRO C 29 -12.33 -8.39 -8.41
N PRO C 30 -11.09 -8.47 -7.88
CA PRO C 30 -10.53 -7.31 -7.18
C PRO C 30 -10.13 -6.19 -8.12
N LYS C 31 -9.67 -5.09 -7.54
CA LYS C 31 -9.24 -3.96 -8.32
C LYS C 31 -7.93 -4.28 -9.05
N PRO C 32 -7.74 -3.73 -10.25
CA PRO C 32 -6.54 -4.09 -11.02
C PRO C 32 -5.26 -3.49 -10.45
N LYS C 33 -5.31 -2.26 -9.95
CA LYS C 33 -4.10 -1.63 -9.43
C LYS C 33 -3.57 -2.33 -8.18
N ASP C 34 -4.42 -3.10 -7.49
CA ASP C 34 -3.99 -3.78 -6.29
C ASP C 34 -3.24 -5.08 -6.59
N THR C 35 -3.50 -5.69 -7.74
CA THR C 35 -2.83 -6.94 -8.11
C THR C 35 -1.46 -6.72 -8.74
N LEU C 36 -1.14 -5.50 -9.15
CA LEU C 36 0.14 -5.22 -9.81
C LEU C 36 1.25 -4.85 -8.83
N MET C 37 0.91 -4.43 -7.62
CA MET C 37 1.88 -4.05 -6.61
C MET C 37 1.71 -4.96 -5.40
N ILE C 38 2.78 -5.65 -5.02
CA ILE C 38 2.73 -6.57 -3.88
C ILE C 38 2.59 -5.79 -2.58
N ARG C 40 0.27 -3.03 -2.64
CA ARG C 40 -1.17 -2.90 -2.57
C ARG C 40 -1.84 -4.22 -2.18
N THR C 41 -3.12 -4.16 -1.86
CA THR C 41 -3.86 -5.32 -1.36
C THR C 41 -5.08 -5.58 -2.23
N PRO C 42 -5.18 -6.73 -2.90
CA PRO C 42 -6.39 -7.02 -3.67
C PRO C 42 -7.37 -7.88 -2.88
N GLU C 43 -8.67 -7.65 -3.05
CA GLU C 43 -9.69 -8.38 -2.32
C GLU C 43 -10.91 -8.59 -3.21
N VAL C 44 -11.49 -9.78 -3.15
CA VAL C 44 -12.64 -10.15 -3.95
C VAL C 44 -13.79 -10.49 -3.02
N THR C 45 -14.91 -9.78 -3.19
CA THR C 45 -16.18 -9.99 -2.47
C THR C 45 -16.12 -10.80 -1.18
N SER C 52 -34.32 -8.91 2.77
CA SER C 52 -35.33 -8.06 3.39
C SER C 52 -35.12 -7.99 4.91
N HIS C 53 -36.06 -7.35 5.59
CA HIS C 53 -35.99 -7.22 7.05
C HIS C 53 -36.37 -8.52 7.74
N ASP C 55 -36.01 -11.92 6.51
CA ASP C 55 -34.85 -12.80 6.62
C ASP C 55 -33.55 -12.00 6.44
N PRO C 56 -33.07 -11.39 7.53
CA PRO C 56 -31.84 -10.60 7.50
C PRO C 56 -30.58 -11.45 7.66
N PHE C 60 -21.43 -17.04 5.11
CA PHE C 60 -20.65 -17.03 3.89
C PHE C 60 -19.76 -18.27 3.80
N ASN C 61 -19.76 -18.90 2.63
CA ASN C 61 -18.95 -20.10 2.40
C ASN C 61 -18.79 -20.36 0.91
N TYR C 63 -13.32 -20.81 -0.48
CA TYR C 63 -13.67 -21.13 -1.86
C TYR C 63 -12.56 -20.74 -2.83
N VAL C 64 -11.39 -21.34 -2.64
CA VAL C 64 -10.23 -21.06 -3.49
C VAL C 64 -10.21 -22.00 -4.69
N GLY C 66 -10.84 -25.76 -5.33
CA GLY C 66 -12.11 -26.46 -5.32
C GLY C 66 -12.27 -27.38 -4.13
N VAL C 69 -8.83 -20.03 3.27
CA VAL C 69 -9.99 -20.91 3.38
C VAL C 69 -10.94 -20.38 4.45
N HIS C 70 -10.38 -19.85 5.54
CA HIS C 70 -11.17 -19.31 6.63
C HIS C 70 -10.62 -17.97 7.10
N ASN C 71 -10.01 -17.21 6.20
CA ASN C 71 -9.44 -15.90 6.52
C ASN C 71 -10.32 -14.75 6.05
N ALA C 72 -11.55 -15.03 5.61
CA ALA C 72 -12.48 -13.98 5.25
C ALA C 72 -12.99 -13.27 6.49
N LYS C 73 -13.79 -12.22 6.27
CA LYS C 73 -14.28 -11.35 7.34
C LYS C 73 -14.84 -12.10 8.55
N GLU C 78 -25.40 -2.20 5.38
CA GLU C 78 -25.62 -0.79 5.07
C GLU C 78 -27.05 -0.55 4.59
N GLU C 79 -27.88 -0.02 5.49
CA GLU C 79 -29.29 0.18 5.18
C GLU C 79 -29.46 1.27 4.13
N GLN C 80 -30.58 1.20 3.41
CA GLN C 80 -30.93 2.16 2.38
C GLN C 80 -32.07 3.05 2.87
N TYR C 81 -31.94 4.34 2.60
CA TYR C 81 -32.94 5.33 3.03
C TYR C 81 -33.16 5.30 4.54
N VAL C 90 -15.48 -9.59 2.02
CA VAL C 90 -14.17 -9.33 1.45
C VAL C 90 -13.21 -10.46 1.79
N LEU C 91 -12.56 -11.00 0.76
CA LEU C 91 -11.60 -12.10 0.91
C LEU C 91 -10.28 -11.65 0.29
N THR C 92 -9.26 -11.50 1.13
CA THR C 92 -7.95 -11.09 0.66
C THR C 92 -7.30 -12.21 -0.13
N VAL C 93 -6.83 -11.89 -1.34
CA VAL C 93 -6.21 -12.87 -2.22
C VAL C 93 -4.75 -12.50 -2.40
N LEU C 94 -3.93 -13.51 -2.70
CA LEU C 94 -2.53 -13.29 -3.01
C LEU C 94 -2.39 -12.78 -4.44
N HIS C 95 -1.37 -11.94 -4.65
CA HIS C 95 -1.16 -11.35 -5.97
C HIS C 95 -0.87 -12.43 -7.01
N GLN C 96 0.11 -13.30 -6.71
CA GLN C 96 0.44 -14.37 -7.66
C GLN C 96 -0.70 -15.37 -7.78
N ASP C 97 -1.49 -15.57 -6.73
CA ASP C 97 -2.62 -16.49 -6.80
C ASP C 97 -3.64 -16.01 -7.81
N TRP C 98 -3.95 -14.72 -7.82
CA TRP C 98 -4.89 -14.19 -8.80
C TRP C 98 -4.26 -14.08 -10.18
N LEU C 99 -2.96 -13.78 -10.25
CA LEU C 99 -2.29 -13.68 -11.53
C LEU C 99 -2.07 -15.03 -12.19
N ASN C 100 -2.09 -16.12 -11.42
CA ASN C 100 -1.90 -17.45 -11.96
C ASN C 100 -3.21 -18.11 -12.37
N GLY C 101 -4.35 -17.45 -12.16
CA GLY C 101 -5.62 -17.99 -12.58
C GLY C 101 -6.32 -18.88 -11.58
N LYS C 102 -6.11 -18.67 -10.29
CA LYS C 102 -6.76 -19.47 -9.27
C LYS C 102 -8.24 -19.10 -9.13
N ILE C 117 -27.02 -19.70 -3.07
CA ILE C 117 -26.55 -19.20 -4.35
C ILE C 117 -25.03 -19.19 -4.37
N GLU C 118 -24.45 -19.56 -5.51
CA GLU C 118 -23.00 -19.55 -5.68
C GLU C 118 -22.59 -18.86 -6.97
N ILE C 121 -14.81 -17.93 -12.83
CA ILE C 121 -14.73 -17.40 -11.49
C ILE C 121 -13.30 -17.04 -11.13
N SER C 122 -12.57 -16.50 -12.10
CA SER C 122 -11.19 -16.11 -11.92
C SER C 122 -10.83 -15.08 -12.99
N LYS C 123 -9.54 -14.80 -13.13
CA LYS C 123 -9.10 -13.84 -14.13
C LYS C 123 -9.33 -14.39 -15.54
N ALA C 124 -9.33 -13.49 -16.51
CA ALA C 124 -9.54 -13.87 -17.90
C ALA C 124 -8.44 -14.80 -18.38
N LYS C 125 -8.82 -15.91 -19.01
CA LYS C 125 -7.87 -16.91 -19.48
C LYS C 125 -7.34 -16.54 -20.86
N GLY C 126 -6.03 -16.46 -20.99
CA GLY C 126 -5.41 -16.14 -22.25
C GLY C 126 -3.98 -15.66 -22.06
N GLN C 127 -3.25 -15.63 -23.16
CA GLN C 127 -1.86 -15.20 -23.13
C GLN C 127 -1.80 -13.69 -22.95
N PRO C 128 -1.10 -13.18 -21.92
CA PRO C 128 -0.98 -11.74 -21.64
C PRO C 128 -0.30 -10.98 -22.77
N GLN C 132 1.72 -1.38 -26.00
CA GLN C 132 2.32 -0.36 -26.84
C GLN C 132 1.81 1.03 -26.46
N VAL C 133 2.64 1.77 -25.72
CA VAL C 133 2.28 3.11 -25.27
C VAL C 133 2.81 4.12 -26.28
N TYR C 134 1.97 5.07 -26.66
CA TYR C 134 2.33 6.10 -27.62
C TYR C 134 1.72 7.43 -27.18
N THR C 135 2.56 8.44 -27.03
CA THR C 135 2.12 9.77 -26.65
C THR C 135 1.87 10.62 -27.90
N LEU C 136 0.82 11.43 -27.85
CA LEU C 136 0.43 12.27 -28.98
C LEU C 136 0.20 13.69 -28.49
N PRO C 137 0.83 14.69 -29.10
CA PRO C 137 0.63 16.08 -28.67
C PRO C 137 -0.69 16.61 -29.19
N PRO C 138 -1.14 17.76 -28.68
CA PRO C 138 -2.38 18.34 -29.20
C PRO C 138 -2.24 18.77 -30.64
N SER C 139 -3.35 18.66 -31.38
CA SER C 139 -3.37 19.13 -32.76
C SER C 139 -3.20 20.65 -32.81
N ARG C 140 -2.75 21.14 -33.97
CA ARG C 140 -2.53 22.58 -34.11
C ARG C 140 -3.82 23.36 -33.92
N ASP C 141 -4.92 22.88 -34.51
CA ASP C 141 -6.19 23.59 -34.39
C ASP C 141 -6.66 23.65 -32.93
N GLU C 142 -6.21 22.70 -32.10
CA GLU C 142 -6.57 22.72 -30.68
C GLU C 142 -5.85 23.80 -29.90
N LEU C 143 -4.92 24.54 -30.52
CA LEU C 143 -4.15 25.57 -29.84
C LEU C 143 -4.80 26.94 -29.95
N THR C 144 -6.10 27.02 -30.20
CA THR C 144 -6.80 28.30 -30.26
C THR C 144 -7.07 28.80 -28.85
N LYS C 145 -8.34 28.71 -28.42
CA LYS C 145 -8.68 29.06 -27.06
C LYS C 145 -8.12 28.00 -26.10
N ASN C 146 -8.20 28.31 -24.81
CA ASN C 146 -7.59 27.48 -23.78
C ASN C 146 -8.27 26.12 -23.68
N GLN C 147 -7.64 25.09 -24.27
CA GLN C 147 -8.06 23.69 -24.18
C GLN C 147 -7.15 22.82 -25.03
N VAL C 148 -6.13 22.19 -24.44
CA VAL C 148 -5.21 21.34 -25.14
C VAL C 148 -5.31 19.92 -24.58
N SER C 149 -5.29 18.93 -25.47
CA SER C 149 -5.45 17.53 -25.10
C SER C 149 -4.19 16.75 -25.45
N LEU C 150 -3.53 16.23 -24.42
CA LEU C 150 -2.36 15.37 -24.58
C LEU C 150 -2.84 13.92 -24.53
N THR C 151 -2.70 13.21 -25.65
CA THR C 151 -3.26 11.87 -25.78
C THR C 151 -2.23 10.80 -25.43
N CYS C 152 -2.72 9.72 -24.82
CA CYS C 152 -1.90 8.56 -24.47
C CYS C 152 -2.62 7.31 -24.98
N LEU C 153 -2.16 6.77 -26.10
CA LEU C 153 -2.72 5.55 -26.67
C LEU C 153 -2.00 4.34 -26.12
N VAL C 154 -2.75 3.40 -25.56
CA VAL C 154 -2.19 2.17 -25.02
C VAL C 154 -2.94 1.03 -25.70
N LYS C 155 -2.30 0.37 -26.65
CA LYS C 155 -2.92 -0.69 -27.43
C LYS C 155 -2.08 -1.95 -27.37
N GLY C 156 -2.73 -3.09 -27.59
CA GLY C 156 -2.03 -4.34 -27.74
C GLY C 156 -1.80 -5.12 -26.47
N PHE C 157 -2.52 -4.81 -25.40
CA PHE C 157 -2.46 -5.59 -24.17
C PHE C 157 -3.65 -6.54 -24.10
N TYR C 158 -3.44 -7.70 -23.48
CA TYR C 158 -4.51 -8.69 -23.45
C TYR C 158 -5.49 -8.45 -22.31
N PRO C 159 -5.14 -8.68 -21.04
CA PRO C 159 -6.19 -8.64 -20.00
C PRO C 159 -6.63 -7.20 -19.80
N SER C 160 -7.92 -6.94 -20.02
CA SER C 160 -8.46 -5.57 -19.97
C SER C 160 -8.10 -4.86 -18.68
N ASP C 161 -7.77 -5.61 -17.63
CA ASP C 161 -7.26 -5.04 -16.39
C ASP C 161 -5.97 -4.28 -16.65
N ILE C 162 -6.00 -2.96 -16.52
CA ILE C 162 -4.82 -2.13 -16.73
C ILE C 162 -5.04 -0.82 -16.01
N ALA C 163 -3.94 -0.17 -15.64
CA ALA C 163 -3.99 1.11 -14.95
C ALA C 163 -3.26 2.17 -15.77
N VAL C 164 -3.83 3.37 -15.82
CA VAL C 164 -3.24 4.48 -16.57
C VAL C 164 -3.27 5.71 -15.68
N GLU C 165 -2.13 6.39 -15.58
CA GLU C 165 -2.01 7.61 -14.78
C GLU C 165 -1.18 8.63 -15.55
N TRP C 166 -1.20 9.87 -15.07
CA TRP C 166 -0.44 10.96 -15.68
C TRP C 166 0.36 11.69 -14.61
N SER C 167 1.57 12.11 -14.97
CA SER C 167 2.40 12.85 -14.03
C SER C 167 3.22 13.88 -14.79
N SER C 168 3.80 14.81 -14.04
CA SER C 168 4.65 15.85 -14.59
C SER C 168 5.41 16.59 -13.50
N GLY C 170 7.55 14.58 -11.44
CA GLY C 170 7.42 13.59 -10.39
C GLY C 170 6.17 13.77 -9.54
N GLN C 171 5.29 14.68 -9.98
CA GLN C 171 4.05 14.95 -9.28
C GLN C 171 2.87 14.47 -10.11
N PRO C 172 1.92 13.74 -9.53
CA PRO C 172 0.79 13.24 -10.31
C PRO C 172 -0.15 14.36 -10.73
N GLU C 173 -0.70 14.23 -11.93
CA GLU C 173 -1.68 15.16 -12.46
C GLU C 173 -3.06 14.54 -12.38
N ASN C 174 -4.03 15.29 -11.87
CA ASN C 174 -5.36 14.76 -11.62
C ASN C 174 -6.35 15.02 -12.75
N ASN C 175 -6.20 16.11 -13.49
CA ASN C 175 -7.14 16.46 -14.56
C ASN C 175 -6.86 15.60 -15.79
N TYR C 176 -7.12 14.31 -15.64
CA TYR C 176 -6.95 13.34 -16.72
C TYR C 176 -8.08 12.33 -16.66
N LYS C 177 -8.44 11.80 -17.83
CA LYS C 177 -9.52 10.82 -17.92
C LYS C 177 -9.16 9.79 -18.98
N THR C 178 -9.48 8.53 -18.69
CA THR C 178 -9.12 7.40 -19.55
C THR C 178 -10.38 6.64 -19.93
N THR C 179 -10.50 6.32 -21.22
CA THR C 179 -11.64 5.57 -21.72
C THR C 179 -11.57 4.12 -21.27
N PRO C 180 -12.71 3.42 -21.21
CA PRO C 180 -12.66 2.01 -20.88
C PRO C 180 -12.00 1.22 -21.99
N PRO C 181 -11.45 0.05 -21.69
CA PRO C 181 -10.80 -0.75 -22.73
C PRO C 181 -11.78 -1.16 -23.82
N VAL C 182 -11.28 -1.22 -25.05
CA VAL C 182 -12.07 -1.56 -26.21
C VAL C 182 -11.38 -2.71 -26.94
N LEU C 183 -12.14 -3.75 -27.26
CA LEU C 183 -11.59 -4.91 -27.94
C LEU C 183 -11.28 -4.59 -29.39
N ASP C 184 -10.04 -4.83 -29.80
CA ASP C 184 -9.63 -4.60 -31.18
C ASP C 184 -10.04 -5.77 -32.06
N SER C 185 -9.84 -5.60 -33.37
CA SER C 185 -10.22 -6.64 -34.33
C SER C 185 -9.35 -7.88 -34.22
N ASP C 186 -8.16 -7.76 -33.61
CA ASP C 186 -7.25 -8.89 -33.44
C ASP C 186 -7.42 -9.58 -32.08
N GLY C 187 -8.47 -9.22 -31.33
CA GLY C 187 -8.71 -9.78 -30.02
C GLY C 187 -8.07 -9.02 -28.87
N SER C 188 -7.08 -8.18 -29.15
CA SER C 188 -6.42 -7.39 -28.12
C SER C 188 -7.29 -6.20 -27.73
N PHE C 189 -6.82 -5.44 -26.75
CA PHE C 189 -7.53 -4.27 -26.26
C PHE C 189 -6.68 -3.02 -26.42
N PHE C 190 -7.37 -1.88 -26.48
CA PHE C 190 -6.71 -0.58 -26.55
C PHE C 190 -7.52 0.42 -25.73
N LEU C 191 -6.87 1.55 -25.42
CA LEU C 191 -7.48 2.59 -24.62
C LEU C 191 -6.74 3.89 -24.86
N TYR C 192 -7.39 4.99 -24.47
CA TYR C 192 -6.84 6.33 -24.59
C TYR C 192 -6.96 7.07 -23.27
N SER C 193 -5.91 7.82 -22.92
CA SER C 193 -5.90 8.68 -21.75
C SER C 193 -5.75 10.13 -22.22
N LYS C 194 -6.64 11.00 -21.75
CA LYS C 194 -6.66 12.40 -22.13
C LYS C 194 -6.32 13.25 -20.92
N LEU C 195 -5.26 14.06 -21.04
CA LEU C 195 -4.84 14.93 -19.95
C LEU C 195 -5.63 16.24 -19.96
N ARG C 201 2.47 25.00 -18.49
CA ARG C 201 3.61 24.14 -18.18
C ARG C 201 4.15 23.47 -19.44
N TRP C 202 3.24 23.05 -20.32
CA TRP C 202 3.66 22.43 -21.58
C TRP C 202 4.44 23.42 -22.45
N GLN C 203 4.03 24.68 -22.45
CA GLN C 203 4.70 25.69 -23.25
C GLN C 203 6.07 26.05 -22.68
N GLN C 204 6.32 25.78 -21.39
CA GLN C 204 7.58 26.10 -20.75
C GLN C 204 8.57 24.93 -20.78
N GLY C 205 8.33 23.93 -21.62
CA GLY C 205 9.24 22.82 -21.76
C GLY C 205 9.11 21.71 -20.75
N ASN C 206 8.15 21.80 -19.82
CA ASN C 206 7.96 20.73 -18.85
C ASN C 206 7.47 19.46 -19.53
N VAL C 207 8.01 18.33 -19.10
CA VAL C 207 7.73 17.04 -19.71
C VAL C 207 6.65 16.32 -18.91
N PHE C 208 5.60 15.87 -19.60
CA PHE C 208 4.57 15.05 -19.00
C PHE C 208 4.85 13.58 -19.29
N SER C 209 4.27 12.71 -18.48
CA SER C 209 4.53 11.27 -18.58
C SER C 209 3.24 10.51 -18.31
N CYS C 210 2.84 9.68 -19.29
CA CYS C 210 1.74 8.75 -19.12
C CYS C 210 2.29 7.42 -18.64
N SER C 211 1.87 6.99 -17.46
CA SER C 211 2.34 5.75 -16.84
C SER C 211 1.29 4.67 -17.00
N VAL C 212 1.72 3.50 -17.47
CA VAL C 212 0.86 2.37 -17.73
C VAL C 212 1.30 1.21 -16.84
N MET C 213 0.32 0.54 -16.23
CA MET C 213 0.56 -0.61 -15.36
C MET C 213 -0.25 -1.79 -15.88
N HIS C 214 0.45 -2.85 -16.29
CA HIS C 214 -0.18 -4.07 -16.77
C HIS C 214 0.66 -5.26 -16.34
N GLU C 215 0.08 -6.45 -16.46
CA GLU C 215 0.76 -7.66 -16.00
C GLU C 215 1.89 -8.09 -16.95
N ALA C 216 1.85 -7.66 -18.21
CA ALA C 216 2.85 -8.07 -19.19
C ALA C 216 4.03 -7.12 -19.28
N LEU C 217 4.00 -5.99 -18.58
CA LEU C 217 5.08 -5.02 -18.67
C LEU C 217 6.24 -5.41 -17.77
N HIS C 218 7.42 -4.89 -18.10
CA HIS C 218 8.60 -5.12 -17.29
C HIS C 218 8.48 -4.35 -15.98
N ASN C 219 8.67 -5.05 -14.86
CA ASN C 219 8.45 -4.53 -13.52
C ASN C 219 7.03 -4.04 -13.30
N HIS C 220 6.09 -4.51 -14.14
CA HIS C 220 4.66 -4.15 -14.04
C HIS C 220 4.44 -2.64 -14.10
N TYR C 221 5.29 -1.93 -14.84
CA TYR C 221 5.17 -0.48 -14.95
C TYR C 221 5.95 0.00 -16.16
N THR C 222 5.41 1.00 -16.85
CA THR C 222 6.08 1.63 -17.98
C THR C 222 5.65 3.08 -18.04
N GLN C 223 6.46 3.91 -18.71
CA GLN C 223 6.19 5.33 -18.80
C GLN C 223 6.55 5.83 -20.19
N LYS C 224 5.65 6.61 -20.79
CA LYS C 224 5.87 7.24 -22.09
C LYS C 224 5.69 8.74 -21.93
N SER C 225 6.70 9.50 -22.34
CA SER C 225 6.72 10.93 -22.09
C SER C 225 6.26 11.72 -23.33
N LEU C 226 5.87 12.96 -23.08
CA LEU C 226 5.41 13.87 -24.11
C LEU C 226 5.73 15.29 -23.68
N SER C 227 6.15 16.12 -24.64
CA SER C 227 6.50 17.50 -24.37
C SER C 227 6.32 18.30 -25.66
N LEU C 228 6.91 19.48 -25.71
CA LEU C 228 6.81 20.33 -26.89
C LEU C 228 7.64 19.79 -28.05
N LEU D 39 42.40 3.90 46.79
CA LEU D 39 43.18 4.97 47.42
C LEU D 39 44.24 5.51 46.46
N SER D 40 44.91 4.59 45.77
CA SER D 40 46.03 4.98 44.90
C SER D 40 45.55 5.85 43.75
N ASN D 41 46.39 6.80 43.37
CA ASN D 41 46.12 7.69 42.24
C ASN D 41 47.08 7.47 41.09
N ALA D 42 47.82 6.36 41.10
CA ALA D 42 48.68 6.02 39.98
C ALA D 42 47.84 5.84 38.72
N PRO D 43 48.38 6.21 37.56
CA PRO D 43 47.59 6.13 36.33
C PRO D 43 47.39 4.70 35.88
N LEU D 44 46.16 4.39 35.46
CA LEU D 44 45.84 3.10 34.88
C LEU D 44 46.33 3.09 33.44
N ALA D 45 47.35 2.28 33.17
CA ALA D 45 47.97 2.27 31.85
C ALA D 45 46.98 1.74 30.81
N ALA D 46 47.35 1.92 29.55
CA ALA D 46 46.53 1.48 28.44
C ALA D 46 47.07 0.19 27.87
N SER D 47 46.27 -0.44 27.02
CA SER D 47 46.51 -1.82 26.65
C SER D 47 47.73 -1.94 25.75
N PRO D 48 48.66 -2.86 26.05
CA PRO D 48 49.78 -3.10 25.11
C PRO D 48 49.32 -3.73 23.80
N GLY D 49 48.07 -4.20 23.72
CA GLY D 49 47.60 -4.95 22.58
C GLY D 49 47.80 -6.45 22.68
N GLN D 50 48.68 -6.92 23.55
CA GLN D 50 48.98 -8.34 23.64
C GLN D 50 49.57 -8.66 25.00
N ALA D 51 49.42 -9.92 25.40
CA ALA D 51 49.96 -10.39 26.67
C ALA D 51 51.49 -10.49 26.56
N ASP D 52 52.12 -10.85 27.69
CA ASP D 52 53.56 -11.04 27.70
C ASP D 52 53.98 -12.18 26.77
N LYS D 53 53.13 -13.18 26.61
CA LYS D 53 53.34 -14.27 25.67
C LYS D 53 52.08 -14.48 24.86
N VAL D 54 52.25 -14.65 23.55
CA VAL D 54 51.15 -14.88 22.63
C VAL D 54 51.44 -16.13 21.81
N GLY D 55 50.45 -16.55 21.03
CA GLY D 55 50.59 -17.69 20.16
C GLY D 55 50.47 -19.02 20.90
N ALA D 56 50.55 -20.09 20.11
CA ALA D 56 50.44 -21.44 20.65
C ALA D 56 51.62 -21.76 21.55
N GLN D 57 51.33 -22.17 22.78
CA GLN D 57 52.34 -22.60 23.73
C GLN D 57 52.24 -24.11 23.91
N ALA D 58 53.31 -24.82 23.56
CA ALA D 58 53.34 -26.27 23.69
C ALA D 58 53.34 -26.74 25.13
N THR D 59 53.45 -25.81 26.08
CA THR D 59 53.43 -26.12 27.50
C THR D 59 52.76 -24.98 28.24
N CYS D 60 52.17 -25.30 29.38
CA CYS D 60 51.56 -24.29 30.22
C CYS D 60 51.91 -24.56 31.69
N ALA D 61 51.74 -23.52 32.51
CA ALA D 61 52.01 -23.68 33.93
C ALA D 61 50.92 -24.51 34.60
N ALA D 62 49.67 -24.27 34.22
CA ALA D 62 48.51 -24.97 34.76
C ALA D 62 48.01 -25.97 33.73
N LYS D 63 47.76 -27.20 34.18
CA LYS D 63 47.21 -28.20 33.28
C LYS D 63 45.81 -27.78 32.85
N PRO D 64 45.34 -28.24 31.69
CA PRO D 64 44.00 -27.85 31.22
C PRO D 64 42.93 -28.12 32.28
N ILE D 65 41.93 -27.24 32.32
CA ILE D 65 40.87 -27.31 33.31
C ILE D 65 39.53 -27.40 32.58
N PHE D 66 38.52 -27.89 33.30
CA PHE D 66 37.15 -27.84 32.83
C PHE D 66 36.40 -26.77 33.61
N PHE D 67 35.87 -25.79 32.90
CA PHE D 67 35.14 -24.68 33.48
C PHE D 67 33.65 -24.91 33.32
N GLY D 68 32.88 -24.53 34.34
CA GLY D 68 31.45 -24.76 34.29
C GLY D 68 30.61 -23.57 34.70
N TYR D 69 29.75 -23.10 33.80
CA TYR D 69 28.79 -22.07 34.13
C TYR D 69 27.56 -22.69 34.78
N TYR D 70 27.21 -22.21 35.96
CA TYR D 70 26.09 -22.73 36.73
C TYR D 70 25.03 -21.66 36.87
N ARG D 71 23.81 -21.96 36.42
CA ARG D 71 22.69 -21.03 36.51
C ARG D 71 22.11 -21.11 37.91
N THR D 72 22.25 -20.04 38.68
CA THR D 72 21.81 -20.07 40.07
C THR D 72 20.29 -20.06 40.18
N TRP D 73 19.59 -19.53 39.19
CA TRP D 73 18.13 -19.51 39.23
C TRP D 73 17.51 -20.84 38.86
N ARG D 74 18.31 -21.90 38.76
CA ARG D 74 17.82 -23.26 38.59
C ARG D 74 18.21 -24.16 39.74
N ASP D 75 18.84 -23.63 40.78
CA ASP D 75 19.24 -24.41 41.94
C ASP D 75 18.06 -24.61 42.88
N LYS D 76 18.08 -25.73 43.61
CA LYS D 76 17.00 -26.05 44.52
C LYS D 76 16.98 -25.16 45.74
N ALA D 77 18.08 -24.50 46.06
CA ALA D 77 18.17 -23.62 47.23
C ALA D 77 17.72 -22.19 46.94
N ILE D 78 17.62 -21.81 45.68
CA ILE D 78 17.15 -20.47 45.33
C ILE D 78 15.63 -20.42 45.46
N GLU D 79 15.12 -19.25 45.84
CA GLU D 79 13.69 -19.03 46.02
C GLU D 79 13.19 -18.18 44.85
N LEU D 80 12.61 -18.84 43.86
CA LEU D 80 12.10 -18.15 42.68
C LEU D 80 10.74 -17.52 42.94
N ASP D 82 5.52 -15.65 44.14
CA ASP D 82 6.16 -16.75 43.43
C ASP D 82 5.34 -17.17 42.23
N GLY D 83 5.00 -16.20 41.38
CA GLY D 83 4.27 -16.48 40.17
C GLY D 83 4.97 -17.32 39.12
N ASP D 84 6.20 -17.77 39.36
CA ASP D 84 6.89 -18.59 38.35
C ASP D 84 6.17 -19.91 38.13
N LYS D 85 5.99 -20.29 36.85
CA LYS D 85 5.33 -21.55 36.52
C LYS D 85 6.16 -22.76 36.92
N TRP D 86 7.43 -22.58 37.27
CA TRP D 86 8.28 -23.66 37.74
C TRP D 86 8.74 -23.38 39.15
N LYS D 87 7.82 -22.96 40.02
CA LYS D 87 8.17 -22.70 41.42
C LYS D 87 8.67 -23.94 42.13
N ASP D 88 8.32 -25.13 41.64
CA ASP D 88 8.90 -26.38 42.13
C ASP D 88 9.66 -27.07 41.01
N LYS D 89 9.81 -28.39 41.10
CA LYS D 89 10.45 -29.20 40.07
C LYS D 89 11.91 -28.82 39.84
N LEU D 90 12.56 -28.22 40.84
CA LEU D 90 13.98 -27.90 40.77
C LEU D 90 14.75 -29.06 41.37
N HIS D 91 15.34 -29.89 40.51
CA HIS D 91 15.91 -31.16 40.95
C HIS D 91 17.40 -31.08 41.23
N THR D 92 18.14 -30.30 40.46
CA THR D 92 19.60 -30.31 40.52
C THR D 92 20.12 -29.35 41.56
N LYS D 93 21.14 -29.77 42.29
CA LYS D 93 21.87 -28.94 43.24
C LYS D 93 23.27 -28.67 42.72
N LEU D 94 23.94 -27.69 43.33
CA LEU D 94 25.28 -27.32 42.87
C LEU D 94 26.28 -28.44 43.12
N THR D 95 26.07 -29.23 44.16
CA THR D 95 26.94 -30.37 44.45
C THR D 95 26.70 -31.55 43.52
N ASP D 96 25.66 -31.48 42.67
CA ASP D 96 25.38 -32.60 41.77
C ASP D 96 26.40 -32.70 40.65
N ILE D 97 27.05 -31.59 40.31
CA ILE D 97 28.05 -31.56 39.24
C ILE D 97 29.18 -32.54 39.58
N PRO D 98 29.83 -33.14 38.59
CA PRO D 98 30.90 -34.11 38.89
C PRO D 98 32.01 -33.50 39.73
N GLU D 99 32.70 -34.37 40.47
CA GLU D 99 33.78 -33.93 41.34
C GLU D 99 35.01 -33.50 40.55
N GLN D 100 35.12 -33.91 39.29
CA GLN D 100 36.29 -33.60 38.48
C GLN D 100 36.25 -32.22 37.86
N VAL D 101 35.12 -31.50 38.00
CA VAL D 101 35.05 -30.13 37.51
C VAL D 101 36.14 -29.30 38.18
N ASP D 102 36.90 -28.58 37.37
CA ASP D 102 38.04 -27.81 37.87
C ASP D 102 37.64 -26.44 38.38
N MET D 103 36.63 -25.81 37.78
CA MET D 103 36.22 -24.48 38.17
C MET D 103 34.76 -24.28 37.75
N VAL D 104 33.97 -23.72 38.67
CA VAL D 104 32.56 -23.46 38.41
C VAL D 104 32.27 -22.00 38.75
N SER D 105 31.52 -21.33 37.87
CA SER D 105 31.18 -19.93 38.04
C SER D 105 29.69 -19.79 38.35
N LEU D 106 29.39 -19.05 39.41
CA LEU D 106 28.01 -18.77 39.78
C LEU D 106 27.48 -17.65 38.88
N PHE D 107 26.55 -17.98 38.00
CA PHE D 107 25.95 -17.02 37.07
C PHE D 107 24.64 -16.56 37.70
N HIS D 108 24.72 -15.52 38.52
CA HIS D 108 23.61 -15.09 39.36
C HIS D 108 22.87 -13.92 38.72
N VAL D 109 21.55 -14.07 38.58
CA VAL D 109 20.70 -13.01 38.03
C VAL D 109 19.64 -12.66 39.06
N PRO D 110 19.68 -11.48 39.66
CA PRO D 110 18.70 -11.14 40.69
C PRO D 110 17.26 -11.09 40.19
N ASP D 111 17.06 -10.76 38.92
CA ASP D 111 15.72 -10.60 38.36
C ASP D 111 15.04 -11.92 38.04
N ASN D 112 15.70 -13.05 38.29
CA ASN D 112 15.14 -14.35 37.96
C ASN D 112 14.49 -15.06 39.14
N GLN D 113 14.70 -14.57 40.36
CA GLN D 113 14.14 -15.19 41.55
C GLN D 113 13.62 -14.10 42.49
N LYS D 114 12.83 -14.52 43.47
CA LYS D 114 12.33 -13.59 44.49
C LYS D 114 13.39 -13.29 45.54
N SER D 115 13.99 -14.34 46.11
CA SER D 115 14.98 -14.17 47.16
C SER D 115 16.12 -15.16 46.94
N ASP D 116 17.32 -14.77 47.40
CA ASP D 116 18.51 -15.60 47.27
C ASP D 116 19.16 -15.93 48.60
N GLN D 117 18.57 -15.50 49.72
CA GLN D 117 19.18 -15.74 51.04
C GLN D 117 19.37 -17.24 51.30
N ARG D 118 18.33 -18.03 51.03
CA ARG D 118 18.42 -19.47 51.25
C ARG D 118 19.52 -20.09 50.39
N PHE D 119 19.66 -19.65 49.14
CA PHE D 119 20.70 -20.19 48.28
C PHE D 119 22.09 -19.88 48.82
N TRP D 120 22.30 -18.65 49.29
CA TRP D 120 23.62 -18.30 49.82
C TRP D 120 23.89 -19.04 51.13
N GLU D 121 22.87 -19.23 51.95
CA GLU D 121 23.05 -20.01 53.17
C GLU D 121 23.44 -21.45 52.85
N THR D 122 22.80 -22.04 51.82
CA THR D 122 23.15 -23.40 51.43
C THR D 122 24.54 -23.46 50.82
N PHE D 123 24.93 -22.41 50.08
CA PHE D 123 26.26 -22.37 49.49
C PHE D 123 27.33 -22.30 50.57
N ASP D 124 27.18 -21.39 51.52
CA ASP D 124 28.16 -21.26 52.60
C ASP D 124 28.19 -22.50 53.48
N LYS D 125 27.03 -23.06 53.78
CA LYS D 125 26.96 -24.17 54.75
C LYS D 125 27.29 -25.51 54.11
N GLU D 126 26.80 -25.76 52.90
CA GLU D 126 26.89 -27.10 52.31
C GLU D 126 27.65 -27.11 50.99
N TYR D 127 27.29 -26.25 50.04
CA TYR D 127 27.90 -26.29 48.71
C TYR D 127 29.41 -26.01 48.79
N HIS D 128 29.77 -24.85 49.32
CA HIS D 128 31.18 -24.45 49.32
C HIS D 128 32.11 -25.40 50.07
N PRO D 129 31.76 -25.94 51.25
CA PRO D 129 32.66 -26.93 51.87
C PRO D 129 32.86 -28.18 51.02
N THR D 130 31.79 -28.68 50.41
CA THR D 130 31.91 -29.84 49.53
C THR D 130 32.80 -29.54 48.34
N LEU D 131 32.60 -28.38 47.71
CA LEU D 131 33.41 -28.03 46.54
C LEU D 131 34.86 -27.79 46.92
N LYS D 132 35.12 -27.25 48.11
CA LYS D 132 36.49 -27.10 48.58
C LYS D 132 37.13 -28.47 48.82
N GLU D 133 36.39 -29.39 49.43
CA GLU D 133 36.90 -30.75 49.62
C GLU D 133 37.23 -31.40 48.28
N ARG D 134 36.34 -31.24 47.29
CA ARG D 134 36.61 -31.78 45.96
C ARG D 134 37.77 -31.07 45.27
N GLY D 135 38.11 -29.85 45.70
CA GLY D 135 39.11 -29.06 45.01
C GLY D 135 38.60 -28.34 43.78
N THR D 136 37.29 -28.14 43.68
CA THR D 136 36.69 -27.43 42.55
C THR D 136 36.64 -25.94 42.86
N LYS D 137 37.27 -25.14 42.02
CA LYS D 137 37.30 -23.70 42.24
C LYS D 137 35.93 -23.10 41.95
N VAL D 138 35.63 -22.00 42.65
CA VAL D 138 34.36 -21.28 42.49
C VAL D 138 34.68 -19.81 42.23
N VAL D 139 34.13 -19.27 41.14
CA VAL D 139 34.30 -17.87 40.78
C VAL D 139 32.93 -17.28 40.53
N ARG D 140 32.86 -15.95 40.53
CA ARG D 140 31.61 -15.23 40.34
C ARG D 140 31.63 -14.46 39.03
N THR D 141 30.56 -14.59 38.25
CA THR D 141 30.45 -13.90 36.98
C THR D 141 29.74 -12.56 37.15
N ILE D 142 30.30 -11.53 36.53
CA ILE D 142 29.69 -10.20 36.53
C ILE D 142 29.61 -9.70 35.09
N GLY D 143 28.47 -9.13 34.71
CA GLY D 143 28.33 -8.58 33.39
C GLY D 143 29.15 -7.31 33.22
N ALA D 144 29.64 -7.11 31.99
CA ALA D 144 30.40 -5.90 31.69
C ALA D 144 29.49 -4.67 31.66
N LYS D 145 28.23 -4.84 31.27
CA LYS D 145 27.30 -3.72 31.29
C LYS D 145 27.16 -3.13 32.69
N LEU D 146 27.16 -3.99 33.71
CA LEU D 146 27.09 -3.50 35.10
C LEU D 146 28.33 -2.69 35.44
N LEU D 147 29.50 -3.16 35.01
CA LEU D 147 30.73 -2.40 35.25
C LEU D 147 30.69 -1.05 34.54
N LEU D 148 30.19 -1.03 33.31
CA LEU D 148 30.07 0.24 32.57
C LEU D 148 29.11 1.19 33.26
N ASN D 149 28.01 0.65 33.79
CA ASN D 149 27.05 1.51 34.52
C ASN D 149 27.67 2.04 35.80
N LYS D 150 28.49 1.23 36.48
CA LYS D 150 29.17 1.71 37.68
C LYS D 150 30.19 2.78 37.34
N ILE D 151 30.86 2.65 36.20
CA ILE D 151 31.77 3.69 35.74
C ILE D 151 31.00 4.98 35.47
N LYS D 152 29.87 4.87 34.76
CA LYS D 152 29.09 6.05 34.41
C LYS D 152 28.54 6.75 35.65
N GLU D 153 28.07 5.98 36.64
CA GLU D 153 27.54 6.58 37.85
C GLU D 153 28.59 7.36 38.62
N LYS D 154 29.85 6.94 38.52
CA LYS D 154 30.95 7.66 39.15
C LYS D 154 31.36 8.92 38.38
N GLY D 155 30.67 9.23 37.28
CA GLY D 155 31.00 10.39 36.49
C GLY D 155 32.16 10.21 35.54
N LEU D 156 32.71 9.01 35.44
CA LEU D 156 33.86 8.76 34.61
C LEU D 156 33.45 8.57 33.14
N TYR D 157 34.19 9.21 32.25
CA TYR D 157 34.05 8.93 30.83
C TYR D 157 35.13 7.95 30.40
N GLY D 158 35.53 7.99 29.13
CA GLY D 158 36.62 7.15 28.68
C GLY D 158 37.74 7.95 28.05
N GLN D 159 38.71 8.35 28.87
CA GLN D 159 39.80 9.19 28.42
C GLN D 159 41.11 8.67 28.99
N SER D 160 42.22 9.19 28.46
CA SER D 160 43.53 8.78 28.94
C SER D 160 43.79 9.30 30.35
N ARG D 161 43.54 10.59 30.58
CA ARG D 161 43.81 11.22 31.87
C ARG D 161 42.49 11.47 32.61
N GLU D 162 42.41 10.94 33.82
CA GLU D 162 41.27 11.11 34.72
C GLU D 162 41.69 10.54 36.07
N ASP D 163 40.97 10.94 37.11
CA ASP D 163 41.26 10.41 38.44
C ASP D 163 40.95 8.92 38.49
N ASP D 164 41.96 8.09 38.27
CA ASP D 164 41.77 6.65 38.17
C ASP D 164 41.60 5.97 39.53
N SER D 165 41.57 6.75 40.62
CA SER D 165 41.24 6.17 41.91
C SER D 165 39.80 5.70 41.96
N LYS D 166 38.92 6.31 41.16
CA LYS D 166 37.52 5.89 41.11
C LYS D 166 37.41 4.49 40.52
N TYR D 167 38.25 4.19 39.53
CA TYR D 167 38.26 2.84 38.95
C TYR D 167 38.67 1.81 39.99
N ARG D 168 39.69 2.12 40.80
CA ARG D 168 40.07 1.22 41.89
C ARG D 168 38.94 1.10 42.91
N GLU D 169 38.22 2.20 43.18
CA GLU D 169 37.10 2.14 44.11
C GLU D 169 36.02 1.18 43.62
N ILE D 170 35.62 1.33 42.35
CA ILE D 170 34.60 0.45 41.78
C ILE D 170 35.09 -1.00 41.77
N ALA D 171 36.36 -1.20 41.42
CA ALA D 171 36.91 -2.56 41.40
C ALA D 171 36.88 -3.19 42.79
N HIS D 172 37.29 -2.43 43.81
CA HIS D 172 37.30 -2.97 45.17
C HIS D 172 35.88 -3.21 45.67
N GLU D 173 34.92 -2.36 45.29
CA GLU D 173 33.54 -2.59 45.67
C GLU D 173 33.01 -3.88 45.04
N VAL D 174 33.27 -4.08 43.75
CA VAL D 174 32.85 -5.31 43.09
C VAL D 174 33.54 -6.51 43.72
N TYR D 175 34.82 -6.37 44.06
CA TYR D 175 35.58 -7.46 44.68
C TYR D 175 34.98 -7.84 46.03
N GLU D 176 34.64 -6.85 46.84
CA GLU D 176 34.03 -7.11 48.14
C GLU D 176 32.67 -7.77 47.98
N GLU D 177 31.84 -7.26 47.07
CA GLU D 177 30.47 -7.75 46.95
C GLU D 177 30.42 -9.16 46.35
N TYR D 178 31.22 -9.41 45.31
CA TYR D 178 31.07 -10.61 44.50
C TYR D 178 32.04 -11.72 44.86
N VAL D 179 33.26 -11.38 45.28
CA VAL D 179 34.32 -12.36 45.53
C VAL D 179 34.56 -12.54 47.03
N ALA D 180 34.95 -11.48 47.73
CA ALA D 180 35.36 -11.62 49.13
C ALA D 180 34.19 -12.01 50.03
N LYS D 181 32.98 -11.53 49.72
CA LYS D 181 31.82 -11.79 50.58
C LYS D 181 31.65 -13.29 50.86
N HIS D 182 31.85 -14.13 49.84
CA HIS D 182 31.71 -15.58 49.99
C HIS D 182 33.03 -16.30 49.81
N ASN D 183 34.16 -15.59 49.90
CA ASN D 183 35.50 -16.16 49.85
C ASN D 183 35.69 -16.97 48.57
N LEU D 184 35.26 -16.40 47.44
CA LEU D 184 35.36 -17.08 46.16
C LEU D 184 36.80 -17.03 45.65
N ASP D 185 37.01 -17.62 44.47
CA ASP D 185 38.35 -17.73 43.90
C ASP D 185 38.63 -16.69 42.81
N GLY D 186 37.64 -15.92 42.40
CA GLY D 186 37.89 -14.87 41.43
C GLY D 186 36.63 -14.39 40.75
N LEU D 187 36.84 -13.50 39.78
CA LEU D 187 35.77 -12.80 39.08
C LEU D 187 35.89 -13.04 37.59
N ASP D 188 34.76 -13.28 36.94
CA ASP D 188 34.68 -13.54 35.51
C ASP D 188 33.87 -12.41 34.88
N VAL D 189 34.56 -11.51 34.19
CA VAL D 189 33.91 -10.40 33.51
C VAL D 189 33.35 -10.88 32.18
N ALA D 190 32.03 -10.78 32.02
CA ALA D 190 31.35 -11.19 30.79
C ALA D 190 31.11 -9.94 29.94
N MET D 191 31.88 -9.82 28.87
CA MET D 191 31.79 -8.67 27.96
C MET D 191 31.32 -9.19 26.61
N ALA D 192 30.01 -9.15 26.40
CA ALA D 192 29.40 -9.48 25.12
C ALA D 192 28.66 -8.27 24.55
N LEU D 193 29.27 -7.09 24.70
CA LEU D 193 28.71 -5.85 24.17
C LEU D 193 29.55 -5.39 22.99
N ARG D 194 28.90 -5.22 21.84
CA ARG D 194 29.59 -4.74 20.64
C ARG D 194 29.85 -3.24 20.70
N GLU D 195 29.18 -2.54 21.61
CA GLU D 195 29.39 -1.10 21.75
C GLU D 195 30.78 -0.80 22.29
N VAL D 196 31.34 -1.71 23.09
CA VAL D 196 32.71 -1.52 23.55
C VAL D 196 33.65 -1.50 22.36
N GLU D 197 33.50 -2.47 21.44
CA GLU D 197 34.31 -2.48 20.23
C GLU D 197 34.03 -1.25 19.38
N LYS D 198 32.81 -0.72 19.44
CA LYS D 198 32.45 0.40 18.57
C LYS D 198 32.93 1.74 19.11
N TYR D 199 32.97 1.92 20.42
CA TYR D 199 33.22 3.22 21.04
C TYR D 199 34.58 3.26 21.73
N THR D 200 35.30 4.37 21.52
CA THR D 200 36.62 4.53 22.13
C THR D 200 36.54 4.69 23.64
N ASN D 201 35.60 5.52 24.12
CA ASN D 201 35.51 5.79 25.55
C ASN D 201 35.12 4.54 26.33
N LEU D 202 34.26 3.70 25.76
CA LEU D 202 33.92 2.43 26.41
C LEU D 202 35.14 1.52 26.50
N ARG D 203 35.98 1.52 25.46
CA ARG D 203 37.22 0.74 25.52
C ARG D 203 38.15 1.26 26.61
N TRP D 204 38.27 2.58 26.72
CA TRP D 204 39.09 3.16 27.79
C TRP D 204 38.57 2.74 29.16
N GLN D 205 37.25 2.84 29.36
CA GLN D 205 36.66 2.44 30.64
C GLN D 205 36.93 0.97 30.93
N LEU D 206 36.76 0.10 29.93
CA LEU D 206 36.99 -1.32 30.13
C LEU D 206 38.44 -1.61 30.47
N ARG D 207 39.38 -1.00 29.75
CA ARG D 207 40.79 -1.20 30.04
C ARG D 207 41.14 -0.76 31.46
N LYS D 208 40.64 0.41 31.87
CA LYS D 208 41.00 0.92 33.19
C LYS D 208 40.37 0.09 34.30
N ILE D 209 39.11 -0.33 34.13
CA ILE D 209 38.48 -1.14 35.16
C ILE D 209 39.11 -2.52 35.23
N MET D 210 39.55 -3.06 34.08
CA MET D 210 40.21 -4.36 34.11
C MET D 210 41.61 -4.28 34.71
N GLY D 211 42.30 -3.15 34.52
CA GLY D 211 43.56 -2.95 35.24
C GLY D 211 43.35 -2.85 36.74
N ALA D 212 42.34 -2.09 37.16
CA ALA D 212 42.00 -2.01 38.57
C ALA D 212 41.68 -3.39 39.15
N PHE D 213 40.94 -4.20 38.39
CA PHE D 213 40.70 -5.58 38.80
C PHE D 213 42.00 -6.38 38.86
N SER D 214 42.90 -6.14 37.91
CA SER D 214 44.18 -6.84 37.87
C SER D 214 45.06 -6.49 39.05
N GLU D 215 44.84 -5.33 39.68
CA GLU D 215 45.53 -5.07 40.93
C GLU D 215 45.03 -5.94 42.07
N LEU D 216 43.85 -6.55 41.90
CA LEU D 216 43.26 -7.45 42.89
C LEU D 216 43.34 -8.91 42.49
N MET D 217 43.22 -9.23 41.20
CA MET D 217 43.16 -10.60 40.71
C MET D 217 44.09 -10.76 39.52
N GLY D 218 44.21 -11.99 39.06
CA GLY D 218 45.01 -12.29 37.89
C GLY D 218 46.49 -12.37 38.18
N PRO D 219 47.31 -12.49 37.13
CA PRO D 219 48.76 -12.56 37.34
C PRO D 219 49.39 -11.23 37.71
N LYS D 220 48.75 -10.11 37.40
CA LYS D 220 49.28 -8.80 37.73
C LYS D 220 49.04 -8.41 39.19
N ALA D 221 48.18 -9.14 39.88
CA ALA D 221 47.88 -8.82 41.28
C ALA D 221 49.10 -9.10 42.16
N PRO D 222 49.43 -8.20 43.08
CA PRO D 222 50.50 -8.52 44.04
C PRO D 222 50.11 -9.60 45.02
N GLY D 223 48.81 -9.80 45.28
CA GLY D 223 48.36 -10.88 46.15
C GLY D 223 48.70 -12.25 45.63
N ASN D 224 48.90 -12.40 44.32
CA ASN D 224 49.24 -13.68 43.71
C ASN D 224 50.74 -13.85 43.53
N ALA D 225 51.56 -13.08 44.24
CA ALA D 225 53.00 -13.19 44.14
C ALA D 225 53.45 -14.59 44.52
N GLY D 226 54.29 -15.19 43.66
CA GLY D 226 54.72 -16.55 43.87
C GLY D 226 53.65 -17.60 43.74
N LYS D 227 52.48 -17.23 43.22
CA LYS D 227 51.37 -18.15 43.04
C LYS D 227 51.06 -18.31 41.55
N LYS D 228 50.45 -19.44 41.22
CA LYS D 228 50.08 -19.77 39.85
C LYS D 228 48.67 -20.34 39.85
N PRO D 229 47.93 -20.18 38.73
CA PRO D 229 46.60 -20.78 38.64
C PRO D 229 46.58 -22.25 39.02
N GLY D 230 45.76 -22.59 40.02
CA GLY D 230 45.69 -23.93 40.57
C GLY D 230 46.16 -24.00 42.02
N ASP D 231 47.12 -23.16 42.39
CA ASP D 231 47.62 -23.15 43.76
C ASP D 231 46.55 -22.64 44.72
N ASP D 232 46.65 -23.09 45.97
CA ASP D 232 45.70 -22.67 47.00
C ASP D 232 45.81 -21.18 47.26
N GLY D 233 44.66 -20.51 47.33
CA GLY D 233 44.63 -19.09 47.60
C GLY D 233 44.88 -18.19 46.41
N TYR D 234 44.89 -18.74 45.20
CA TYR D 234 45.07 -17.93 44.00
C TYR D 234 43.76 -17.28 43.60
N LYS D 235 43.82 -15.99 43.30
CA LYS D 235 42.64 -15.23 42.85
C LYS D 235 42.67 -15.14 41.33
N TYR D 236 41.62 -15.66 40.69
CA TYR D 236 41.54 -15.69 39.24
C TYR D 236 40.84 -14.45 38.71
N LEU D 237 41.28 -14.00 37.53
CA LEU D 237 40.60 -12.96 36.78
C LEU D 237 40.30 -13.52 35.40
N ILE D 238 39.02 -13.70 35.08
CA ILE D 238 38.58 -14.40 33.89
C ILE D 238 37.78 -13.44 33.02
N TYR D 239 37.92 -13.59 31.70
CA TYR D 239 37.26 -12.73 30.72
C TYR D 239 36.59 -13.62 29.69
N ASP D 240 35.26 -13.62 29.67
CA ASP D 240 34.48 -14.33 28.67
C ASP D 240 33.80 -13.34 27.75
N THR D 241 33.77 -13.67 26.46
CA THR D 241 33.40 -12.71 25.42
C THR D 241 33.12 -13.47 24.13
N PHE D 242 32.99 -12.73 23.03
CA PHE D 242 32.75 -13.33 21.72
C PHE D 242 33.94 -14.19 21.29
N ASP D 243 33.68 -15.08 20.33
CA ASP D 243 34.73 -15.84 19.69
C ASP D 243 35.41 -15.08 18.56
N ASN D 244 35.02 -13.82 18.34
CA ASN D 244 35.67 -12.96 17.36
C ASN D 244 36.54 -11.96 18.11
N ALA D 245 37.87 -12.04 17.90
CA ALA D 245 38.81 -11.30 18.74
C ALA D 245 38.59 -9.80 18.67
N GLN D 246 38.21 -9.28 17.49
CA GLN D 246 38.01 -7.85 17.37
C GLN D 246 36.77 -7.39 18.14
N LEU D 247 35.64 -8.05 17.92
CA LEU D 247 34.45 -7.75 18.71
C LEU D 247 34.66 -8.07 20.18
N ALA D 248 35.53 -9.05 20.47
CA ALA D 248 35.82 -9.41 21.85
C ALA D 248 36.62 -8.32 22.56
N GLN D 249 37.41 -7.55 21.83
CA GLN D 249 38.29 -6.51 22.39
C GLN D 249 39.27 -7.11 23.39
N VAL D 250 39.72 -8.33 23.13
CA VAL D 250 40.62 -9.02 24.04
C VAL D 250 41.97 -8.31 24.14
N ALA D 251 42.34 -7.52 23.14
CA ALA D 251 43.59 -6.77 23.20
C ALA D 251 43.63 -5.79 24.36
N LEU D 252 42.46 -5.45 24.92
CA LEU D 252 42.42 -4.55 26.06
C LEU D 252 42.83 -5.23 27.36
N VAL D 253 42.52 -6.51 27.51
CA VAL D 253 42.68 -7.22 28.78
C VAL D 253 43.65 -8.37 28.70
N ALA D 254 44.28 -8.60 27.54
CA ALA D 254 45.07 -9.81 27.32
C ALA D 254 46.20 -9.96 28.35
N ASP D 255 46.71 -8.86 28.88
CA ASP D 255 47.86 -8.91 29.77
C ASP D 255 47.49 -9.07 31.24
N VAL D 256 46.20 -9.01 31.58
CA VAL D 256 45.78 -8.99 32.98
C VAL D 256 44.88 -10.16 33.35
N VAL D 257 44.48 -11.00 32.41
CA VAL D 257 43.56 -12.09 32.69
C VAL D 257 44.33 -13.41 32.73
N ASP D 258 43.76 -14.39 33.42
CA ASP D 258 44.33 -15.73 33.47
C ASP D 258 43.79 -16.61 32.35
N TYR D 259 42.51 -16.47 32.02
CA TYR D 259 41.90 -17.25 30.95
C TYR D 259 41.00 -16.35 30.12
N VAL D 260 40.87 -16.69 28.84
CA VAL D 260 39.92 -16.04 27.95
C VAL D 260 38.96 -17.12 27.44
N LEU D 261 37.67 -16.93 27.73
CA LEU D 261 36.64 -17.92 27.41
C LEU D 261 35.91 -17.49 26.14
N ALA D 262 36.18 -18.20 25.05
CA ALA D 262 35.56 -17.92 23.76
C ALA D 262 34.26 -18.68 23.63
N GLN D 263 33.15 -17.95 23.50
CA GLN D 263 31.82 -18.52 23.37
C GLN D 263 31.65 -19.05 21.96
N THR D 264 32.15 -20.26 21.74
CA THR D 264 32.05 -20.95 20.46
C THR D 264 30.81 -21.84 20.43
N TYR D 265 29.66 -21.25 20.74
CA TYR D 265 28.43 -22.00 20.96
C TYR D 265 27.80 -22.52 19.67
N ASP D 266 28.26 -22.06 18.51
CA ASP D 266 27.71 -22.49 17.23
C ASP D 266 28.76 -23.19 16.37
N LYS D 267 29.93 -23.49 16.92
CA LYS D 267 31.01 -24.09 16.16
C LYS D 267 30.88 -25.61 16.15
N GLY D 268 31.58 -26.29 17.06
CA GLY D 268 31.53 -27.73 17.13
C GLY D 268 32.33 -28.47 16.09
N THR D 269 33.24 -27.79 15.40
CA THR D 269 34.13 -28.42 14.44
C THR D 269 35.56 -27.92 14.70
N GLU D 270 36.51 -28.86 14.66
CA GLU D 270 37.89 -28.51 14.99
C GLU D 270 38.45 -27.44 14.07
N GLU D 271 38.03 -27.43 12.80
CA GLU D 271 38.50 -26.39 11.88
C GLU D 271 38.04 -25.01 12.33
N SER D 272 36.79 -24.90 12.76
CA SER D 272 36.26 -23.60 13.18
C SER D 272 36.91 -23.13 14.47
N ILE D 273 37.19 -24.05 15.40
CA ILE D 273 37.86 -23.67 16.64
C ILE D 273 39.30 -23.27 16.35
N THR D 274 39.93 -23.95 15.39
CA THR D 274 41.28 -23.54 14.97
C THR D 274 41.26 -22.15 14.36
N ARG D 275 40.25 -21.84 13.54
CA ARG D 275 40.13 -20.51 12.98
C ARG D 275 39.93 -19.46 14.07
N VAL D 276 39.08 -19.76 15.06
CA VAL D 276 38.87 -18.84 16.17
C VAL D 276 40.18 -18.59 16.92
N TRP D 277 40.88 -19.66 17.29
CA TRP D 277 42.14 -19.52 18.00
C TRP D 277 43.15 -18.73 17.17
N ASN D 278 43.22 -18.97 15.86
CA ASN D 278 44.09 -18.18 15.00
C ASN D 278 43.68 -16.71 15.01
N GLY D 279 42.39 -16.43 15.13
CA GLY D 279 41.96 -15.06 15.35
C GLY D 279 42.42 -14.50 16.68
N PHE D 280 42.60 -15.37 17.68
CA PHE D 280 43.03 -14.96 19.01
C PHE D 280 44.53 -15.10 19.24
N ARG D 281 45.24 -15.88 18.41
CA ARG D 281 46.61 -16.28 18.75
C ARG D 281 47.58 -15.13 18.81
N ASP D 282 47.28 -14.00 18.15
CA ASP D 282 48.22 -12.89 18.11
C ASP D 282 48.03 -11.90 19.25
N LYS D 283 46.95 -12.02 20.01
CA LYS D 283 46.73 -11.19 21.19
C LYS D 283 46.94 -11.93 22.51
N ILE D 284 46.62 -13.22 22.56
CA ILE D 284 46.79 -14.02 23.75
C ILE D 284 47.57 -15.28 23.39
N ASN D 285 48.12 -15.92 24.42
CA ASN D 285 48.74 -17.22 24.24
C ASN D 285 47.73 -18.34 24.44
N SER D 286 48.15 -19.55 24.08
CA SER D 286 47.23 -20.69 24.07
C SER D 286 46.81 -21.09 25.47
N CYS D 287 47.70 -20.90 26.45
CA CYS D 287 47.40 -21.30 27.82
C CYS D 287 46.24 -20.50 28.42
N GLN D 288 45.88 -19.38 27.81
CA GLN D 288 44.77 -18.57 28.27
C GLN D 288 43.46 -18.87 27.55
N PHE D 289 43.52 -19.57 26.41
CA PHE D 289 42.36 -19.77 25.55
C PHE D 289 41.54 -20.97 26.00
N LEU D 290 40.23 -20.79 26.10
CA LEU D 290 39.29 -21.89 26.34
C LEU D 290 38.09 -21.68 25.43
N ALA D 291 37.90 -22.54 24.45
CA ALA D 291 36.69 -22.50 23.64
C ALA D 291 35.59 -23.30 24.36
N GLY D 292 34.35 -22.84 24.19
CA GLY D 292 33.24 -23.43 24.93
C GLY D 292 32.03 -23.73 24.07
N TYR D 293 31.02 -24.29 24.73
CA TYR D 293 29.74 -24.61 24.12
C TYR D 293 28.65 -24.42 25.17
N ALA D 294 27.42 -24.20 24.71
CA ALA D 294 26.29 -23.97 25.60
C ALA D 294 25.26 -25.08 25.43
N HIS D 295 24.74 -25.57 26.54
CA HIS D 295 23.70 -26.59 26.47
C HIS D 295 22.34 -25.92 26.29
N PRO D 296 21.46 -26.53 25.48
CA PRO D 296 20.16 -25.90 25.20
C PRO D 296 19.36 -25.62 26.46
N GLU D 297 18.88 -24.38 26.58
CA GLU D 297 18.10 -23.93 27.72
C GLU D 297 16.62 -23.85 27.35
N GLU D 298 15.78 -23.78 28.37
CA GLU D 298 14.35 -23.61 28.17
C GLU D 298 14.04 -22.15 27.82
N ASN D 299 13.27 -21.95 26.76
CA ASN D 299 12.90 -20.62 26.26
C ASN D 299 14.15 -19.76 26.05
N ASP D 300 14.97 -20.20 25.11
CA ASP D 300 16.28 -19.60 24.86
C ASP D 300 16.34 -18.79 23.58
N THR D 301 15.68 -19.26 22.51
CA THR D 301 15.57 -18.65 21.18
C THR D 301 16.92 -18.50 20.49
N ASN D 302 18.00 -18.78 21.23
CA ASN D 302 19.34 -18.64 20.66
C ASN D 302 19.65 -19.78 19.70
N ARG D 303 19.37 -21.02 20.11
CA ARG D 303 19.55 -22.21 19.29
C ARG D 303 21.02 -22.54 19.07
N PHE D 304 21.64 -23.19 20.05
CA PHE D 304 23.00 -23.70 19.93
C PHE D 304 22.92 -25.22 19.81
N LEU D 305 23.43 -25.76 18.70
CA LEU D 305 23.26 -27.17 18.36
C LEU D 305 24.58 -27.93 18.36
N THR D 306 25.55 -27.46 19.14
CA THR D 306 26.84 -28.15 19.25
C THR D 306 26.84 -29.24 20.31
N ALA D 307 26.00 -29.11 21.34
CA ALA D 307 25.97 -30.04 22.46
C ALA D 307 24.66 -30.83 22.50
N ILE D 308 24.22 -31.33 21.34
CA ILE D 308 22.98 -32.09 21.25
C ILE D 308 23.28 -33.41 20.55
N GLY D 309 22.56 -34.46 20.96
CA GLY D 309 22.68 -35.76 20.33
C GLY D 309 23.59 -36.71 21.07
N ASP D 310 24.23 -37.61 20.33
CA ASP D 310 25.18 -38.54 20.94
C ASP D 310 26.39 -37.79 21.44
N VAL D 311 26.85 -38.16 22.64
CA VAL D 311 27.96 -37.44 23.25
C VAL D 311 29.26 -37.70 22.51
N ASP D 312 29.52 -38.97 22.15
CA ASP D 312 30.81 -39.33 21.57
C ASP D 312 31.04 -38.71 20.19
N THR D 313 29.98 -38.23 19.53
CA THR D 313 30.09 -37.66 18.20
C THR D 313 29.62 -36.22 18.12
N SER D 314 29.25 -35.60 19.24
CA SER D 314 28.74 -34.24 19.22
C SER D 314 29.87 -33.24 18.96
N GLY D 315 29.49 -32.09 18.42
CA GLY D 315 30.45 -31.02 18.20
C GLY D 315 31.01 -30.46 19.50
N ALA D 316 30.22 -30.49 20.57
CA ALA D 316 30.71 -30.04 21.87
C ALA D 316 31.95 -30.84 22.29
N MET D 317 31.94 -32.14 22.02
CA MET D 317 33.11 -32.95 22.37
C MET D 317 34.26 -32.74 21.39
N ASN D 318 33.96 -32.34 20.15
CA ASN D 318 35.03 -31.86 19.26
C ASN D 318 35.72 -30.65 19.87
N VAL D 319 34.93 -29.69 20.38
CA VAL D 319 35.50 -28.52 21.05
C VAL D 319 36.30 -28.94 22.27
N ALA D 320 35.74 -29.83 23.08
CA ALA D 320 36.43 -30.29 24.29
C ALA D 320 37.75 -30.99 23.96
N ALA D 321 37.79 -31.73 22.85
CA ALA D 321 38.99 -32.46 22.47
C ALA D 321 39.94 -31.62 21.61
N TRP D 322 39.46 -30.53 21.02
CA TRP D 322 40.31 -29.67 20.20
C TRP D 322 41.47 -29.12 21.02
N LYS D 323 42.57 -28.85 20.34
CA LYS D 323 43.77 -28.27 20.91
C LYS D 323 44.41 -27.33 19.91
N PRO D 324 45.02 -26.25 20.39
CA PRO D 324 45.72 -25.34 19.46
C PRO D 324 46.90 -26.05 18.80
N GLU D 325 46.96 -25.93 17.47
CA GLU D 325 47.98 -26.60 16.68
C GLU D 325 49.37 -26.34 17.24
N GLY D 326 50.03 -27.40 17.69
CA GLY D 326 51.33 -27.27 18.32
C GLY D 326 51.32 -26.50 19.62
N GLY D 327 50.28 -26.70 20.44
CA GLY D 327 50.16 -25.96 21.68
C GLY D 327 49.14 -26.59 22.61
N GLU D 328 49.18 -26.13 23.85
CA GLU D 328 48.26 -26.56 24.89
C GLU D 328 47.26 -25.45 25.19
N LYS D 329 45.99 -25.81 25.30
CA LYS D 329 44.96 -24.82 25.59
C LYS D 329 44.75 -24.68 27.09
N GLY D 330 43.96 -23.67 27.46
CA GLY D 330 43.63 -23.49 28.86
C GLY D 330 42.64 -24.50 29.38
N GLY D 331 41.76 -24.99 28.51
CA GLY D 331 40.79 -25.99 28.89
C GLY D 331 39.51 -25.81 28.08
N THR D 332 38.41 -26.28 28.67
CA THR D 332 37.10 -26.24 28.05
C THR D 332 36.08 -25.74 29.05
N PHE D 333 35.11 -24.95 28.58
CA PHE D 333 34.03 -24.48 29.42
C PHE D 333 32.69 -24.80 28.78
N ALA D 334 31.66 -24.88 29.61
CA ALA D 334 30.31 -25.20 29.17
C ALA D 334 29.31 -24.35 29.95
N TYR D 335 28.31 -23.84 29.25
CA TYR D 335 27.28 -23.01 29.86
C TYR D 335 26.06 -23.85 30.19
N ALA D 336 25.42 -23.53 31.33
CA ALA D 336 24.25 -24.24 31.82
C ALA D 336 24.56 -25.71 32.06
N LEU D 337 25.20 -26.02 33.20
CA LEU D 337 25.49 -27.41 33.53
C LEU D 337 24.23 -28.19 33.85
N ASP D 338 23.21 -27.53 34.40
CA ASP D 338 21.94 -28.21 34.69
C ASP D 338 21.19 -28.62 33.43
N ARG D 339 21.58 -28.09 32.27
CA ARG D 339 20.95 -28.43 31.00
C ARG D 339 21.78 -29.42 30.20
N ASP D 340 22.74 -30.08 30.85
CA ASP D 340 23.62 -31.03 30.17
C ASP D 340 22.79 -32.16 29.57
N GLY D 341 22.84 -32.28 28.26
CA GLY D 341 22.10 -33.30 27.54
C GLY D 341 20.74 -32.87 27.04
N ARG D 342 20.28 -31.68 27.41
CA ARG D 342 19.00 -31.19 26.92
C ARG D 342 19.09 -30.83 25.43
N THR D 343 17.93 -30.74 24.79
CA THR D 343 17.86 -30.34 23.40
C THR D 343 16.82 -29.24 23.20
N TYR D 344 16.46 -28.98 21.95
CA TYR D 344 15.38 -28.04 21.63
C TYR D 344 14.19 -28.75 20.99
N ASP D 345 14.10 -30.06 21.16
CA ASP D 345 13.04 -30.87 20.58
C ASP D 345 12.13 -31.44 21.67
N GLY D 346 10.86 -31.63 21.31
CA GLY D 346 9.90 -32.19 22.25
C GLY D 346 9.67 -31.28 23.44
N ASP D 347 9.58 -31.89 24.62
CA ASP D 347 9.31 -31.15 25.85
C ASP D 347 10.52 -30.38 26.36
N ASP D 348 11.71 -30.62 25.81
CA ASP D 348 12.91 -29.95 26.28
C ASP D 348 12.79 -28.44 26.23
N LEU D 349 12.02 -27.91 25.29
CA LEU D 349 11.84 -26.47 25.17
C LEU D 349 10.94 -25.93 26.27
N THR D 351 9.68 -27.34 31.75
CA THR D 351 9.92 -28.78 31.77
C THR D 351 11.34 -29.08 32.24
N LEU D 352 11.69 -28.53 33.41
CA LEU D 352 13.01 -28.77 33.98
C LEU D 352 13.20 -30.25 34.27
N LYS D 353 14.38 -30.76 33.92
CA LYS D 353 14.68 -32.18 34.06
C LYS D 353 16.08 -32.35 34.65
N PRO D 354 16.29 -33.42 35.41
CA PRO D 354 17.64 -33.71 35.92
C PRO D 354 18.59 -34.08 34.79
N THR D 355 19.87 -34.08 35.12
CA THR D 355 20.92 -34.39 34.16
C THR D 355 21.88 -35.41 34.75
N ASP D 356 22.47 -36.22 33.87
CA ASP D 356 23.50 -37.18 34.25
C ASP D 356 24.90 -36.61 34.08
N PHE D 357 25.03 -35.38 33.58
CA PHE D 357 26.32 -34.73 33.36
C PHE D 357 27.19 -35.55 32.40
N ALA D 358 26.56 -36.16 31.40
CA ALA D 358 27.30 -36.97 30.44
C ALA D 358 28.24 -36.11 29.60
N PHE D 359 27.71 -35.03 29.03
CA PHE D 359 28.55 -34.11 28.27
C PHE D 359 29.67 -33.56 29.15
N THR D 360 29.36 -33.28 30.42
CA THR D 360 30.37 -32.73 31.33
C THR D 360 31.50 -33.73 31.57
N LYS D 361 31.14 -34.99 31.87
CA LYS D 361 32.16 -36.00 32.12
C LYS D 361 33.00 -36.27 30.87
N ARG D 362 32.34 -36.35 29.71
CA ARG D 362 33.09 -36.58 28.47
C ARG D 362 34.02 -35.41 28.15
N ALA D 363 33.55 -34.18 28.38
CA ALA D 363 34.41 -33.02 28.14
C ALA D 363 35.58 -32.99 29.11
N ILE D 364 35.36 -33.37 30.37
CA ILE D 364 36.46 -33.47 31.32
C ILE D 364 37.49 -34.49 30.83
N GLU D 365 37.01 -35.65 30.38
CA GLU D 365 37.92 -36.69 29.91
C GLU D 365 38.68 -36.27 28.66
N LEU D 366 38.05 -35.48 27.80
CA LEU D 366 38.73 -35.02 26.59
C LEU D 366 39.67 -33.85 26.87
N THR D 367 39.38 -33.06 27.90
CA THR D 367 40.24 -31.91 28.22
C THR D 367 41.48 -32.36 28.99
N LYS D 368 41.29 -33.14 30.05
CA LYS D 368 42.42 -33.57 30.88
C LYS D 368 43.02 -34.89 30.43
N GLY D 369 42.36 -35.61 29.52
CA GLY D 369 42.89 -36.87 29.03
C GLY D 369 42.92 -37.98 30.06
N ILE D 370 42.13 -37.87 31.12
CA ILE D 370 42.09 -38.85 32.18
C ILE D 370 40.78 -39.62 32.09
N SER D 371 40.65 -40.65 32.93
CA SER D 371 39.49 -41.53 32.93
C SER D 371 38.71 -41.33 34.24
N LEU D 372 37.41 -41.16 34.11
CA LEU D 372 36.53 -41.09 35.29
C LEU D 372 35.92 -42.45 35.59
N GLY E 21 35.95 8.58 19.47
CA GLY E 21 36.97 8.47 18.45
C GLY E 21 38.34 8.93 18.89
N GLY E 22 39.26 9.03 17.93
CA GLY E 22 40.61 9.45 18.21
C GLY E 22 41.41 9.64 16.93
N PRO E 23 42.71 9.36 16.99
CA PRO E 23 43.52 9.41 15.77
C PRO E 23 43.17 8.27 14.83
N SER E 24 43.52 8.45 13.56
CA SER E 24 43.25 7.47 12.52
C SER E 24 44.57 7.04 11.87
N VAL E 25 44.57 5.82 11.35
CA VAL E 25 45.77 5.21 10.77
C VAL E 25 45.42 4.72 9.36
N PHE E 26 46.28 5.07 8.40
CA PHE E 26 46.09 4.68 7.01
C PHE E 26 47.38 4.04 6.49
N LEU E 27 47.25 2.90 5.82
CA LEU E 27 48.40 2.15 5.32
C LEU E 27 48.33 2.10 3.80
N PHE E 28 49.37 2.61 3.14
CA PHE E 28 49.44 2.73 1.71
C PHE E 28 50.56 1.87 1.13
N PRO E 29 50.31 1.22 0.00
CA PRO E 29 51.29 0.30 -0.58
C PRO E 29 52.31 1.05 -1.42
N PRO E 30 53.38 0.37 -1.86
CA PRO E 30 54.33 1.03 -2.75
C PRO E 30 53.75 1.24 -4.14
N LYS E 31 54.39 2.14 -4.89
CA LYS E 31 54.04 2.34 -6.28
C LYS E 31 54.50 1.14 -7.10
N PRO E 32 53.70 0.69 -8.09
CA PRO E 32 54.09 -0.49 -8.87
C PRO E 32 55.47 -0.41 -9.50
N LYS E 33 55.83 0.75 -10.06
CA LYS E 33 57.14 0.91 -10.67
C LYS E 33 58.26 0.65 -9.68
N ASP E 34 58.07 1.03 -8.42
CA ASP E 34 59.10 0.82 -7.41
C ASP E 34 59.26 -0.67 -7.09
N THR E 35 58.16 -1.42 -7.11
CA THR E 35 58.22 -2.85 -6.82
C THR E 35 58.60 -3.69 -8.02
N LEU E 36 58.55 -3.14 -9.23
CA LEU E 36 58.88 -3.90 -10.43
C LEU E 36 60.33 -3.75 -10.86
N MET E 37 61.03 -2.73 -10.40
CA MET E 37 62.42 -2.49 -10.77
C MET E 37 63.29 -2.63 -9.52
N ILE E 38 64.27 -3.53 -9.57
CA ILE E 38 65.19 -3.70 -8.46
C ILE E 38 66.07 -2.48 -8.25
N SER E 39 66.21 -1.63 -9.27
CA SER E 39 67.01 -0.42 -9.14
C SER E 39 66.32 0.65 -8.30
N ARG E 40 65.01 0.53 -8.08
CA ARG E 40 64.24 1.52 -7.34
C ARG E 40 63.96 1.02 -5.93
N THR E 41 63.41 1.91 -5.11
CA THR E 41 63.18 1.63 -3.69
C THR E 41 61.69 1.62 -3.38
N PRO E 42 61.08 0.44 -3.18
CA PRO E 42 59.67 0.39 -2.82
C PRO E 42 59.47 0.52 -1.32
N GLU E 43 58.44 1.26 -0.93
CA GLU E 43 58.20 1.58 0.47
C GLU E 43 56.72 1.57 0.79
N VAL E 44 56.38 0.99 1.94
CA VAL E 44 55.04 1.03 2.48
C VAL E 44 54.94 2.18 3.46
N THR E 45 53.79 2.86 3.47
CA THR E 45 53.64 4.11 4.21
C THR E 45 52.53 3.98 5.25
N CYS E 46 52.83 4.33 6.48
CA CYS E 46 51.85 4.38 7.57
C CYS E 46 51.66 5.83 7.98
N VAL E 47 50.41 6.30 7.98
CA VAL E 47 50.09 7.70 8.24
C VAL E 47 49.13 7.75 9.42
N VAL E 48 49.51 8.48 10.46
CA VAL E 48 48.68 8.71 11.63
C VAL E 48 48.22 10.16 11.61
N VAL E 49 46.91 10.36 11.61
CA VAL E 49 46.30 11.68 11.56
C VAL E 49 45.44 11.87 12.81
N ASP E 50 45.12 13.14 13.09
CA ASP E 50 44.25 13.52 14.21
C ASP E 50 44.89 13.15 15.55
N VAL E 51 46.15 13.55 15.73
CA VAL E 51 46.88 13.36 16.98
C VAL E 51 46.79 14.64 17.79
N SER E 52 46.29 14.53 19.02
CA SER E 52 45.97 15.70 19.84
C SER E 52 47.25 16.27 20.48
N HIS E 53 47.15 17.53 20.91
CA HIS E 53 48.30 18.19 21.53
C HIS E 53 48.60 17.63 22.91
N GLU E 54 47.55 17.23 23.64
CA GLU E 54 47.75 16.70 25.00
C GLU E 54 48.56 15.42 24.99
N ASP E 55 48.54 14.68 23.89
CA ASP E 55 49.30 13.44 23.76
C ASP E 55 49.85 13.40 22.34
N PRO E 56 51.03 13.96 22.13
CA PRO E 56 51.57 14.10 20.77
C PRO E 56 52.47 12.95 20.36
N GLU E 57 52.98 12.21 21.33
CA GLU E 57 53.92 11.13 21.03
C GLU E 57 53.20 9.98 20.33
N VAL E 58 53.84 9.45 19.29
CA VAL E 58 53.32 8.34 18.51
C VAL E 58 54.43 7.32 18.33
N LYS E 59 54.11 6.05 18.58
CA LYS E 59 55.06 4.96 18.45
C LYS E 59 54.63 4.04 17.31
N PHE E 60 55.59 3.68 16.46
CA PHE E 60 55.33 2.82 15.32
C PHE E 60 55.97 1.45 15.51
N ASN E 61 55.26 0.41 15.11
CA ASN E 61 55.79 -0.95 15.05
C ASN E 61 55.47 -1.54 13.69
N TRP E 62 56.46 -2.19 13.08
CA TRP E 62 56.31 -2.76 11.76
C TRP E 62 56.50 -4.26 11.82
N TYR E 63 55.66 -4.99 11.07
CA TYR E 63 55.68 -6.44 11.10
C TYR E 63 55.61 -6.97 9.68
N VAL E 64 56.40 -8.00 9.39
CA VAL E 64 56.36 -8.72 8.12
C VAL E 64 55.94 -10.15 8.41
N ASP E 65 54.77 -10.54 7.89
CA ASP E 65 54.19 -11.86 8.15
C ASP E 65 54.08 -12.14 9.64
N GLY E 66 53.87 -11.08 10.44
CA GLY E 66 53.74 -11.21 11.87
C GLY E 66 55.02 -11.12 12.67
N VAL E 67 56.17 -10.98 12.00
CA VAL E 67 57.47 -10.91 12.67
C VAL E 67 57.91 -9.46 12.72
N GLU E 68 58.23 -8.97 13.92
CA GLU E 68 58.57 -7.57 14.10
C GLU E 68 59.91 -7.23 13.45
N VAL E 69 59.92 -6.14 12.68
CA VAL E 69 61.14 -5.60 12.09
C VAL E 69 61.38 -4.20 12.62
N HIS E 70 62.65 -3.80 12.66
CA HIS E 70 63.05 -2.54 13.27
C HIS E 70 63.91 -1.71 12.32
N ASN E 71 63.70 -1.87 11.01
CA ASN E 71 64.50 -1.17 9.99
C ASN E 71 63.72 -0.07 9.30
N ALA E 72 62.65 0.42 9.91
CA ALA E 72 61.83 1.46 9.31
C ALA E 72 62.40 2.85 9.60
N LYS E 73 61.90 3.83 8.86
CA LYS E 73 62.30 5.23 9.00
C LYS E 73 61.05 6.05 9.31
N THR E 74 60.99 6.61 10.51
CA THR E 74 59.85 7.39 10.98
C THR E 74 60.12 8.88 10.77
N LYS E 75 59.22 9.55 10.05
CA LYS E 75 59.21 11.00 9.94
C LYS E 75 57.95 11.48 9.22
N GLU E 78 54.82 16.06 11.73
CA GLU E 78 54.69 17.44 11.30
C GLU E 78 53.33 18.01 11.68
N GLU E 79 53.33 19.03 12.54
CA GLU E 79 52.08 19.62 12.98
C GLU E 79 51.33 20.27 11.82
N GLN E 80 50.02 20.40 11.98
CA GLN E 80 49.16 21.05 11.01
C GLN E 80 48.49 22.24 11.67
N TYR E 81 48.16 23.25 10.85
CA TYR E 81 47.72 24.54 11.35
C TYR E 81 46.39 24.49 12.09
N ASN E 82 45.71 23.34 12.08
CA ASN E 82 44.40 23.18 12.69
C ASN E 82 44.48 22.56 14.08
N SER E 83 45.63 22.68 14.75
CA SER E 83 45.82 22.16 16.11
C SER E 83 45.68 20.63 16.14
N THR E 84 46.38 19.98 15.21
CA THR E 84 46.51 18.53 15.18
C THR E 84 47.89 18.20 14.62
N TYR E 85 48.33 16.96 14.85
CA TYR E 85 49.58 16.47 14.29
C TYR E 85 49.31 15.31 13.35
N ARG E 86 50.22 15.11 12.40
CA ARG E 86 50.08 14.10 11.35
C ARG E 86 51.45 13.48 11.11
N VAL E 87 51.70 12.35 11.77
CA VAL E 87 53.01 11.70 11.72
C VAL E 87 52.98 10.61 10.66
N VAL E 88 54.14 10.31 10.08
CA VAL E 88 54.26 9.29 9.03
C VAL E 88 55.48 8.43 9.31
N SER E 89 55.37 7.15 8.96
CA SER E 89 56.48 6.21 9.02
C SER E 89 56.58 5.47 7.70
N VAL E 90 57.79 5.36 7.17
CA VAL E 90 58.04 4.79 5.85
C VAL E 90 58.95 3.59 6.02
N LEU E 91 58.50 2.41 5.57
CA LEU E 91 59.28 1.19 5.67
C LEU E 91 59.69 0.74 4.27
N THR E 92 60.99 0.60 4.05
CA THR E 92 61.49 0.06 2.80
C THR E 92 61.25 -1.44 2.74
N VAL E 93 60.65 -1.90 1.66
CA VAL E 93 60.30 -3.31 1.50
C VAL E 93 61.18 -3.92 0.41
N LEU E 94 61.45 -5.22 0.57
CA LEU E 94 62.17 -5.95 -0.45
C LEU E 94 61.23 -6.33 -1.58
N HIS E 95 61.71 -6.15 -2.82
CA HIS E 95 60.87 -6.39 -4.00
C HIS E 95 60.30 -7.81 -3.98
N GLN E 96 61.15 -8.80 -3.69
CA GLN E 96 60.69 -10.18 -3.70
C GLN E 96 59.70 -10.45 -2.57
N ASP E 97 59.90 -9.81 -1.41
CA ASP E 97 58.97 -9.99 -0.31
C ASP E 97 57.58 -9.46 -0.65
N TRP E 98 57.51 -8.29 -1.29
CA TRP E 98 56.22 -7.74 -1.69
C TRP E 98 55.60 -8.55 -2.82
N LEU E 99 56.41 -8.99 -3.79
CA LEU E 99 55.87 -9.75 -4.91
C LEU E 99 55.42 -11.14 -4.48
N ASN E 100 56.02 -11.70 -3.43
CA ASN E 100 55.64 -13.02 -2.94
C ASN E 100 54.35 -13.00 -2.13
N GLY E 101 53.77 -11.83 -1.89
CA GLY E 101 52.53 -11.74 -1.15
C GLY E 101 52.66 -11.68 0.36
N LYS E 102 53.79 -11.22 0.87
CA LYS E 102 53.94 -11.03 2.31
C LYS E 102 53.02 -9.91 2.79
N GLU E 103 52.57 -10.03 4.04
CA GLU E 103 51.71 -9.05 4.66
C GLU E 103 52.55 -8.10 5.52
N TYR E 104 52.30 -6.80 5.38
CA TYR E 104 52.98 -5.78 6.16
C TYR E 104 51.98 -5.15 7.11
N LYS E 105 52.32 -5.12 8.40
CA LYS E 105 51.43 -4.64 9.44
C LYS E 105 52.06 -3.44 10.14
N CYS E 106 51.29 -2.37 10.29
CA CYS E 106 51.69 -1.18 11.02
C CYS E 106 50.85 -1.07 12.28
N LYS E 107 51.52 -0.93 13.42
CA LYS E 107 50.87 -0.80 14.72
C LYS E 107 51.23 0.55 15.30
N VAL E 108 50.21 1.35 15.60
CA VAL E 108 50.36 2.73 16.05
C VAL E 108 49.93 2.79 17.50
N SER E 109 50.82 3.29 18.36
CA SER E 109 50.58 3.38 19.80
C SER E 109 50.61 4.84 20.20
N ASN E 110 49.58 5.29 20.92
CA ASN E 110 49.53 6.65 21.41
C ASN E 110 48.64 6.70 22.64
N LYS E 111 48.96 7.63 23.56
CA LYS E 111 48.27 7.68 24.83
C LYS E 111 46.80 8.06 24.70
N ALA E 112 46.41 8.73 23.63
CA ALA E 112 45.03 9.12 23.43
C ALA E 112 44.16 7.98 22.92
N LEU E 113 44.76 6.83 22.61
CA LEU E 113 44.07 5.65 22.13
C LEU E 113 43.90 4.62 23.25
N PRO E 114 42.71 4.02 23.35
CA PRO E 114 42.53 2.95 24.34
C PRO E 114 43.37 1.72 24.04
N ALA E 115 43.51 1.37 22.77
CA ALA E 115 44.37 0.29 22.31
C ALA E 115 45.06 0.74 21.03
N PRO E 116 46.30 0.31 20.81
CA PRO E 116 47.01 0.66 19.57
C PRO E 116 46.23 0.23 18.33
N ILE E 117 46.23 1.10 17.32
CA ILE E 117 45.53 0.81 16.07
C ILE E 117 46.44 -0.02 15.17
N GLU E 118 45.88 -1.07 14.57
CA GLU E 118 46.64 -1.93 13.68
C GLU E 118 46.05 -1.88 12.28
N LYS E 119 46.94 -1.88 11.28
CA LYS E 119 46.53 -1.95 9.89
C LYS E 119 47.45 -2.92 9.16
N THR E 120 46.92 -3.58 8.13
CA THR E 120 47.68 -4.57 7.39
C THR E 120 47.42 -4.40 5.90
N ILE E 121 48.49 -4.45 5.11
CA ILE E 121 48.40 -4.32 3.66
C ILE E 121 49.27 -5.38 3.01
N SER E 122 48.84 -5.83 1.82
CA SER E 122 49.61 -6.80 1.07
C SER E 122 49.17 -6.73 -0.39
N LYS E 123 49.97 -7.34 -1.26
CA LYS E 123 49.60 -7.44 -2.67
C LYS E 123 48.32 -8.25 -2.81
N ALA E 124 47.49 -7.86 -3.77
CA ALA E 124 46.23 -8.54 -4.02
C ALA E 124 46.46 -10.02 -4.26
N LYS E 125 45.70 -10.85 -3.54
CA LYS E 125 45.86 -12.29 -3.65
C LYS E 125 45.33 -12.79 -5.00
N GLY E 126 45.99 -13.79 -5.54
CA GLY E 126 45.59 -14.39 -6.81
C GLY E 126 46.81 -14.73 -7.65
N GLN E 127 46.61 -15.63 -8.60
CA GLN E 127 47.67 -16.04 -9.50
C GLN E 127 47.92 -14.95 -10.53
N PRO E 128 49.15 -14.47 -10.68
CA PRO E 128 49.42 -13.41 -11.67
C PRO E 128 49.12 -13.87 -13.07
N ARG E 129 48.61 -12.95 -13.89
CA ARG E 129 48.27 -13.21 -15.28
C ARG E 129 49.00 -12.23 -16.19
N GLU E 130 49.52 -12.75 -17.29
CA GLU E 130 50.32 -11.93 -18.19
C GLU E 130 49.43 -10.94 -18.93
N PRO E 131 49.77 -9.66 -18.95
CA PRO E 131 48.97 -8.70 -19.73
C PRO E 131 49.22 -8.87 -21.22
N GLN E 132 48.16 -8.67 -21.99
CA GLN E 132 48.22 -8.63 -23.45
C GLN E 132 48.06 -7.18 -23.90
N VAL E 133 49.04 -6.69 -24.65
CA VAL E 133 49.09 -5.30 -25.08
C VAL E 133 48.86 -5.25 -26.58
N TYR E 134 47.97 -4.36 -27.01
CA TYR E 134 47.62 -4.22 -28.42
C TYR E 134 47.52 -2.74 -28.76
N THR E 135 48.27 -2.32 -29.77
CA THR E 135 48.27 -0.93 -30.21
C THR E 135 47.28 -0.74 -31.35
N LEU E 136 46.59 0.41 -31.32
CA LEU E 136 45.55 0.73 -32.28
C LEU E 136 45.86 2.09 -32.91
N PRO E 137 45.80 2.20 -34.23
CA PRO E 137 46.07 3.47 -34.90
C PRO E 137 44.82 4.34 -34.89
N PRO E 138 44.95 5.62 -35.23
CA PRO E 138 43.76 6.48 -35.27
C PRO E 138 42.80 6.06 -36.37
N SER E 139 41.51 6.13 -36.06
CA SER E 139 40.48 5.95 -37.07
C SER E 139 40.58 7.05 -38.13
N ARG E 140 40.26 6.70 -39.37
CA ARG E 140 40.35 7.66 -40.47
C ARG E 140 39.52 8.89 -40.19
N ASP E 141 38.29 8.70 -39.68
CA ASP E 141 37.42 9.83 -39.39
C ASP E 141 38.05 10.80 -38.41
N GLU E 142 38.93 10.31 -37.54
CA GLU E 142 39.59 11.14 -36.54
C GLU E 142 40.67 12.04 -37.14
N LEU E 143 40.90 11.98 -38.45
CA LEU E 143 41.95 12.79 -39.06
C LEU E 143 41.47 14.21 -39.39
N THR E 144 40.16 14.44 -39.41
CA THR E 144 39.62 15.76 -39.73
C THR E 144 39.59 16.66 -38.50
N ASN E 146 41.28 18.07 -34.35
CA ASN E 146 42.52 18.65 -34.82
C ASN E 146 43.72 17.92 -34.26
N GLN E 147 43.56 16.62 -34.02
CA GLN E 147 44.62 15.78 -33.49
C GLN E 147 44.21 14.33 -33.66
N VAL E 148 45.18 13.43 -33.47
CA VAL E 148 44.95 12.00 -33.57
C VAL E 148 45.32 11.36 -32.24
N SER E 149 44.84 10.14 -32.03
CA SER E 149 45.03 9.42 -30.79
C SER E 149 45.51 8.00 -31.08
N LEU E 150 46.69 7.65 -30.58
CA LEU E 150 47.20 6.29 -30.65
C LEU E 150 46.81 5.55 -29.37
N THR E 151 46.15 4.40 -29.53
CA THR E 151 45.59 3.67 -28.40
C THR E 151 46.46 2.48 -28.04
N CYS E 152 46.54 2.18 -26.74
CA CYS E 152 47.26 1.03 -26.22
C CYS E 152 46.35 0.32 -25.22
N LEU E 153 45.78 -0.81 -25.63
CA LEU E 153 44.93 -1.60 -24.75
C LEU E 153 45.76 -2.68 -24.06
N VAL E 154 45.69 -2.73 -22.73
CA VAL E 154 46.40 -3.73 -21.94
C VAL E 154 45.35 -4.49 -21.13
N LYS E 155 45.13 -5.75 -21.47
CA LYS E 155 44.04 -6.52 -20.89
C LYS E 155 44.54 -7.87 -20.40
N GLY E 156 43.77 -8.46 -19.48
CA GLY E 156 44.01 -9.84 -19.09
C GLY E 156 45.08 -10.06 -18.05
N PHE E 157 45.41 -9.05 -17.24
CA PHE E 157 46.37 -9.20 -16.17
C PHE E 157 45.64 -9.31 -14.83
N TYR E 158 46.29 -9.97 -13.87
CA TYR E 158 45.66 -10.22 -12.59
C TYR E 158 46.03 -9.16 -11.56
N PRO E 159 47.31 -8.90 -11.35
CA PRO E 159 47.70 -7.90 -10.34
C PRO E 159 47.45 -6.51 -10.87
N SER E 160 46.45 -5.82 -10.31
CA SER E 160 46.02 -4.53 -10.83
C SER E 160 47.12 -3.48 -10.81
N ASP E 161 48.22 -3.74 -10.11
CA ASP E 161 49.36 -2.83 -10.14
C ASP E 161 50.08 -2.97 -11.47
N ILE E 162 50.19 -1.86 -12.21
CA ILE E 162 50.79 -1.89 -13.54
C ILE E 162 51.23 -0.47 -13.88
N ALA E 163 52.17 -0.36 -14.82
CA ALA E 163 52.64 0.92 -15.29
C ALA E 163 52.60 0.96 -16.82
N VAL E 164 52.18 2.10 -17.38
CA VAL E 164 52.05 2.25 -18.82
C VAL E 164 52.62 3.60 -19.21
N GLU E 165 53.50 3.61 -20.23
CA GLU E 165 54.14 4.82 -20.68
C GLU E 165 54.18 4.84 -22.20
N TRP E 166 54.38 6.03 -22.76
CA TRP E 166 54.53 6.23 -24.19
C TRP E 166 55.89 6.83 -24.52
N SER E 167 56.46 6.41 -25.65
CA SER E 167 57.73 6.93 -26.10
C SER E 167 57.75 7.00 -27.62
N SER E 168 58.77 7.66 -28.15
CA SER E 168 58.98 7.76 -29.59
C SER E 168 60.45 8.09 -29.82
N ASN E 169 61.10 7.31 -30.68
CA ASN E 169 62.53 7.49 -30.98
C ASN E 169 63.37 7.44 -29.71
N GLY E 170 62.98 6.58 -28.78
CA GLY E 170 63.67 6.44 -27.52
C GLY E 170 63.47 7.57 -26.53
N GLN E 171 62.64 8.56 -26.86
CA GLN E 171 62.39 9.68 -25.97
C GLN E 171 60.94 9.63 -25.47
N PRO E 172 60.70 9.84 -24.19
CA PRO E 172 59.32 9.70 -23.67
C PRO E 172 58.40 10.78 -24.22
N GLU E 173 57.17 10.37 -24.51
CA GLU E 173 56.09 11.30 -24.89
C GLU E 173 55.24 11.59 -23.67
N ASN E 174 54.86 12.87 -23.52
CA ASN E 174 54.17 13.31 -22.33
C ASN E 174 52.66 13.43 -22.51
N ASN E 175 52.18 13.82 -23.69
CA ASN E 175 50.76 14.11 -23.89
C ASN E 175 49.98 12.80 -24.07
N TYR E 176 49.89 12.05 -22.98
CA TYR E 176 49.10 10.83 -22.96
C TYR E 176 48.39 10.70 -21.63
N LYS E 177 47.27 9.98 -21.64
CA LYS E 177 46.49 9.73 -20.43
C LYS E 177 46.04 8.27 -20.41
N THR E 178 46.07 7.67 -19.22
CA THR E 178 45.73 6.27 -19.05
C THR E 178 44.56 6.13 -18.09
N THR E 179 43.61 5.25 -18.44
CA THR E 179 42.47 4.98 -17.58
C THR E 179 42.88 4.07 -16.42
N PRO E 180 42.19 4.16 -15.29
CA PRO E 180 42.45 3.24 -14.17
C PRO E 180 42.12 1.81 -14.55
N PRO E 181 42.74 0.83 -13.90
CA PRO E 181 42.40 -0.57 -14.19
C PRO E 181 40.93 -0.86 -13.94
N VAL E 182 40.35 -1.67 -14.82
CA VAL E 182 38.94 -2.04 -14.75
C VAL E 182 38.85 -3.55 -14.71
N LEU E 183 38.05 -4.06 -13.77
CA LEU E 183 37.89 -5.51 -13.62
C LEU E 183 37.10 -6.08 -14.79
N ASP E 184 37.66 -7.08 -15.45
CA ASP E 184 37.00 -7.75 -16.55
C ASP E 184 36.08 -8.85 -16.05
N SER E 185 35.33 -9.45 -16.98
CA SER E 185 34.34 -10.47 -16.62
C SER E 185 34.96 -11.79 -16.21
N ASP E 186 36.27 -11.98 -16.44
CA ASP E 186 36.94 -13.22 -16.08
C ASP E 186 37.78 -13.08 -14.81
N GLY E 187 37.68 -11.95 -14.12
CA GLY E 187 38.42 -11.71 -12.91
C GLY E 187 39.71 -10.94 -13.11
N SER E 188 40.20 -10.84 -14.35
CA SER E 188 41.39 -10.07 -14.65
C SER E 188 41.03 -8.60 -14.80
N PHE E 189 42.04 -7.78 -15.08
CA PHE E 189 41.86 -6.35 -15.26
C PHE E 189 42.26 -5.93 -16.67
N PHE E 190 41.71 -4.81 -17.11
CA PHE E 190 42.05 -4.23 -18.40
C PHE E 190 42.06 -2.72 -18.29
N LEU E 191 42.75 -2.09 -19.24
CA LEU E 191 42.83 -0.63 -19.29
C LEU E 191 43.21 -0.21 -20.70
N TYR E 192 42.99 1.08 -20.98
CA TYR E 192 43.38 1.70 -22.24
C TYR E 192 44.20 2.95 -21.95
N SER E 193 45.19 3.22 -22.79
CA SER E 193 46.00 4.43 -22.72
C SER E 193 45.93 5.14 -24.07
N LYS E 194 45.72 6.45 -24.04
CA LYS E 194 45.57 7.24 -25.25
C LYS E 194 46.68 8.28 -25.30
N LEU E 195 47.46 8.24 -26.38
CA LEU E 195 48.51 9.23 -26.64
C LEU E 195 48.04 10.14 -27.77
N THR E 196 47.76 11.40 -27.44
CA THR E 196 47.34 12.38 -28.43
C THR E 196 48.54 13.03 -29.11
N VAL E 197 48.44 13.19 -30.42
CA VAL E 197 49.51 13.76 -31.23
C VAL E 197 48.89 14.71 -32.24
N ASP E 198 49.67 15.71 -32.68
CA ASP E 198 49.14 16.81 -33.48
C ASP E 198 50.12 17.13 -34.61
N LYS E 199 49.85 16.56 -35.79
CA LYS E 199 50.38 17.04 -37.07
C LYS E 199 51.86 16.76 -37.22
N SER E 200 52.22 15.96 -38.25
CA SER E 200 53.58 15.55 -38.62
C SER E 200 54.02 14.31 -37.84
N ARG E 201 55.30 13.97 -37.96
CA ARG E 201 55.91 12.81 -37.30
C ARG E 201 55.17 11.53 -37.67
N TRP E 202 53.94 11.38 -37.17
CA TRP E 202 53.13 10.22 -37.56
C TRP E 202 52.89 10.21 -39.07
N GLN E 203 52.74 11.39 -39.67
CA GLN E 203 52.60 11.49 -41.12
C GLN E 203 53.84 10.97 -41.83
N GLN E 204 55.01 11.08 -41.20
CA GLN E 204 56.27 10.64 -41.79
C GLN E 204 56.63 9.21 -41.39
N GLY E 205 55.65 8.42 -40.95
CA GLY E 205 55.92 7.03 -40.63
C GLY E 205 56.74 6.81 -39.38
N ASN E 206 56.69 7.73 -38.43
CA ASN E 206 57.44 7.58 -37.19
C ASN E 206 56.75 6.57 -36.28
N VAL E 207 57.55 5.78 -35.56
CA VAL E 207 57.06 4.66 -34.77
C VAL E 207 57.03 5.07 -33.30
N PHE E 208 55.84 5.12 -32.72
CA PHE E 208 55.67 5.28 -31.29
C PHE E 208 55.69 3.92 -30.60
N SER E 209 55.97 3.92 -29.30
CA SER E 209 56.09 2.69 -28.53
C SER E 209 55.33 2.83 -27.22
N CYS E 210 54.43 1.89 -26.96
CA CYS E 210 53.73 1.78 -25.69
C CYS E 210 54.46 0.75 -24.83
N SER E 211 54.96 1.20 -23.68
CA SER E 211 55.68 0.35 -22.75
C SER E 211 54.78 -0.01 -21.58
N VAL E 212 54.76 -1.29 -21.22
CA VAL E 212 53.93 -1.80 -20.14
C VAL E 212 54.83 -2.56 -19.16
N MET E 213 54.63 -2.32 -17.88
CA MET E 213 55.41 -2.95 -16.81
C MET E 213 54.45 -3.59 -15.83
N HIS E 214 54.61 -4.90 -15.63
CA HIS E 214 53.71 -5.70 -14.80
C HIS E 214 54.50 -6.87 -14.22
N GLU E 215 53.98 -7.42 -13.13
CA GLU E 215 54.72 -8.44 -12.39
C GLU E 215 54.81 -9.78 -13.13
N ALA E 216 53.94 -10.01 -14.11
CA ALA E 216 53.90 -11.27 -14.83
C ALA E 216 54.67 -11.25 -16.15
N LEU E 217 55.24 -10.10 -16.52
CA LEU E 217 55.96 -9.99 -17.78
C LEU E 217 57.39 -10.48 -17.64
N HIS E 218 57.93 -10.98 -18.76
CA HIS E 218 59.35 -11.35 -18.82
C HIS E 218 60.20 -10.11 -18.63
N ASN E 219 60.91 -10.05 -17.49
CA ASN E 219 61.71 -8.89 -17.07
C ASN E 219 60.84 -7.72 -16.64
N HIS E 220 59.57 -7.99 -16.32
CA HIS E 220 58.63 -6.98 -15.84
C HIS E 220 58.48 -5.81 -16.81
N TYR E 221 58.66 -6.05 -18.10
CA TYR E 221 58.65 -4.98 -19.08
C TYR E 221 58.35 -5.57 -20.46
N THR E 222 57.56 -4.82 -21.24
CA THR E 222 57.32 -5.16 -22.64
C THR E 222 56.99 -3.88 -23.39
N GLN E 223 57.25 -3.90 -24.69
CA GLN E 223 56.99 -2.75 -25.56
C GLN E 223 56.26 -3.20 -26.82
N LYS E 224 55.32 -2.36 -27.27
CA LYS E 224 54.61 -2.61 -28.52
C LYS E 224 54.64 -1.34 -29.35
N SER E 225 55.04 -1.48 -30.62
CA SER E 225 55.20 -0.34 -31.50
C SER E 225 53.95 -0.11 -32.34
N LEU E 226 53.81 1.12 -32.81
CA LEU E 226 52.69 1.51 -33.66
C LEU E 226 53.07 2.71 -34.52
N SER F 24 26.51 15.99 7.46
CA SER F 24 25.64 14.86 7.19
C SER F 24 24.90 15.04 5.87
N VAL F 25 25.62 15.49 4.85
CA VAL F 25 25.03 15.71 3.53
C VAL F 25 24.69 14.39 2.86
N LEU F 27 24.57 14.79 -1.00
CA LEU F 27 23.76 15.23 -2.13
C LEU F 27 24.39 14.82 -3.46
N PHE F 28 23.59 14.23 -4.34
CA PHE F 28 24.07 13.77 -5.65
C PHE F 28 23.44 14.61 -6.75
N PRO F 29 23.49 14.15 -7.99
CA PRO F 29 22.92 14.94 -9.10
C PRO F 29 22.13 14.05 -10.03
N PRO F 30 21.71 14.56 -11.18
CA PRO F 30 20.89 13.75 -12.09
C PRO F 30 21.74 12.88 -12.98
N LYS F 31 21.13 11.79 -13.45
CA LYS F 31 21.83 10.89 -14.34
C LYS F 31 22.01 11.58 -15.70
N PRO F 32 23.13 11.31 -16.39
CA PRO F 32 23.35 12.01 -17.67
C PRO F 32 22.33 11.64 -18.74
N LYS F 33 22.02 10.35 -18.89
CA LYS F 33 21.00 9.94 -19.84
C LYS F 33 19.62 10.40 -19.42
N ASP F 34 19.40 10.60 -18.12
CA ASP F 34 18.10 11.08 -17.64
C ASP F 34 17.91 12.55 -17.95
N THR F 35 19.00 13.33 -17.95
CA THR F 35 18.93 14.75 -18.26
C THR F 35 19.12 15.04 -19.75
N LEU F 36 19.61 14.08 -20.52
CA LEU F 36 19.80 14.27 -21.96
C LEU F 36 18.56 13.89 -22.76
N MET F 37 17.72 12.99 -22.24
CA MET F 37 16.50 12.57 -22.92
C MET F 37 15.30 13.10 -22.15
N ILE F 38 14.45 13.86 -22.84
CA ILE F 38 13.23 14.40 -22.21
C ILE F 38 12.24 13.31 -21.84
N SER F 39 12.47 12.07 -22.27
CA SER F 39 11.58 10.97 -21.92
C SER F 39 11.86 10.41 -20.54
N ARG F 40 13.05 10.65 -19.98
CA ARG F 40 13.41 10.13 -18.67
C ARG F 40 13.08 11.14 -17.58
N THR F 41 13.22 10.70 -16.34
CA THR F 41 12.90 11.51 -15.16
C THR F 41 14.13 11.63 -14.27
N PRO F 42 14.86 12.74 -14.33
CA PRO F 42 16.01 12.92 -13.44
C PRO F 42 15.58 13.45 -12.08
N GLU F 43 16.31 13.00 -11.06
CA GLU F 43 16.00 13.37 -9.68
C GLU F 43 17.29 13.63 -8.92
N VAL F 44 17.38 14.80 -8.29
CA VAL F 44 18.51 15.16 -7.44
C VAL F 44 18.23 14.61 -6.05
N THR F 45 18.97 13.60 -5.64
CA THR F 45 18.72 12.92 -4.38
C THR F 45 19.36 13.66 -3.23
N CYS F 46 19.10 13.18 -2.00
CA CYS F 46 19.68 13.77 -0.80
C CYS F 46 19.62 12.71 0.30
N VAL F 47 20.75 12.03 0.53
CA VAL F 47 20.83 11.01 1.55
C VAL F 47 21.34 11.64 2.84
N VAL F 48 21.02 10.99 3.96
CA VAL F 48 21.45 11.47 5.27
C VAL F 48 22.19 10.39 6.03
N HIS F 53 18.72 4.86 16.93
CA HIS F 53 17.26 4.82 17.03
C HIS F 53 16.75 5.86 18.03
N GLU F 54 17.66 6.35 18.88
CA GLU F 54 17.29 7.35 19.86
C GLU F 54 16.90 8.67 19.20
N ASP F 55 17.51 9.00 18.07
CA ASP F 55 17.20 10.21 17.31
C ASP F 55 16.72 9.79 15.92
N PRO F 56 15.52 9.22 15.82
CA PRO F 56 15.02 8.76 14.52
C PRO F 56 14.37 9.83 13.66
N GLU F 57 14.03 10.99 14.22
CA GLU F 57 13.42 12.06 13.44
C GLU F 57 13.66 13.42 14.09
N PHE F 60 14.99 19.49 6.62
CA PHE F 60 14.17 18.69 5.71
C PHE F 60 13.33 19.57 4.80
N ASN F 61 13.97 20.54 4.16
CA ASN F 61 13.28 21.46 3.27
C ASN F 61 14.18 21.91 2.13
N TYR F 63 15.29 23.72 -1.73
CA TYR F 63 15.35 25.08 -2.25
C TYR F 63 16.01 25.11 -3.64
N VAL F 64 15.26 25.56 -4.64
CA VAL F 64 15.74 25.68 -6.00
C VAL F 64 16.14 27.13 -6.23
N ASP F 65 17.43 27.37 -6.43
CA ASP F 65 17.99 28.72 -6.57
C ASP F 65 17.63 29.61 -5.38
N GLY F 66 17.51 29.02 -4.20
CA GLY F 66 17.11 29.74 -3.02
C GLY F 66 15.61 29.73 -2.74
N VAL F 67 14.79 29.46 -3.76
CA VAL F 67 13.34 29.44 -3.62
C VAL F 67 12.91 28.04 -3.22
N GLU F 68 12.14 27.94 -2.14
CA GLU F 68 11.69 26.65 -1.65
C GLU F 68 10.59 26.09 -2.55
N VAL F 69 10.66 24.78 -2.79
CA VAL F 69 9.64 24.10 -3.59
C VAL F 69 8.79 23.22 -2.68
N HIS F 70 7.96 22.37 -3.27
CA HIS F 70 7.11 21.48 -2.49
C HIS F 70 6.70 20.26 -3.31
N ASN F 71 7.64 19.70 -4.06
CA ASN F 71 7.39 18.52 -4.88
C ASN F 71 8.25 17.34 -4.49
N ALA F 72 8.90 17.38 -3.34
CA ALA F 72 9.76 16.29 -2.90
C ALA F 72 8.93 15.15 -2.31
N LYS F 73 9.54 13.98 -2.24
CA LYS F 73 8.88 12.80 -1.71
C LYS F 73 8.87 12.82 -0.18
N LYS F 75 11.37 7.40 0.35
CA LYS F 75 10.07 7.30 1.01
C LYS F 75 10.22 6.83 2.44
N PRO F 76 10.78 5.63 2.62
CA PRO F 76 10.93 5.09 3.98
C PRO F 76 12.30 4.43 4.19
N ARG F 77 12.71 4.32 5.46
CA ARG F 77 13.97 3.70 5.79
C ARG F 77 13.98 3.20 7.23
N GLU F 79 18.47 2.23 4.47
CA GLU F 79 19.61 2.51 5.31
C GLU F 79 20.86 1.75 4.85
N GLN F 80 22.02 2.36 5.05
CA GLN F 80 23.27 1.73 4.65
C GLN F 80 24.40 2.08 5.62
N VAL F 87 16.32 7.76 5.27
CA VAL F 87 15.63 9.04 5.19
C VAL F 87 16.01 9.75 3.90
N VAL F 88 15.84 9.06 2.78
CA VAL F 88 16.18 9.62 1.47
C VAL F 88 15.04 10.51 0.99
N SER F 89 15.40 11.54 0.23
CA SER F 89 14.45 12.48 -0.34
C SER F 89 14.82 12.73 -1.79
N VAL F 90 13.93 12.35 -2.71
CA VAL F 90 14.16 12.48 -4.15
C VAL F 90 13.27 13.58 -4.68
N LEU F 91 13.85 14.47 -5.48
CA LEU F 91 13.11 15.57 -6.08
C LEU F 91 13.86 16.13 -7.29
N LEU F 94 13.74 19.71 -13.34
CA LEU F 94 13.53 19.89 -14.77
C LEU F 94 14.81 19.68 -15.56
N HIS F 95 14.68 19.22 -16.81
CA HIS F 95 15.84 19.03 -17.66
C HIS F 95 16.47 20.35 -18.05
N GLN F 96 15.64 21.30 -18.52
CA GLN F 96 16.14 22.62 -18.88
C GLN F 96 16.72 23.35 -17.68
N ASP F 97 16.17 23.14 -16.49
CA ASP F 97 16.71 23.79 -15.30
C ASP F 97 18.08 23.23 -14.96
N TRP F 98 18.25 21.90 -15.05
CA TRP F 98 19.55 21.31 -14.76
C TRP F 98 20.58 21.69 -15.82
N LEU F 99 20.15 21.83 -17.07
CA LEU F 99 21.05 22.25 -18.13
C LEU F 99 21.33 23.75 -18.12
N ASN F 100 20.51 24.54 -17.41
CA ASN F 100 20.70 25.98 -17.33
C ASN F 100 21.65 26.39 -16.21
N GLY F 101 21.92 25.51 -15.26
CA GLY F 101 22.80 25.82 -14.15
C GLY F 101 22.15 26.19 -12.85
N LYS F 102 20.93 25.71 -12.58
CA LYS F 102 20.27 26.02 -11.33
C LYS F 102 20.94 25.31 -10.16
N GLU F 103 21.08 26.02 -9.05
CA GLU F 103 21.72 25.45 -7.86
C GLU F 103 20.69 24.85 -6.91
N LYS F 105 19.74 22.82 -3.06
CA LYS F 105 20.15 23.19 -1.70
C LYS F 105 19.38 22.37 -0.66
N CYS F 106 19.77 21.13 -0.48
CA CYS F 106 19.09 20.24 0.47
C CYS F 106 19.43 20.66 1.90
N LYS F 107 18.40 20.99 2.67
CA LYS F 107 18.58 21.42 4.05
C LYS F 107 17.98 20.43 5.03
N ALA F 112 18.61 20.16 17.22
CA ALA F 112 19.19 18.81 17.02
C ALA F 112 20.56 18.95 16.35
N LEU F 113 20.57 19.13 15.03
CA LEU F 113 21.85 19.26 14.27
C LEU F 113 22.49 20.62 14.60
N PRO F 114 22.30 21.16 15.81
CA PRO F 114 22.83 22.47 16.15
C PRO F 114 23.31 23.28 14.95
N PRO F 116 21.99 25.02 11.61
CA PRO F 116 21.43 24.72 10.28
C PRO F 116 22.50 24.24 9.30
N GLU F 118 23.67 21.77 5.46
CA GLU F 118 23.20 22.19 4.15
C GLU F 118 24.19 21.83 3.04
N LYS F 119 23.68 21.21 1.98
CA LYS F 119 24.48 20.84 0.83
C LYS F 119 23.87 21.44 -0.43
N THR F 120 24.70 21.62 -1.46
CA THR F 120 24.28 22.24 -2.70
C THR F 120 24.96 21.54 -3.87
N ILE F 121 24.18 21.23 -4.91
CA ILE F 121 24.70 20.58 -6.11
C ILE F 121 24.24 21.37 -7.32
N SER F 122 25.01 21.25 -8.41
CA SER F 122 24.69 21.93 -9.65
C SER F 122 25.38 21.26 -10.83
N PRO F 128 31.78 23.77 -23.03
CA PRO F 128 31.18 22.71 -23.84
C PRO F 128 32.03 22.33 -25.05
N ARG F 129 31.69 21.23 -25.72
CA ARG F 129 32.42 20.79 -26.90
C ARG F 129 32.03 21.62 -28.12
N VAL F 133 33.29 10.96 -31.19
CA VAL F 133 33.25 9.51 -31.11
C VAL F 133 33.88 8.90 -32.35
N TYR F 134 34.80 7.95 -32.15
CA TYR F 134 35.48 7.29 -33.24
C TYR F 134 35.64 5.81 -32.92
N THR F 135 35.32 4.96 -33.89
CA THR F 135 35.38 3.52 -33.73
C THR F 135 36.70 2.98 -34.27
N LEU F 136 37.29 2.04 -33.54
CA LEU F 136 38.57 1.44 -33.88
C LEU F 136 38.41 -0.09 -33.87
N PRO F 137 38.84 -0.76 -34.92
CA PRO F 137 38.76 -2.23 -34.97
C PRO F 137 39.85 -2.86 -34.12
N PRO F 138 39.73 -4.14 -33.79
CA PRO F 138 40.76 -4.79 -32.98
C PRO F 138 42.08 -4.89 -33.73
N SER F 139 43.15 -5.02 -32.96
CA SER F 139 44.48 -5.18 -33.53
C SER F 139 44.63 -6.55 -34.17
N ARG F 140 45.62 -6.66 -35.06
CA ARG F 140 45.84 -7.93 -35.76
C ARG F 140 46.32 -9.01 -34.79
N ASP F 141 47.12 -8.63 -33.80
CA ASP F 141 47.61 -9.60 -32.83
C ASP F 141 46.53 -10.05 -31.86
N GLU F 142 45.49 -9.25 -31.67
CA GLU F 142 44.40 -9.61 -30.76
C GLU F 142 43.48 -10.68 -31.31
N LEU F 143 43.61 -11.01 -32.60
CA LEU F 143 42.75 -12.00 -33.23
C LEU F 143 43.23 -13.43 -33.03
N THR F 144 44.29 -13.64 -32.28
CA THR F 144 44.81 -14.98 -32.04
C THR F 144 43.99 -15.71 -30.98
N ASN F 146 41.54 -15.44 -28.79
CA ASN F 146 40.87 -15.39 -27.49
C ASN F 146 39.58 -14.58 -27.56
N GLN F 147 39.70 -13.28 -27.84
CA GLN F 147 38.56 -12.40 -27.95
C GLN F 147 39.01 -11.09 -28.59
N VAL F 148 38.17 -10.53 -29.45
CA VAL F 148 38.45 -9.26 -30.12
C VAL F 148 37.80 -8.14 -29.30
N SER F 149 38.35 -6.94 -29.43
CA SER F 149 37.88 -5.77 -28.70
C SER F 149 37.64 -4.63 -29.68
N LEU F 150 36.38 -4.23 -29.84
CA LEU F 150 36.03 -3.07 -30.65
C LEU F 150 36.05 -1.84 -29.76
N THR F 151 36.87 -0.86 -30.12
CA THR F 151 37.07 0.32 -29.27
C THR F 151 36.23 1.48 -29.80
N CYS F 152 35.70 2.29 -28.89
CA CYS F 152 34.99 3.51 -29.23
C CYS F 152 35.49 4.63 -28.34
N LEU F 153 36.27 5.55 -28.91
CA LEU F 153 36.89 6.63 -28.17
C LEU F 153 36.06 7.91 -28.34
N VAL F 154 35.61 8.47 -27.22
CA VAL F 154 34.84 9.72 -27.22
C VAL F 154 35.66 10.76 -26.47
N LYS F 155 36.02 11.85 -27.17
CA LYS F 155 36.82 12.90 -26.59
C LYS F 155 36.39 14.24 -27.17
N GLY F 156 36.53 15.29 -26.36
CA GLY F 156 36.16 16.64 -26.75
C GLY F 156 35.06 17.24 -25.91
N PHE F 157 34.19 16.43 -25.31
CA PHE F 157 33.12 16.97 -24.47
C PHE F 157 33.70 17.54 -23.18
N TYR F 158 33.23 18.73 -22.80
CA TYR F 158 33.73 19.39 -21.60
C TYR F 158 33.01 18.92 -20.34
N PRO F 159 31.68 18.88 -20.30
CA PRO F 159 31.01 18.33 -19.11
C PRO F 159 31.27 16.84 -19.00
N SER F 160 31.62 16.39 -17.79
CA SER F 160 31.93 14.99 -17.55
C SER F 160 30.69 14.10 -17.59
N ASP F 161 29.50 14.66 -17.75
CA ASP F 161 28.27 13.88 -17.84
C ASP F 161 28.05 13.44 -19.28
N ILE F 162 28.12 12.13 -19.51
CA ILE F 162 27.93 11.56 -20.84
C ILE F 162 27.61 10.08 -20.68
N ALA F 163 26.95 9.51 -21.69
CA ALA F 163 26.59 8.10 -21.68
C ALA F 163 27.12 7.43 -22.95
N VAL F 164 27.49 6.17 -22.80
CA VAL F 164 28.03 5.40 -23.92
C VAL F 164 27.40 4.01 -23.98
N SER F 167 25.37 -1.20 -30.01
CA SER F 167 24.18 -1.83 -30.55
C SER F 167 24.41 -2.31 -31.98
N SER F 168 23.67 -3.33 -32.39
CA SER F 168 23.79 -3.87 -33.73
C SER F 168 22.90 -3.13 -34.72
N GLN F 171 18.73 -3.31 -31.17
CA GLN F 171 19.62 -4.46 -31.08
C GLN F 171 20.85 -4.12 -30.26
N PRO F 172 20.64 -3.80 -28.98
CA PRO F 172 21.76 -3.38 -28.13
C PRO F 172 22.69 -4.53 -27.78
N GLU F 173 23.96 -4.18 -27.58
CA GLU F 173 24.99 -5.11 -27.15
C GLU F 173 25.33 -4.84 -25.70
N ASN F 174 25.29 -5.88 -24.88
CA ASN F 174 25.47 -5.73 -23.43
C ASN F 174 26.88 -6.06 -22.95
N ASN F 175 27.65 -6.83 -23.72
CA ASN F 175 29.00 -7.23 -23.30
C ASN F 175 30.00 -6.13 -23.67
N TYR F 176 29.90 -5.02 -22.97
CA TYR F 176 30.77 -3.87 -23.20
C TYR F 176 31.06 -3.19 -21.87
N LYS F 177 32.17 -2.46 -21.83
CA LYS F 177 32.59 -1.76 -20.61
C LYS F 177 33.18 -0.40 -21.00
N THR F 178 32.78 0.64 -20.28
CA THR F 178 33.21 2.00 -20.55
C THR F 178 34.04 2.53 -19.39
N THR F 179 35.18 3.15 -19.71
CA THR F 179 36.06 3.72 -18.71
C THR F 179 35.52 5.06 -18.21
N PRO F 180 35.86 5.46 -16.98
CA PRO F 180 35.40 6.74 -16.47
C PRO F 180 35.97 7.89 -17.27
N PRO F 181 35.31 9.04 -17.25
CA PRO F 181 35.84 10.21 -17.98
C PRO F 181 37.15 10.68 -17.36
N VAL F 182 38.11 11.01 -18.23
CA VAL F 182 39.43 11.45 -17.82
C VAL F 182 39.65 12.85 -18.35
N LEU F 183 40.13 13.75 -17.48
CA LEU F 183 40.42 15.11 -17.89
C LEU F 183 41.66 15.17 -18.77
N ASP F 184 41.53 15.77 -19.94
CA ASP F 184 42.64 15.89 -20.88
C ASP F 184 43.49 17.11 -20.56
N SER F 185 44.56 17.30 -21.33
CA SER F 185 45.48 18.41 -21.10
C SER F 185 44.87 19.75 -21.46
N ASP F 186 43.77 19.77 -22.22
CA ASP F 186 43.10 21.01 -22.59
C ASP F 186 41.88 21.30 -21.72
N GLY F 187 41.59 20.45 -20.73
CA GLY F 187 40.43 20.61 -19.89
C GLY F 187 39.23 19.79 -20.32
N SER F 188 39.25 19.23 -21.52
CA SER F 188 38.13 18.42 -22.02
C SER F 188 38.19 17.01 -21.44
N PHE F 190 38.48 12.01 -23.64
CA PHE F 190 37.63 11.97 -22.46
C PHE F 190 37.51 10.55 -21.92
N LEU F 191 37.00 9.64 -22.74
CA LEU F 191 36.81 8.26 -22.31
C LEU F 191 36.85 7.34 -23.52
N TYR F 192 36.92 6.04 -23.23
CA TYR F 192 36.94 5.01 -24.26
C TYR F 192 36.17 3.79 -23.77
N SER F 193 35.31 3.25 -24.62
CA SER F 193 34.55 2.05 -24.34
C SER F 193 35.08 0.89 -25.17
N LYS F 194 34.92 -0.32 -24.65
CA LYS F 194 35.40 -1.53 -25.30
C LYS F 194 34.26 -2.55 -25.33
N LEU F 195 33.93 -3.02 -26.53
CA LEU F 195 32.96 -4.09 -26.71
C LEU F 195 33.72 -5.38 -26.99
N THR F 196 33.52 -6.39 -26.15
CA THR F 196 34.23 -7.65 -26.27
C THR F 196 33.43 -8.61 -27.14
N VAL F 197 34.10 -9.23 -28.10
CA VAL F 197 33.49 -10.20 -29.02
C VAL F 197 34.29 -11.49 -28.90
N ASP F 198 33.66 -12.54 -28.35
CA ASP F 198 34.34 -13.80 -28.15
C ASP F 198 34.59 -14.50 -29.48
N LYS F 199 35.64 -15.29 -29.53
CA LYS F 199 35.98 -16.05 -30.73
C LYS F 199 35.48 -17.49 -30.63
N TRP F 202 30.16 -10.36 -36.99
CA TRP F 202 31.47 -9.76 -37.15
C TRP F 202 32.31 -10.54 -38.16
N GLN F 203 32.63 -11.78 -37.82
CA GLN F 203 33.41 -12.64 -38.69
C GLN F 203 33.22 -14.11 -38.31
N ASN F 206 29.33 -7.48 -38.81
CA ASN F 206 28.13 -7.59 -38.00
C ASN F 206 27.12 -6.52 -38.36
N VAL F 207 27.45 -5.28 -37.96
CA VAL F 207 26.73 -4.02 -38.13
C VAL F 207 26.69 -3.32 -36.78
N PHE F 208 27.87 -3.09 -36.20
CA PHE F 208 27.98 -2.54 -34.86
C PHE F 208 28.06 -1.02 -34.89
N SER F 209 27.48 -0.40 -33.87
CA SER F 209 27.49 1.05 -33.74
C SER F 209 27.61 1.43 -32.27
N CYS F 210 28.52 2.35 -31.97
CA CYS F 210 28.70 2.87 -30.63
C CYS F 210 27.97 4.20 -30.52
N SER F 211 27.07 4.31 -29.54
CA SER F 211 26.20 5.47 -29.38
C SER F 211 26.67 6.32 -28.20
N VAL F 212 26.66 7.63 -28.38
CA VAL F 212 27.07 8.55 -27.33
C VAL F 212 26.03 9.67 -27.19
N HIS F 214 25.62 13.00 -25.14
CA HIS F 214 26.02 14.21 -24.45
C HIS F 214 25.03 15.35 -24.69
N GLU F 215 25.29 16.49 -24.06
CA GLU F 215 24.53 17.71 -24.31
C GLU F 215 25.28 18.69 -25.19
N ALA F 216 26.45 18.31 -25.70
CA ALA F 216 27.28 19.20 -26.50
C ALA F 216 26.78 19.29 -27.94
N LEU F 217 26.62 18.16 -28.62
CA LEU F 217 26.04 18.19 -29.95
C LEU F 217 24.56 18.57 -29.87
N HIS F 218 24.00 18.94 -31.02
CA HIS F 218 22.62 19.37 -31.11
C HIS F 218 21.68 18.38 -30.43
N ASN F 219 21.52 18.55 -29.10
CA ASN F 219 20.81 17.61 -28.23
C ASN F 219 21.55 16.27 -28.13
N HIS F 220 22.09 15.79 -29.25
CA HIS F 220 22.89 14.55 -29.30
C HIS F 220 22.12 13.35 -28.74
N THR F 222 24.73 11.06 -33.54
CA THR F 222 25.28 10.66 -32.25
C THR F 222 25.57 9.17 -32.20
N GLN F 223 26.15 8.64 -33.28
CA GLN F 223 26.47 7.22 -33.38
C GLN F 223 27.61 7.05 -34.36
N LYS F 224 28.55 6.15 -34.02
CA LYS F 224 29.70 5.86 -34.86
C LYS F 224 29.69 4.39 -35.22
N SER F 225 29.71 4.09 -36.51
CA SER F 225 29.63 2.72 -36.97
C SER F 225 31.01 2.06 -37.00
N LEU F 226 31.00 0.73 -37.03
CA LEU F 226 32.24 -0.04 -37.09
C LEU F 226 31.96 -1.38 -37.75
N SER F 227 32.76 -1.73 -38.75
CA SER F 227 32.59 -2.98 -39.47
C SER F 227 33.98 -3.57 -39.73
N LEU F 228 34.01 -4.67 -40.48
CA LEU F 228 35.27 -5.34 -40.81
C LEU F 228 36.10 -4.50 -41.78
#